data_2JWP
#
_entry.id   2JWP
#
_entity_poly.entity_id   1
_entity_poly.type   'polypeptide(L)'
_entity_poly.pdbx_seq_one_letter_code
;GLADKVIWAVNAGGESHVDVHGIHYRKDPLEGRVGRASDYGMKLPILRSNPEDQVLYQTERYNEDSFGYDIPIKEEGEYV
LVLKFAEVYFAQSQQKVFDVRVNGHTVVKDLDIFDRVGHSTAHDEIIPISIKKGKLSVQGEVSTFTGKLSVEFVKGYYDN
PKVCALFIMKGTAD
;
_entity_poly.pdbx_strand_id   A
#
# COMPACT_ATOMS: atom_id res chain seq x y z
N GLY A 1 -5.09 -19.69 0.37
CA GLY A 1 -6.28 -19.20 -0.33
C GLY A 1 -6.46 -17.70 -0.19
N LEU A 2 -5.37 -16.97 -0.30
CA LEU A 2 -5.37 -15.52 -0.20
C LEU A 2 -6.04 -14.92 -1.43
N ALA A 3 -5.92 -15.63 -2.55
CA ALA A 3 -6.48 -15.21 -3.83
C ALA A 3 -8.00 -15.13 -3.77
N ASP A 4 -8.58 -15.86 -2.83
CA ASP A 4 -10.02 -15.96 -2.73
C ASP A 4 -10.61 -14.78 -1.97
N LYS A 5 -9.90 -14.30 -0.96
CA LYS A 5 -10.45 -13.29 -0.06
C LYS A 5 -10.08 -11.88 -0.51
N VAL A 6 -9.05 -11.76 -1.33
CA VAL A 6 -8.64 -10.44 -1.84
C VAL A 6 -9.80 -9.75 -2.55
N ILE A 7 -9.97 -8.47 -2.25
CA ILE A 7 -11.00 -7.68 -2.93
C ILE A 7 -10.37 -6.65 -3.85
N TRP A 8 -9.13 -6.31 -3.57
CA TRP A 8 -8.48 -5.22 -4.31
C TRP A 8 -6.98 -5.19 -3.96
N ALA A 9 -6.15 -4.83 -4.92
CA ALA A 9 -4.70 -4.79 -4.70
C ALA A 9 -4.00 -3.97 -5.76
N VAL A 10 -3.04 -3.15 -5.35
CA VAL A 10 -2.29 -2.28 -6.25
C VAL A 10 -0.84 -2.10 -5.81
N ASN A 11 0.11 -2.46 -6.67
CA ASN A 11 1.50 -2.09 -6.42
C ASN A 11 1.87 -0.91 -7.32
N ALA A 12 1.86 0.28 -6.76
CA ALA A 12 2.28 1.46 -7.49
C ALA A 12 3.77 1.34 -7.81
N GLY A 13 4.06 1.04 -9.09
CA GLY A 13 5.43 0.93 -9.54
C GLY A 13 5.57 0.11 -10.80
N GLY A 14 4.94 -1.04 -10.82
CA GLY A 14 5.09 -1.96 -11.95
C GLY A 14 3.91 -1.93 -12.89
N GLU A 15 3.42 -3.11 -13.26
CA GLU A 15 2.22 -3.24 -14.07
C GLU A 15 1.57 -4.60 -13.89
N SER A 16 0.31 -4.59 -13.43
CA SER A 16 -0.55 -5.78 -13.35
C SER A 16 0.20 -7.06 -12.99
N HIS A 17 0.33 -7.37 -11.70
CA HIS A 17 1.13 -8.52 -11.32
C HIS A 17 0.39 -9.41 -10.33
N VAL A 18 0.44 -10.71 -10.59
CA VAL A 18 -0.15 -11.69 -9.71
C VAL A 18 0.91 -12.24 -8.76
N ASP A 19 0.71 -11.99 -7.47
CA ASP A 19 1.59 -12.51 -6.43
C ASP A 19 1.36 -14.01 -6.28
N VAL A 20 2.38 -14.70 -5.77
CA VAL A 20 2.39 -16.17 -5.69
C VAL A 20 1.28 -16.73 -4.82
N HIS A 21 0.61 -15.89 -4.05
CA HIS A 21 -0.53 -16.34 -3.26
C HIS A 21 -1.81 -16.10 -4.04
N GLY A 22 -1.64 -15.54 -5.24
CA GLY A 22 -2.75 -15.30 -6.14
C GLY A 22 -3.31 -13.89 -6.01
N ILE A 23 -2.47 -12.93 -5.66
CA ILE A 23 -2.95 -11.57 -5.45
C ILE A 23 -2.58 -10.68 -6.64
N HIS A 24 -3.58 -10.29 -7.41
CA HIS A 24 -3.37 -9.55 -8.66
C HIS A 24 -3.42 -8.04 -8.44
N TYR A 25 -2.28 -7.39 -8.62
CA TYR A 25 -2.21 -5.94 -8.51
C TYR A 25 -2.76 -5.27 -9.76
N ARG A 26 -3.63 -4.29 -9.51
CA ARG A 26 -4.28 -3.47 -10.53
C ARG A 26 -3.29 -2.51 -11.20
N LYS A 27 -2.86 -2.85 -12.41
CA LYS A 27 -1.90 -2.06 -13.19
C LYS A 27 -2.12 -0.54 -13.09
N ASP A 28 -1.35 0.10 -12.19
CA ASP A 28 -1.38 1.56 -11.95
C ASP A 28 -2.76 2.18 -12.21
N PRO A 29 -3.69 2.03 -11.28
CA PRO A 29 -5.08 2.40 -11.48
C PRO A 29 -5.46 3.78 -10.93
N LEU A 30 -4.50 4.51 -10.38
CA LEU A 30 -4.84 5.77 -9.73
C LEU A 30 -4.20 7.01 -10.36
N GLU A 31 -3.06 6.85 -11.05
CA GLU A 31 -2.42 8.01 -11.68
C GLU A 31 -2.85 8.10 -13.14
N GLY A 32 -3.97 8.77 -13.39
CA GLY A 32 -4.55 8.77 -14.72
C GLY A 32 -5.19 7.43 -15.00
N ARG A 33 -5.08 6.56 -14.00
CA ARG A 33 -5.45 5.15 -14.08
C ARG A 33 -4.81 4.50 -15.31
N VAL A 34 -3.56 4.85 -15.59
CA VAL A 34 -2.79 4.24 -16.66
C VAL A 34 -1.50 3.63 -16.12
N GLY A 35 -1.19 2.43 -16.60
CA GLY A 35 -0.07 1.69 -16.05
C GLY A 35 1.18 1.79 -16.89
N ARG A 36 2.31 2.01 -16.22
CA ARG A 36 3.61 2.08 -16.88
C ARG A 36 4.69 1.59 -15.93
N ALA A 37 5.03 0.31 -16.07
CA ALA A 37 6.00 -0.32 -15.19
C ALA A 37 7.33 0.41 -15.22
N SER A 38 7.61 1.09 -14.13
CA SER A 38 8.82 1.88 -14.00
C SER A 38 9.82 1.13 -13.13
N ASP A 39 10.02 -0.15 -13.46
CA ASP A 39 10.98 -0.99 -12.75
C ASP A 39 12.37 -0.36 -12.76
N TYR A 40 13.04 -0.42 -13.92
CA TYR A 40 14.31 0.27 -14.15
C TYR A 40 15.45 -0.34 -13.33
N GLY A 41 15.34 -0.27 -12.01
CA GLY A 41 16.39 -0.76 -11.15
C GLY A 41 16.06 -2.11 -10.54
N MET A 42 15.85 -3.11 -11.38
CA MET A 42 15.52 -4.47 -10.93
C MET A 42 16.74 -5.14 -10.29
N LYS A 43 17.83 -4.40 -10.27
CA LYS A 43 19.09 -4.89 -9.73
C LYS A 43 19.17 -4.60 -8.23
N LEU A 44 18.08 -4.09 -7.69
CA LEU A 44 17.98 -3.80 -6.27
C LEU A 44 16.89 -4.66 -5.63
N PRO A 45 17.21 -5.94 -5.36
CA PRO A 45 16.26 -6.89 -4.78
C PRO A 45 15.69 -6.42 -3.45
N ILE A 46 14.41 -6.72 -3.21
CA ILE A 46 13.75 -6.37 -1.97
C ILE A 46 14.12 -7.39 -0.88
N LEU A 47 14.86 -8.41 -1.32
CA LEU A 47 15.44 -9.46 -0.46
C LEU A 47 14.38 -10.37 0.14
N ARG A 48 13.38 -9.79 0.78
CA ARG A 48 12.37 -10.56 1.50
C ARG A 48 11.47 -11.33 0.54
N SER A 49 11.42 -10.89 -0.70
CA SER A 49 10.45 -11.42 -1.64
C SER A 49 11.10 -12.19 -2.79
N ASN A 50 10.37 -13.21 -3.24
CA ASN A 50 10.76 -14.03 -4.39
C ASN A 50 10.64 -13.18 -5.67
N PRO A 51 11.52 -13.41 -6.67
CA PRO A 51 11.72 -12.49 -7.82
C PRO A 51 10.46 -11.83 -8.39
N GLU A 52 9.37 -12.57 -8.55
CA GLU A 52 8.18 -12.02 -9.20
C GLU A 52 7.39 -11.13 -8.25
N ASP A 53 7.11 -11.64 -7.07
CA ASP A 53 6.37 -10.86 -6.10
C ASP A 53 7.27 -9.79 -5.49
N GLN A 54 8.57 -10.00 -5.61
CA GLN A 54 9.54 -8.97 -5.31
C GLN A 54 9.31 -7.76 -6.20
N VAL A 55 9.05 -8.00 -7.48
CA VAL A 55 8.67 -6.92 -8.39
C VAL A 55 7.46 -6.18 -7.82
N LEU A 56 6.51 -6.96 -7.33
CA LEU A 56 5.30 -6.42 -6.73
C LEU A 56 5.59 -5.69 -5.42
N TYR A 57 6.78 -5.88 -4.88
CA TYR A 57 7.17 -5.27 -3.62
C TYR A 57 8.37 -4.33 -3.79
N GLN A 58 8.77 -4.09 -5.03
CA GLN A 58 10.02 -3.35 -5.32
C GLN A 58 9.80 -2.17 -6.26
N THR A 59 9.02 -2.40 -7.29
CA THR A 59 8.82 -1.39 -8.33
C THR A 59 8.06 -0.15 -7.82
N GLU A 60 8.60 1.05 -8.10
CA GLU A 60 7.99 2.30 -7.63
C GLU A 60 7.49 3.16 -8.80
N ARG A 61 6.54 4.03 -8.52
CA ARG A 61 6.06 5.01 -9.49
C ARG A 61 6.57 6.41 -9.18
N TYR A 62 5.86 7.43 -9.68
CA TYR A 62 6.35 8.80 -9.66
C TYR A 62 5.78 9.57 -8.47
N ASN A 63 6.56 9.68 -7.41
CA ASN A 63 6.15 10.44 -6.24
C ASN A 63 6.08 11.93 -6.56
N GLU A 64 4.99 12.55 -6.17
CA GLU A 64 4.81 13.98 -6.40
C GLU A 64 4.09 14.64 -5.23
N ASP A 65 2.88 14.19 -4.94
CA ASP A 65 2.09 14.77 -3.84
C ASP A 65 1.14 13.71 -3.29
N SER A 66 0.14 14.13 -2.54
CA SER A 66 -0.83 13.21 -1.98
C SER A 66 -1.61 12.53 -3.11
N PHE A 67 -1.34 11.25 -3.33
CA PHE A 67 -2.14 10.48 -4.28
C PHE A 67 -2.69 9.25 -3.58
N GLY A 68 -3.94 8.91 -3.87
CA GLY A 68 -4.64 7.94 -3.07
C GLY A 68 -5.44 6.93 -3.86
N TYR A 69 -5.76 5.83 -3.17
CA TYR A 69 -6.48 4.73 -3.78
C TYR A 69 -7.96 4.75 -3.44
N ASP A 70 -8.75 4.18 -4.34
CA ASP A 70 -10.19 4.02 -4.14
C ASP A 70 -10.52 2.54 -4.09
N ILE A 71 -10.77 2.03 -2.89
CA ILE A 71 -11.13 0.63 -2.69
C ILE A 71 -12.63 0.51 -2.41
N PRO A 72 -13.45 0.35 -3.46
CA PRO A 72 -14.91 0.25 -3.30
C PRO A 72 -15.32 -0.89 -2.38
N ILE A 73 -15.96 -0.54 -1.27
CA ILE A 73 -16.41 -1.52 -0.29
C ILE A 73 -17.93 -1.49 -0.18
N LYS A 74 -18.54 -2.67 -0.14
CA LYS A 74 -19.99 -2.76 -0.05
C LYS A 74 -20.41 -3.71 1.06
N GLU A 75 -19.46 -4.12 1.89
CA GLU A 75 -19.75 -5.09 2.93
C GLU A 75 -19.03 -4.69 4.22
N GLU A 76 -19.15 -5.52 5.25
CA GLU A 76 -18.52 -5.27 6.53
C GLU A 76 -17.76 -6.52 6.98
N GLY A 77 -16.78 -6.35 7.85
CA GLY A 77 -15.93 -7.44 8.28
C GLY A 77 -14.54 -6.92 8.59
N GLU A 78 -13.53 -7.80 8.65
CA GLU A 78 -12.18 -7.34 8.92
C GLU A 78 -11.39 -7.24 7.62
N TYR A 79 -11.21 -6.04 7.10
CA TYR A 79 -10.45 -5.93 5.88
C TYR A 79 -9.03 -5.61 6.24
N VAL A 80 -8.12 -6.43 5.77
CA VAL A 80 -6.74 -6.29 6.16
C VAL A 80 -5.95 -5.66 5.03
N LEU A 81 -5.63 -4.40 5.23
CA LEU A 81 -4.85 -3.67 4.26
C LEU A 81 -3.38 -3.85 4.59
N VAL A 82 -2.72 -4.72 3.86
CA VAL A 82 -1.31 -4.93 4.05
C VAL A 82 -0.56 -4.44 2.82
N LEU A 83 0.07 -3.31 2.95
CA LEU A 83 0.79 -2.71 1.85
C LEU A 83 2.28 -2.90 2.05
N LYS A 84 2.97 -3.31 1.00
CA LYS A 84 4.41 -3.45 1.10
C LYS A 84 5.08 -2.19 0.57
N PHE A 85 5.84 -1.55 1.42
CA PHE A 85 6.50 -0.31 1.06
C PHE A 85 7.97 -0.53 0.86
N ALA A 86 8.53 0.15 -0.11
CA ALA A 86 9.96 0.10 -0.37
C ALA A 86 10.49 1.50 -0.64
N GLU A 87 11.73 1.77 -0.27
CA GLU A 87 12.33 3.08 -0.46
C GLU A 87 13.83 2.97 -0.71
N VAL A 88 14.26 3.37 -1.89
CA VAL A 88 15.68 3.39 -2.24
C VAL A 88 16.01 4.68 -2.99
N TYR A 89 16.20 5.76 -2.24
CA TYR A 89 16.49 7.05 -2.87
C TYR A 89 17.35 7.92 -1.97
N PHE A 90 16.77 8.39 -0.87
CA PHE A 90 17.47 9.30 0.02
C PHE A 90 17.67 8.66 1.39
N ALA A 91 18.91 8.35 1.71
CA ALA A 91 19.26 7.71 2.97
C ALA A 91 19.11 8.68 4.15
N GLN A 92 17.94 8.69 4.75
CA GLN A 92 17.69 9.50 5.93
C GLN A 92 16.53 8.92 6.74
N SER A 93 16.66 8.94 8.05
CA SER A 93 15.66 8.39 8.94
C SER A 93 15.00 9.49 9.77
N GLN A 94 13.75 9.26 10.17
CA GLN A 94 12.99 10.22 10.99
C GLN A 94 12.97 11.62 10.38
N GLN A 95 12.98 11.66 9.06
CA GLN A 95 12.89 12.92 8.33
C GLN A 95 11.95 12.75 7.15
N LYS A 96 12.20 11.71 6.38
CA LYS A 96 11.29 11.34 5.31
C LYS A 96 10.12 10.58 5.91
N VAL A 97 9.21 11.33 6.55
CA VAL A 97 8.11 10.72 7.27
C VAL A 97 6.81 10.93 6.51
N PHE A 98 6.31 9.83 5.98
CA PHE A 98 5.17 9.84 5.09
C PHE A 98 3.86 9.76 5.86
N ASP A 99 2.77 10.08 5.18
CA ASP A 99 1.44 9.88 5.74
C ASP A 99 0.82 8.68 5.07
N VAL A 100 0.17 7.85 5.86
CA VAL A 100 -0.52 6.70 5.36
C VAL A 100 -1.94 6.65 5.96
N ARG A 101 -2.94 6.83 5.10
CA ARG A 101 -4.31 6.96 5.56
C ARG A 101 -5.21 5.90 4.94
N VAL A 102 -5.96 5.23 5.78
CA VAL A 102 -6.89 4.20 5.36
C VAL A 102 -8.32 4.72 5.46
N ASN A 103 -8.85 5.13 4.31
CA ASN A 103 -10.13 5.84 4.25
C ASN A 103 -10.03 7.12 5.09
N GLY A 104 -8.99 7.88 4.80
CA GLY A 104 -8.77 9.13 5.50
C GLY A 104 -8.03 8.97 6.82
N HIS A 105 -8.05 7.76 7.34
CA HIS A 105 -7.55 7.48 8.68
C HIS A 105 -6.02 7.35 8.69
N THR A 106 -5.34 8.35 9.24
CA THR A 106 -3.89 8.30 9.33
C THR A 106 -3.43 7.23 10.32
N VAL A 107 -3.10 6.07 9.79
CA VAL A 107 -2.60 4.98 10.61
C VAL A 107 -1.11 5.13 10.80
N VAL A 108 -0.40 5.41 9.71
CA VAL A 108 1.02 5.64 9.77
C VAL A 108 1.33 7.05 9.29
N LYS A 109 1.29 7.98 10.20
CA LYS A 109 1.67 9.35 9.91
C LYS A 109 3.06 9.60 10.50
N ASP A 110 4.05 9.09 9.78
CA ASP A 110 5.44 9.08 10.24
C ASP A 110 6.26 8.07 9.44
N LEU A 111 5.70 7.60 8.34
CA LEU A 111 6.28 6.46 7.62
C LEU A 111 7.65 6.81 7.03
N ASP A 112 8.70 6.44 7.73
CA ASP A 112 10.06 6.59 7.24
C ASP A 112 10.67 5.21 7.00
N ILE A 113 10.56 4.77 5.75
CA ILE A 113 10.91 3.41 5.36
C ILE A 113 12.38 3.10 5.64
N PHE A 114 13.26 4.01 5.25
CA PHE A 114 14.70 3.82 5.43
C PHE A 114 15.05 3.53 6.88
N ASP A 115 14.36 4.15 7.82
CA ASP A 115 14.62 3.89 9.23
C ASP A 115 14.11 2.51 9.63
N ARG A 116 12.96 2.15 9.10
CA ARG A 116 12.29 0.91 9.49
C ARG A 116 12.99 -0.31 8.90
N VAL A 117 13.36 -0.24 7.64
CA VAL A 117 14.02 -1.37 6.99
C VAL A 117 15.54 -1.27 7.08
N GLY A 118 16.06 -0.04 7.07
CA GLY A 118 17.49 0.16 7.13
C GLY A 118 18.14 0.07 5.77
N HIS A 119 18.16 -1.13 5.21
CA HIS A 119 18.67 -1.35 3.87
C HIS A 119 17.55 -1.81 2.96
N SER A 120 17.81 -1.84 1.65
CA SER A 120 16.80 -2.14 0.65
C SER A 120 16.18 -3.53 0.86
N THR A 121 15.03 -3.55 1.51
CA THR A 121 14.26 -4.77 1.74
C THR A 121 12.76 -4.43 1.68
N ALA A 122 11.93 -5.35 2.14
CA ALA A 122 10.48 -5.15 2.06
C ALA A 122 9.91 -4.70 3.39
N HIS A 123 9.32 -3.52 3.41
CA HIS A 123 8.63 -3.00 4.59
C HIS A 123 7.15 -3.30 4.48
N ASP A 124 6.51 -3.75 5.54
CA ASP A 124 5.09 -4.02 5.47
C ASP A 124 4.33 -3.42 6.64
N GLU A 125 3.23 -2.74 6.31
CA GLU A 125 2.29 -2.27 7.30
C GLU A 125 1.00 -3.05 7.17
N ILE A 126 0.69 -3.83 8.18
CA ILE A 126 -0.52 -4.65 8.18
C ILE A 126 -1.62 -3.91 8.92
N ILE A 127 -2.62 -3.44 8.19
CA ILE A 127 -3.63 -2.56 8.76
C ILE A 127 -5.01 -3.20 8.68
N PRO A 128 -5.38 -3.99 9.70
CA PRO A 128 -6.71 -4.58 9.80
C PRO A 128 -7.77 -3.54 10.18
N ILE A 129 -8.82 -3.47 9.39
CA ILE A 129 -9.93 -2.58 9.66
C ILE A 129 -11.14 -3.40 10.06
N SER A 130 -11.95 -2.89 10.96
CA SER A 130 -13.15 -3.58 11.37
C SER A 130 -14.38 -2.75 11.00
N ILE A 131 -15.10 -3.21 9.99
CA ILE A 131 -16.33 -2.54 9.58
C ILE A 131 -17.50 -3.26 10.19
N LYS A 132 -18.40 -2.51 10.79
CA LYS A 132 -19.65 -3.06 11.30
C LYS A 132 -20.75 -2.01 11.21
N LYS A 133 -21.88 -2.41 10.63
CA LYS A 133 -23.05 -1.54 10.51
C LYS A 133 -22.73 -0.29 9.68
N GLY A 134 -21.74 -0.39 8.82
CA GLY A 134 -21.39 0.72 7.96
C GLY A 134 -20.37 1.65 8.57
N LYS A 135 -19.81 1.27 9.70
CA LYS A 135 -18.77 2.06 10.32
C LYS A 135 -17.44 1.32 10.25
N LEU A 136 -16.38 2.05 9.97
CA LEU A 136 -15.09 1.45 9.71
C LEU A 136 -14.10 1.85 10.80
N SER A 137 -13.63 0.88 11.55
CA SER A 137 -12.71 1.13 12.65
C SER A 137 -11.30 0.63 12.32
N VAL A 138 -10.36 1.55 12.21
CA VAL A 138 -8.99 1.18 11.92
C VAL A 138 -8.13 1.31 13.17
N GLN A 139 -7.80 0.17 13.78
CA GLN A 139 -6.97 0.14 14.99
C GLN A 139 -7.68 0.81 16.16
N GLY A 140 -7.60 2.14 16.22
CA GLY A 140 -8.28 2.88 17.28
C GLY A 140 -9.09 4.04 16.73
N GLU A 141 -9.10 4.17 15.42
CA GLU A 141 -9.82 5.26 14.76
C GLU A 141 -11.16 4.75 14.24
N VAL A 142 -12.25 5.22 14.82
CA VAL A 142 -13.57 4.76 14.42
C VAL A 142 -14.39 5.88 13.80
N SER A 143 -14.77 5.68 12.55
CA SER A 143 -15.61 6.63 11.82
C SER A 143 -16.53 5.86 10.89
N THR A 144 -17.65 6.46 10.52
CA THR A 144 -18.56 5.83 9.57
C THR A 144 -17.86 5.67 8.22
N PHE A 145 -18.12 4.54 7.57
CA PHE A 145 -17.56 4.25 6.26
C PHE A 145 -18.37 4.99 5.20
N THR A 146 -17.69 5.48 4.16
CA THR A 146 -18.35 6.25 3.14
C THR A 146 -17.85 5.88 1.73
N GLY A 147 -18.67 5.10 1.03
CA GLY A 147 -18.41 4.79 -0.37
C GLY A 147 -17.33 3.76 -0.59
N LYS A 148 -16.11 4.06 -0.20
CA LYS A 148 -15.01 3.13 -0.41
C LYS A 148 -13.90 3.39 0.59
N LEU A 149 -12.94 2.49 0.62
CA LEU A 149 -11.75 2.66 1.43
C LEU A 149 -10.79 3.56 0.68
N SER A 150 -10.26 4.58 1.33
CA SER A 150 -9.50 5.57 0.61
C SER A 150 -8.10 5.71 1.17
N VAL A 151 -7.13 5.13 0.49
CA VAL A 151 -5.78 5.15 0.98
C VAL A 151 -5.02 6.33 0.40
N GLU A 152 -4.97 7.41 1.15
CA GLU A 152 -4.27 8.60 0.74
C GLU A 152 -2.91 8.62 1.39
N PHE A 153 -1.86 8.63 0.59
CA PHE A 153 -0.53 8.75 1.15
C PHE A 153 0.11 10.04 0.66
N VAL A 154 0.57 10.80 1.65
CA VAL A 154 1.01 12.17 1.44
C VAL A 154 2.53 12.27 1.54
N LYS A 155 3.09 13.15 0.71
CA LYS A 155 4.54 13.31 0.63
C LYS A 155 5.10 13.92 1.91
N GLY A 156 6.22 13.38 2.36
CA GLY A 156 6.91 13.93 3.51
C GLY A 156 8.10 14.75 3.08
N TYR A 157 9.27 14.12 3.02
CA TYR A 157 10.44 14.76 2.46
C TYR A 157 10.50 14.45 0.97
N TYR A 158 9.82 15.30 0.19
CA TYR A 158 9.64 15.09 -1.26
C TYR A 158 8.81 13.85 -1.55
N ASP A 159 9.40 12.68 -1.32
CA ASP A 159 8.75 11.41 -1.56
C ASP A 159 7.61 11.19 -0.56
N ASN A 160 6.64 10.44 -1.01
CA ASN A 160 5.68 9.81 -0.14
C ASN A 160 5.98 8.31 -0.19
N PRO A 161 5.11 7.40 0.27
CA PRO A 161 5.26 5.96 0.01
C PRO A 161 5.71 5.67 -1.43
N LYS A 162 7.02 5.51 -1.59
CA LYS A 162 7.66 5.44 -2.89
C LYS A 162 7.19 4.20 -3.65
N VAL A 163 7.49 3.03 -3.10
CA VAL A 163 6.94 1.80 -3.64
C VAL A 163 5.72 1.44 -2.81
N CYS A 164 4.62 1.10 -3.48
CA CYS A 164 3.37 0.89 -2.75
C CYS A 164 2.66 -0.37 -3.19
N ALA A 165 3.01 -1.47 -2.56
CA ALA A 165 2.45 -2.80 -2.82
C ALA A 165 1.10 -3.01 -2.15
N LEU A 166 0.28 -1.94 -2.12
CA LEU A 166 -1.07 -1.97 -1.55
C LEU A 166 -1.76 -3.32 -1.81
N PHE A 167 -2.13 -4.00 -0.74
CA PHE A 167 -2.94 -5.20 -0.87
C PHE A 167 -4.04 -5.20 0.18
N ILE A 168 -5.30 -5.02 -0.25
CA ILE A 168 -6.41 -5.14 0.68
C ILE A 168 -7.15 -6.47 0.48
N MET A 169 -7.20 -7.25 1.55
CA MET A 169 -7.86 -8.54 1.52
C MET A 169 -9.00 -8.56 2.51
N LYS A 170 -10.01 -9.38 2.24
CA LYS A 170 -11.24 -9.33 2.97
C LYS A 170 -11.37 -10.36 4.10
N GLY A 171 -11.93 -9.87 5.19
CA GLY A 171 -12.61 -10.70 6.17
C GLY A 171 -11.85 -10.95 7.45
N THR A 172 -10.51 -10.96 7.41
CA THR A 172 -9.72 -11.32 8.59
C THR A 172 -8.23 -11.08 8.41
N ALA A 173 -7.55 -10.88 9.54
CA ALA A 173 -6.09 -10.78 9.57
C ALA A 173 -5.45 -12.17 9.64
N ASP A 174 -6.22 -13.15 10.10
CA ASP A 174 -5.72 -14.50 10.30
C ASP A 174 -5.71 -15.30 9.01
N GLY A 1 -6.57 -18.17 3.12
CA GLY A 1 -7.23 -17.88 1.86
C GLY A 1 -7.01 -16.46 1.41
N LEU A 2 -5.74 -16.06 1.31
CA LEU A 2 -5.37 -14.72 0.90
C LEU A 2 -5.93 -14.39 -0.48
N ALA A 3 -5.76 -15.33 -1.40
CA ALA A 3 -6.25 -15.17 -2.77
C ALA A 3 -7.77 -15.07 -2.83
N ASP A 4 -8.43 -15.60 -1.80
CA ASP A 4 -9.88 -15.61 -1.76
C ASP A 4 -10.42 -14.29 -1.22
N LYS A 5 -9.80 -13.79 -0.16
CA LYS A 5 -10.33 -12.63 0.55
C LYS A 5 -9.83 -11.32 -0.03
N VAL A 6 -8.85 -11.38 -0.94
CA VAL A 6 -8.38 -10.18 -1.61
C VAL A 6 -9.52 -9.47 -2.34
N ILE A 7 -9.57 -8.16 -2.19
CA ILE A 7 -10.57 -7.37 -2.88
C ILE A 7 -9.93 -6.37 -3.82
N TRP A 8 -8.71 -5.95 -3.46
CA TRP A 8 -8.07 -4.84 -4.16
C TRP A 8 -6.58 -4.78 -3.78
N ALA A 9 -5.72 -4.92 -4.77
CA ALA A 9 -4.28 -4.80 -4.54
C ALA A 9 -3.65 -3.95 -5.61
N VAL A 10 -2.71 -3.10 -5.23
CA VAL A 10 -2.07 -2.21 -6.17
C VAL A 10 -0.58 -2.06 -5.91
N ASN A 11 0.21 -2.69 -6.77
CA ASN A 11 1.63 -2.39 -6.86
C ASN A 11 1.79 -1.15 -7.72
N ALA A 12 1.75 0.00 -7.08
CA ALA A 12 1.97 1.25 -7.77
C ALA A 12 3.37 1.29 -8.31
N GLY A 13 3.45 1.02 -9.61
CA GLY A 13 4.70 0.99 -10.33
C GLY A 13 4.60 0.10 -11.55
N GLY A 14 3.98 -1.05 -11.36
CA GLY A 14 3.95 -2.08 -12.40
C GLY A 14 2.62 -2.14 -13.12
N GLU A 15 2.26 -3.32 -13.61
CA GLU A 15 1.01 -3.48 -14.35
C GLU A 15 0.45 -4.89 -14.16
N SER A 16 -0.79 -4.93 -13.63
CA SER A 16 -1.59 -6.14 -13.45
C SER A 16 -0.73 -7.36 -13.09
N HIS A 17 -0.46 -7.55 -11.80
CA HIS A 17 0.43 -8.66 -11.42
C HIS A 17 -0.19 -9.51 -10.32
N VAL A 18 -0.16 -10.80 -10.52
CA VAL A 18 -0.61 -11.75 -9.51
C VAL A 18 0.58 -12.25 -8.69
N ASP A 19 0.50 -12.01 -7.39
CA ASP A 19 1.50 -12.50 -6.44
C ASP A 19 1.25 -13.98 -6.17
N VAL A 20 2.31 -14.68 -5.77
CA VAL A 20 2.29 -16.14 -5.64
C VAL A 20 1.28 -16.65 -4.60
N HIS A 21 0.71 -15.76 -3.81
CA HIS A 21 -0.32 -16.16 -2.86
C HIS A 21 -1.69 -15.94 -3.48
N GLY A 22 -1.68 -15.42 -4.71
CA GLY A 22 -2.89 -15.21 -5.46
C GLY A 22 -3.42 -13.80 -5.34
N ILE A 23 -2.52 -12.84 -5.14
CA ILE A 23 -2.93 -11.45 -4.95
C ILE A 23 -2.69 -10.62 -6.22
N HIS A 24 -3.76 -10.13 -6.82
CA HIS A 24 -3.69 -9.49 -8.13
C HIS A 24 -3.75 -7.96 -8.03
N TYR A 25 -2.71 -7.30 -8.56
CA TYR A 25 -2.68 -5.83 -8.61
C TYR A 25 -3.38 -5.31 -9.87
N ARG A 26 -4.15 -4.21 -9.70
CA ARG A 26 -5.20 -3.78 -10.64
C ARG A 26 -4.70 -3.19 -11.96
N LYS A 27 -3.40 -2.96 -12.08
CA LYS A 27 -2.82 -2.33 -13.27
C LYS A 27 -3.17 -0.84 -13.37
N ASP A 28 -2.20 0.01 -13.03
CA ASP A 28 -2.26 1.45 -13.36
C ASP A 28 -3.47 2.18 -12.74
N PRO A 29 -3.62 2.17 -11.41
CA PRO A 29 -4.68 2.89 -10.70
C PRO A 29 -4.17 4.12 -9.93
N LEU A 30 -4.90 4.48 -8.87
CA LEU A 30 -4.49 5.47 -7.88
C LEU A 30 -4.82 6.90 -8.30
N GLU A 31 -4.10 7.43 -9.27
CA GLU A 31 -4.26 8.84 -9.62
C GLU A 31 -4.56 9.02 -11.10
N GLY A 32 -5.19 8.02 -11.69
CA GLY A 32 -5.49 8.09 -13.10
C GLY A 32 -4.30 7.67 -13.94
N ARG A 33 -3.24 7.28 -13.25
CA ARG A 33 -1.98 6.87 -13.87
C ARG A 33 -2.14 5.57 -14.65
N VAL A 34 -2.92 5.63 -15.71
CA VAL A 34 -3.14 4.47 -16.57
C VAL A 34 -2.36 4.65 -17.86
N GLY A 35 -1.41 3.76 -18.10
CA GLY A 35 -0.68 3.80 -19.35
C GLY A 35 0.56 2.93 -19.33
N ARG A 36 1.61 3.42 -18.69
CA ARG A 36 2.90 2.75 -18.74
C ARG A 36 3.38 2.33 -17.37
N ALA A 37 3.89 1.11 -17.29
CA ALA A 37 4.47 0.59 -16.07
C ALA A 37 5.90 1.07 -15.93
N SER A 38 6.09 2.12 -15.15
CA SER A 38 7.42 2.66 -14.91
C SER A 38 8.28 1.65 -14.14
N ASP A 39 9.48 1.42 -14.63
CA ASP A 39 10.38 0.48 -13.98
C ASP A 39 11.80 1.04 -14.00
N TYR A 40 11.88 2.36 -13.82
CA TYR A 40 13.15 3.08 -13.85
C TYR A 40 14.01 2.70 -12.64
N GLY A 41 13.34 2.28 -11.58
CA GLY A 41 14.03 1.83 -10.39
C GLY A 41 13.77 0.38 -10.11
N MET A 42 13.62 -0.41 -11.18
CA MET A 42 13.35 -1.85 -11.05
C MET A 42 14.59 -2.58 -10.56
N LYS A 43 15.74 -1.91 -10.60
CA LYS A 43 16.97 -2.47 -10.08
C LYS A 43 17.04 -2.24 -8.57
N LEU A 44 16.03 -2.73 -7.87
CA LEU A 44 15.97 -2.64 -6.42
C LEU A 44 15.37 -3.92 -5.87
N PRO A 45 16.16 -5.01 -5.88
CA PRO A 45 15.66 -6.32 -5.49
C PRO A 45 15.22 -6.36 -4.03
N ILE A 46 13.91 -6.47 -3.82
CA ILE A 46 13.36 -6.58 -2.49
C ILE A 46 13.73 -7.93 -1.87
N LEU A 47 14.58 -7.87 -0.84
CA LEU A 47 15.19 -9.08 -0.26
C LEU A 47 14.15 -9.95 0.47
N ARG A 48 13.05 -9.36 0.89
CA ARG A 48 12.04 -10.09 1.65
C ARG A 48 10.88 -10.51 0.77
N SER A 49 11.18 -10.86 -0.47
CA SER A 49 10.16 -11.35 -1.39
C SER A 49 10.78 -12.24 -2.47
N ASN A 50 9.96 -13.16 -3.00
CA ASN A 50 10.36 -14.01 -4.13
C ASN A 50 10.23 -13.22 -5.43
N PRO A 51 11.18 -13.39 -6.38
CA PRO A 51 11.33 -12.53 -7.56
C PRO A 51 10.03 -12.06 -8.24
N GLU A 52 9.02 -12.92 -8.32
CA GLU A 52 7.80 -12.57 -9.03
C GLU A 52 6.98 -11.60 -8.20
N ASP A 53 6.70 -12.00 -6.98
CA ASP A 53 5.94 -11.17 -6.09
C ASP A 53 6.81 -10.04 -5.56
N GLN A 54 8.12 -10.20 -5.74
CA GLN A 54 9.07 -9.13 -5.49
C GLN A 54 8.75 -7.96 -6.39
N VAL A 55 8.46 -8.26 -7.65
CA VAL A 55 8.03 -7.24 -8.58
C VAL A 55 6.78 -6.55 -8.07
N LEU A 56 5.86 -7.33 -7.51
CA LEU A 56 4.64 -6.77 -6.95
C LEU A 56 4.92 -5.95 -5.70
N TYR A 57 6.03 -6.23 -5.06
CA TYR A 57 6.40 -5.52 -3.83
C TYR A 57 7.45 -4.45 -4.16
N GLN A 58 7.77 -4.35 -5.44
CA GLN A 58 8.77 -3.44 -5.93
C GLN A 58 8.15 -2.54 -7.01
N THR A 59 8.77 -2.52 -8.20
CA THR A 59 8.42 -1.62 -9.31
C THR A 59 7.82 -0.28 -8.89
N GLU A 60 8.62 0.79 -8.95
CA GLU A 60 8.18 2.12 -8.53
C GLU A 60 7.35 2.83 -9.61
N ARG A 61 6.40 3.64 -9.18
CA ARG A 61 5.56 4.39 -10.13
C ARG A 61 5.88 5.87 -10.11
N TYR A 62 6.79 6.28 -10.98
CA TYR A 62 7.12 7.71 -11.18
C TYR A 62 7.56 8.38 -9.88
N ASN A 63 7.49 9.69 -9.87
CA ASN A 63 7.79 10.49 -8.69
C ASN A 63 6.59 11.36 -8.34
N GLU A 64 5.58 10.72 -7.77
CA GLU A 64 4.29 11.34 -7.52
C GLU A 64 4.32 12.23 -6.28
N ASP A 65 3.14 12.56 -5.80
CA ASP A 65 2.93 13.51 -4.71
C ASP A 65 1.50 13.44 -4.22
N SER A 66 1.35 13.28 -2.91
CA SER A 66 0.04 13.43 -2.29
C SER A 66 -1.00 12.56 -3.00
N PHE A 67 -0.69 11.28 -3.08
CA PHE A 67 -1.42 10.37 -3.94
C PHE A 67 -2.23 9.37 -3.12
N GLY A 68 -3.45 9.11 -3.57
CA GLY A 68 -4.35 8.26 -2.82
C GLY A 68 -4.98 7.16 -3.65
N TYR A 69 -5.20 6.03 -3.01
CA TYR A 69 -5.75 4.88 -3.67
C TYR A 69 -7.23 4.71 -3.29
N ASP A 70 -8.04 4.41 -4.30
CA ASP A 70 -9.46 4.20 -4.08
C ASP A 70 -9.79 2.71 -4.02
N ILE A 71 -10.25 2.27 -2.85
CA ILE A 71 -10.68 0.90 -2.65
C ILE A 71 -12.20 0.86 -2.48
N PRO A 72 -12.95 0.72 -3.57
CA PRO A 72 -14.41 0.64 -3.50
C PRO A 72 -14.87 -0.59 -2.72
N ILE A 73 -15.63 -0.37 -1.64
CA ILE A 73 -16.04 -1.45 -0.76
C ILE A 73 -17.57 -1.54 -0.67
N LYS A 74 -18.09 -2.75 -0.59
CA LYS A 74 -19.51 -2.96 -0.37
C LYS A 74 -19.76 -3.90 0.81
N GLU A 75 -18.71 -4.57 1.28
CA GLU A 75 -18.88 -5.65 2.23
C GLU A 75 -18.32 -5.29 3.59
N GLU A 76 -18.65 -6.10 4.58
CA GLU A 76 -18.11 -5.93 5.93
C GLU A 76 -17.08 -6.99 6.24
N GLY A 77 -16.55 -6.94 7.44
CA GLY A 77 -15.57 -7.91 7.86
C GLY A 77 -14.30 -7.23 8.31
N GLU A 78 -13.25 -8.00 8.52
CA GLU A 78 -12.02 -7.42 9.02
C GLU A 78 -11.07 -7.21 7.85
N TYR A 79 -10.92 -5.97 7.40
CA TYR A 79 -10.13 -5.75 6.21
C TYR A 79 -8.72 -5.46 6.61
N VAL A 80 -7.83 -6.24 6.07
CA VAL A 80 -6.45 -6.15 6.46
C VAL A 80 -5.64 -5.51 5.35
N LEU A 81 -5.28 -4.26 5.60
CA LEU A 81 -4.56 -3.46 4.64
C LEU A 81 -3.06 -3.64 4.84
N VAL A 82 -2.44 -4.40 3.97
CA VAL A 82 -1.01 -4.62 4.04
C VAL A 82 -0.36 -3.99 2.81
N LEU A 83 0.28 -2.86 2.98
CA LEU A 83 0.94 -2.22 1.86
C LEU A 83 2.45 -2.40 1.96
N LYS A 84 3.07 -2.74 0.83
CA LYS A 84 4.51 -2.95 0.81
C LYS A 84 5.24 -1.71 0.29
N PHE A 85 6.11 -1.15 1.10
CA PHE A 85 6.88 0.01 0.70
C PHE A 85 8.32 -0.34 0.43
N ALA A 86 8.88 0.28 -0.59
CA ALA A 86 10.28 0.07 -0.94
C ALA A 86 10.93 1.38 -1.33
N GLU A 87 12.13 1.60 -0.80
CA GLU A 87 12.87 2.85 -1.01
C GLU A 87 13.84 2.72 -2.18
N VAL A 88 14.29 3.86 -2.68
CA VAL A 88 15.33 3.90 -3.70
C VAL A 88 16.33 5.02 -3.42
N TYR A 89 15.93 5.98 -2.58
CA TYR A 89 16.73 7.15 -2.28
C TYR A 89 16.53 7.60 -0.83
N PHE A 90 17.46 8.43 -0.35
CA PHE A 90 17.35 9.07 0.96
C PHE A 90 17.35 8.04 2.08
N ALA A 91 18.40 7.24 2.10
CA ALA A 91 18.57 6.21 3.11
C ALA A 91 19.00 6.80 4.45
N GLN A 92 18.02 7.20 5.23
CA GLN A 92 18.25 7.75 6.56
C GLN A 92 17.01 7.57 7.43
N SER A 93 17.21 7.25 8.70
CA SER A 93 16.11 6.88 9.58
C SER A 93 15.67 8.01 10.48
N GLN A 94 14.36 8.03 10.77
CA GLN A 94 13.75 9.00 11.68
C GLN A 94 14.04 10.43 11.22
N GLN A 95 13.71 10.70 9.97
CA GLN A 95 13.97 11.99 9.39
C GLN A 95 12.91 12.32 8.34
N LYS A 96 12.69 11.37 7.45
CA LYS A 96 11.71 11.55 6.41
C LYS A 96 10.50 10.67 6.70
N VAL A 97 9.55 11.22 7.43
CA VAL A 97 8.41 10.47 7.89
C VAL A 97 7.17 10.86 7.12
N PHE A 98 6.52 9.88 6.52
CA PHE A 98 5.40 10.11 5.62
C PHE A 98 4.08 9.78 6.29
N ASP A 99 2.99 10.27 5.72
CA ASP A 99 1.66 10.05 6.28
C ASP A 99 0.86 9.10 5.42
N VAL A 100 0.09 8.21 6.05
CA VAL A 100 -0.71 7.25 5.32
C VAL A 100 -2.04 7.02 6.03
N ARG A 101 -3.13 7.15 5.28
CA ARG A 101 -4.47 7.06 5.85
C ARG A 101 -5.29 5.95 5.20
N VAL A 102 -6.12 5.31 6.00
CA VAL A 102 -7.11 4.36 5.51
C VAL A 102 -8.51 4.96 5.62
N ASN A 103 -9.05 5.36 4.48
CA ASN A 103 -10.33 6.07 4.42
C ASN A 103 -10.24 7.34 5.26
N GLY A 104 -9.13 8.03 5.10
CA GLY A 104 -8.91 9.28 5.81
C GLY A 104 -8.17 9.09 7.13
N HIS A 105 -8.11 7.86 7.59
CA HIS A 105 -7.55 7.56 8.90
C HIS A 105 -6.04 7.30 8.84
N THR A 106 -5.24 8.30 9.18
CA THR A 106 -3.78 8.15 9.14
C THR A 106 -3.29 7.15 10.18
N VAL A 107 -3.05 5.93 9.74
CA VAL A 107 -2.53 4.89 10.61
C VAL A 107 -1.04 5.06 10.76
N VAL A 108 -0.36 5.23 9.64
CA VAL A 108 1.08 5.39 9.66
C VAL A 108 1.44 6.79 9.24
N LYS A 109 1.52 7.66 10.22
CA LYS A 109 1.88 9.05 9.96
C LYS A 109 3.23 9.32 10.61
N ASP A 110 4.24 8.75 9.99
CA ASP A 110 5.60 8.67 10.49
C ASP A 110 6.31 7.58 9.71
N LEU A 111 5.88 7.43 8.46
CA LEU A 111 6.33 6.35 7.61
C LEU A 111 7.75 6.58 7.13
N ASP A 112 8.68 6.30 8.02
CA ASP A 112 10.09 6.30 7.71
C ASP A 112 10.53 4.84 7.55
N ILE A 113 10.71 4.42 6.30
CA ILE A 113 11.00 3.03 5.97
C ILE A 113 12.22 2.53 6.74
N PHE A 114 13.23 3.39 6.81
CA PHE A 114 14.49 3.02 7.43
C PHE A 114 14.30 2.73 8.91
N ASP A 115 13.56 3.58 9.60
CA ASP A 115 13.28 3.40 11.02
C ASP A 115 12.31 2.25 11.25
N ARG A 116 11.39 2.05 10.31
CA ARG A 116 10.32 1.07 10.48
C ARG A 116 10.82 -0.35 10.24
N VAL A 117 11.52 -0.58 9.14
CA VAL A 117 12.03 -1.92 8.84
C VAL A 117 13.55 -1.95 8.75
N GLY A 118 14.15 -0.84 8.39
CA GLY A 118 15.57 -0.83 8.09
C GLY A 118 15.81 -0.31 6.69
N HIS A 119 16.98 -0.57 6.14
CA HIS A 119 17.27 -0.10 4.80
C HIS A 119 16.60 -0.98 3.75
N SER A 120 15.78 -0.34 2.92
CA SER A 120 15.09 -1.00 1.80
C SER A 120 14.34 -2.26 2.22
N THR A 121 14.70 -3.39 1.61
CA THR A 121 14.00 -4.66 1.79
C THR A 121 12.49 -4.50 1.56
N ALA A 122 11.70 -5.44 2.06
CA ALA A 122 10.26 -5.34 1.90
C ALA A 122 9.63 -4.80 3.17
N HIS A 123 9.15 -3.57 3.10
CA HIS A 123 8.49 -2.96 4.23
C HIS A 123 6.99 -3.19 4.11
N ASP A 124 6.35 -3.61 5.17
CA ASP A 124 4.92 -3.81 5.15
C ASP A 124 4.26 -3.20 6.37
N GLU A 125 3.17 -2.50 6.15
CA GLU A 125 2.34 -2.02 7.23
C GLU A 125 1.02 -2.76 7.18
N ILE A 126 0.79 -3.59 8.19
CA ILE A 126 -0.41 -4.40 8.25
C ILE A 126 -1.45 -3.71 9.12
N ILE A 127 -2.54 -3.29 8.51
CA ILE A 127 -3.54 -2.49 9.20
C ILE A 127 -4.91 -3.14 9.12
N PRO A 128 -5.29 -3.94 10.13
CA PRO A 128 -6.64 -4.49 10.24
C PRO A 128 -7.68 -3.44 10.61
N ILE A 129 -8.67 -3.30 9.76
CA ILE A 129 -9.82 -2.44 10.00
C ILE A 129 -11.02 -3.35 10.23
N SER A 130 -12.06 -2.84 10.83
CA SER A 130 -13.26 -3.64 11.03
C SER A 130 -14.48 -2.90 10.50
N ILE A 131 -15.06 -3.43 9.43
CA ILE A 131 -16.28 -2.87 8.88
C ILE A 131 -17.47 -3.68 9.34
N LYS A 132 -18.40 -3.02 10.00
CA LYS A 132 -19.63 -3.67 10.47
C LYS A 132 -20.77 -2.67 10.47
N LYS A 133 -21.93 -3.11 9.98
CA LYS A 133 -23.13 -2.27 9.90
C LYS A 133 -22.88 -1.06 9.00
N GLY A 134 -21.92 -1.20 8.09
CA GLY A 134 -21.58 -0.12 7.19
C GLY A 134 -20.71 0.93 7.85
N LYS A 135 -20.15 0.59 8.99
CA LYS A 135 -19.22 1.47 9.68
C LYS A 135 -17.82 0.88 9.65
N LEU A 136 -16.82 1.74 9.67
CA LEU A 136 -15.43 1.31 9.54
C LEU A 136 -14.65 1.74 10.77
N SER A 137 -14.15 0.79 11.53
CA SER A 137 -13.33 1.08 12.69
C SER A 137 -11.92 0.52 12.47
N VAL A 138 -10.95 1.40 12.31
CA VAL A 138 -9.58 0.99 12.01
C VAL A 138 -8.74 1.05 13.28
N GLN A 139 -8.29 -0.13 13.74
CA GLN A 139 -7.47 -0.24 14.94
C GLN A 139 -8.17 0.33 16.18
N GLY A 140 -8.04 1.63 16.39
CA GLY A 140 -8.64 2.26 17.55
C GLY A 140 -9.52 3.44 17.18
N GLU A 141 -9.66 3.71 15.89
CA GLU A 141 -10.47 4.82 15.44
C GLU A 141 -11.77 4.28 14.85
N VAL A 142 -12.85 5.05 14.98
CA VAL A 142 -14.16 4.58 14.59
C VAL A 142 -14.90 5.61 13.73
N SER A 143 -15.47 5.13 12.63
CA SER A 143 -16.27 5.97 11.75
C SER A 143 -17.29 5.08 11.04
N THR A 144 -18.11 5.69 10.22
CA THR A 144 -18.95 4.93 9.31
C THR A 144 -18.29 4.93 7.94
N PHE A 145 -18.41 3.81 7.25
CA PHE A 145 -17.81 3.65 5.93
C PHE A 145 -18.67 4.32 4.86
N THR A 146 -18.09 5.27 4.14
CA THR A 146 -18.81 6.02 3.15
C THR A 146 -18.24 5.82 1.73
N GLY A 147 -18.82 4.89 0.99
CA GLY A 147 -18.51 4.74 -0.42
C GLY A 147 -17.31 3.87 -0.68
N LYS A 148 -16.11 4.35 -0.37
CA LYS A 148 -14.90 3.60 -0.68
C LYS A 148 -13.79 3.94 0.31
N LEU A 149 -12.86 3.02 0.43
CA LEU A 149 -11.71 3.19 1.30
C LEU A 149 -10.66 4.01 0.56
N SER A 150 -9.99 4.92 1.26
CA SER A 150 -9.00 5.75 0.59
C SER A 150 -7.66 5.62 1.29
N VAL A 151 -6.72 4.96 0.65
CA VAL A 151 -5.38 4.90 1.20
C VAL A 151 -4.58 6.05 0.64
N GLU A 152 -4.54 7.11 1.42
CA GLU A 152 -3.90 8.33 0.98
C GLU A 152 -2.51 8.41 1.57
N PHE A 153 -1.52 8.49 0.71
CA PHE A 153 -0.15 8.60 1.16
C PHE A 153 0.37 10.00 0.87
N VAL A 154 0.69 10.71 1.93
CA VAL A 154 1.14 12.08 1.83
C VAL A 154 2.64 12.18 2.10
N LYS A 155 3.37 12.52 1.06
CA LYS A 155 4.80 12.80 1.20
C LYS A 155 5.00 14.19 1.82
N GLY A 156 6.07 14.35 2.58
CA GLY A 156 6.39 15.63 3.15
C GLY A 156 7.25 16.47 2.24
N TYR A 157 8.41 15.93 1.87
CA TYR A 157 9.33 16.62 0.97
C TYR A 157 8.73 16.73 -0.43
N TYR A 158 8.68 15.60 -1.11
CA TYR A 158 8.03 15.48 -2.41
C TYR A 158 8.09 14.02 -2.84
N ASP A 159 9.27 13.47 -2.72
CA ASP A 159 9.51 12.05 -2.93
C ASP A 159 8.82 11.25 -1.85
N ASN A 160 8.40 10.10 -2.28
CA ASN A 160 7.82 9.11 -1.42
C ASN A 160 8.77 7.93 -1.42
N PRO A 161 8.44 6.79 -0.78
CA PRO A 161 9.24 5.56 -0.93
C PRO A 161 9.48 5.26 -2.40
N LYS A 162 8.53 5.74 -3.21
CA LYS A 162 8.53 5.63 -4.67
C LYS A 162 7.86 4.32 -5.08
N VAL A 163 8.13 3.24 -4.33
CA VAL A 163 7.45 1.97 -4.56
C VAL A 163 6.29 1.79 -3.59
N CYS A 164 5.11 1.40 -4.10
CA CYS A 164 3.94 1.24 -3.24
C CYS A 164 3.09 0.04 -3.63
N ALA A 165 3.36 -1.08 -2.97
CA ALA A 165 2.73 -2.38 -3.24
C ALA A 165 1.42 -2.60 -2.48
N LEU A 166 0.63 -1.54 -2.36
CA LEU A 166 -0.69 -1.58 -1.69
C LEU A 166 -1.37 -2.95 -1.84
N PHE A 167 -1.87 -3.49 -0.74
CA PHE A 167 -2.69 -4.70 -0.79
C PHE A 167 -3.78 -4.66 0.27
N ILE A 168 -5.04 -4.62 -0.14
CA ILE A 168 -6.12 -4.73 0.84
C ILE A 168 -6.91 -6.02 0.63
N MET A 169 -7.01 -6.77 1.71
CA MET A 169 -7.78 -8.00 1.72
C MET A 169 -8.93 -7.86 2.72
N LYS A 170 -9.91 -8.73 2.63
CA LYS A 170 -11.09 -8.58 3.48
C LYS A 170 -11.32 -9.79 4.38
N GLY A 171 -11.89 -9.50 5.52
CA GLY A 171 -12.54 -10.50 6.34
C GLY A 171 -11.73 -10.93 7.54
N THR A 172 -10.40 -10.90 7.45
CA THR A 172 -9.55 -11.29 8.57
C THR A 172 -8.07 -11.08 8.27
N ALA A 173 -7.27 -11.01 9.34
CA ALA A 173 -5.82 -11.06 9.24
C ALA A 173 -5.35 -12.51 9.22
N ASP A 174 -6.27 -13.43 9.49
CA ASP A 174 -5.96 -14.85 9.56
C ASP A 174 -5.70 -15.44 8.18
N GLY A 1 -6.27 -19.19 1.35
CA GLY A 1 -7.45 -18.58 0.78
C GLY A 1 -7.31 -17.08 0.65
N LEU A 2 -6.09 -16.64 0.38
CA LEU A 2 -5.77 -15.23 0.28
C LEU A 2 -6.41 -14.64 -0.98
N ALA A 3 -6.42 -15.44 -2.04
CA ALA A 3 -6.99 -15.02 -3.32
C ALA A 3 -8.50 -14.85 -3.22
N ASP A 4 -9.11 -15.53 -2.25
CA ASP A 4 -10.55 -15.48 -2.06
C ASP A 4 -10.95 -14.16 -1.41
N LYS A 5 -10.08 -13.64 -0.56
CA LYS A 5 -10.43 -12.49 0.25
C LYS A 5 -10.01 -11.18 -0.41
N VAL A 6 -8.95 -11.22 -1.22
CA VAL A 6 -8.49 -9.99 -1.88
C VAL A 6 -9.59 -9.36 -2.73
N ILE A 7 -9.94 -8.13 -2.38
CA ILE A 7 -10.94 -7.39 -3.14
C ILE A 7 -10.27 -6.37 -4.04
N TRP A 8 -9.07 -5.97 -3.66
CA TRP A 8 -8.38 -4.90 -4.34
C TRP A 8 -6.88 -4.99 -4.05
N ALA A 9 -6.06 -4.84 -5.07
CA ALA A 9 -4.62 -4.88 -4.90
C ALA A 9 -3.91 -4.10 -5.99
N VAL A 10 -2.99 -3.23 -5.60
CA VAL A 10 -2.24 -2.43 -6.55
C VAL A 10 -0.79 -2.31 -6.14
N ASN A 11 0.08 -2.68 -7.05
CA ASN A 11 1.48 -2.36 -6.92
C ASN A 11 1.76 -1.12 -7.74
N ALA A 12 1.61 0.03 -7.10
CA ALA A 12 1.84 1.29 -7.76
C ALA A 12 3.27 1.37 -8.21
N GLY A 13 3.45 1.15 -9.50
CA GLY A 13 4.75 1.22 -10.11
C GLY A 13 4.88 0.31 -11.30
N GLY A 14 4.02 -0.69 -11.38
CA GLY A 14 4.11 -1.64 -12.47
C GLY A 14 2.75 -1.99 -13.06
N GLU A 15 2.72 -3.05 -13.85
CA GLU A 15 1.48 -3.47 -14.49
C GLU A 15 1.10 -4.89 -14.09
N SER A 16 -0.07 -4.99 -13.46
CA SER A 16 -0.78 -6.26 -13.21
C SER A 16 0.11 -7.49 -12.92
N HIS A 17 0.09 -7.96 -11.68
CA HIS A 17 0.87 -9.14 -11.32
C HIS A 17 0.16 -9.95 -10.24
N VAL A 18 0.26 -11.25 -10.33
CA VAL A 18 -0.36 -12.18 -9.41
C VAL A 18 0.69 -12.74 -8.45
N ASP A 19 0.53 -12.46 -7.17
CA ASP A 19 1.39 -13.05 -6.15
C ASP A 19 1.07 -14.53 -6.01
N VAL A 20 2.08 -15.32 -5.66
CA VAL A 20 1.97 -16.78 -5.62
C VAL A 20 0.86 -17.30 -4.70
N HIS A 21 0.35 -16.47 -3.80
CA HIS A 21 -0.76 -16.87 -2.94
C HIS A 21 -2.07 -16.57 -3.64
N GLY A 22 -1.97 -15.82 -4.73
CA GLY A 22 -3.12 -15.54 -5.56
C GLY A 22 -3.59 -14.10 -5.46
N ILE A 23 -2.67 -13.17 -5.27
CA ILE A 23 -3.07 -11.77 -5.17
C ILE A 23 -2.75 -11.03 -6.46
N HIS A 24 -3.77 -10.75 -7.25
CA HIS A 24 -3.60 -10.10 -8.53
C HIS A 24 -3.68 -8.58 -8.38
N TYR A 25 -2.53 -7.94 -8.46
CA TYR A 25 -2.45 -6.50 -8.43
C TYR A 25 -2.72 -5.94 -9.81
N ARG A 26 -3.48 -4.86 -9.89
CA ARG A 26 -3.80 -4.26 -11.17
C ARG A 26 -2.83 -3.13 -11.48
N LYS A 27 -2.58 -2.94 -12.78
CA LYS A 27 -1.71 -1.89 -13.31
C LYS A 27 -1.92 -0.55 -12.62
N ASP A 28 -0.81 0.16 -12.43
CA ASP A 28 -0.76 1.44 -11.71
C ASP A 28 -1.88 2.41 -12.09
N PRO A 29 -2.87 2.55 -11.19
CA PRO A 29 -3.96 3.51 -11.34
C PRO A 29 -3.76 4.81 -10.53
N LEU A 30 -3.89 4.70 -9.20
CA LEU A 30 -3.88 5.84 -8.28
C LEU A 30 -5.07 6.75 -8.51
N GLU A 31 -4.98 7.51 -9.58
CA GLU A 31 -5.93 8.58 -9.84
C GLU A 31 -6.00 8.91 -11.33
N GLY A 32 -6.41 7.93 -12.13
CA GLY A 32 -6.55 8.15 -13.56
C GLY A 32 -5.25 8.01 -14.30
N ARG A 33 -4.19 7.72 -13.56
CA ARG A 33 -2.86 7.67 -14.12
C ARG A 33 -2.52 6.26 -14.56
N VAL A 34 -3.35 5.73 -15.45
CA VAL A 34 -3.22 4.35 -15.87
C VAL A 34 -2.59 4.26 -17.25
N GLY A 35 -1.61 3.37 -17.38
CA GLY A 35 -0.97 3.18 -18.66
C GLY A 35 0.47 3.63 -18.66
N ARG A 36 1.03 3.85 -17.47
CA ARG A 36 2.42 4.25 -17.37
C ARG A 36 3.29 3.09 -16.89
N ALA A 37 3.08 2.68 -15.64
CA ALA A 37 3.85 1.61 -15.01
C ALA A 37 5.33 1.96 -14.93
N SER A 38 6.07 1.65 -15.99
CA SER A 38 7.54 1.75 -16.00
C SER A 38 8.13 0.59 -15.20
N ASP A 39 7.54 -0.60 -15.38
CA ASP A 39 7.99 -1.81 -14.71
C ASP A 39 9.20 -2.42 -15.41
N TYR A 40 10.17 -1.56 -15.72
CA TYR A 40 11.41 -1.97 -16.36
C TYR A 40 12.58 -1.39 -15.61
N GLY A 41 13.54 -2.23 -15.25
CA GLY A 41 14.65 -1.79 -14.45
C GLY A 41 14.22 -1.55 -13.03
N MET A 42 13.95 -2.63 -12.32
CA MET A 42 13.46 -2.57 -10.95
C MET A 42 14.47 -1.88 -10.06
N LYS A 43 15.76 -2.16 -10.30
CA LYS A 43 16.85 -1.40 -9.70
C LYS A 43 17.08 -1.70 -8.23
N LEU A 44 16.04 -1.65 -7.41
CA LEU A 44 16.19 -1.91 -5.99
C LEU A 44 15.41 -3.14 -5.59
N PRO A 45 15.91 -4.33 -5.95
CA PRO A 45 15.24 -5.60 -5.60
C PRO A 45 15.00 -5.73 -4.09
N ILE A 46 13.75 -5.98 -3.73
CA ILE A 46 13.36 -6.17 -2.34
C ILE A 46 13.80 -7.56 -1.85
N LEU A 47 14.73 -7.57 -0.91
CA LEU A 47 15.38 -8.80 -0.46
C LEU A 47 14.48 -9.66 0.42
N ARG A 48 13.29 -9.18 0.71
CA ARG A 48 12.41 -9.89 1.64
C ARG A 48 11.18 -10.43 0.92
N SER A 49 11.29 -10.64 -0.39
CA SER A 49 10.18 -11.19 -1.17
C SER A 49 10.65 -12.14 -2.26
N ASN A 50 9.74 -13.01 -2.68
CA ASN A 50 9.92 -13.90 -3.83
C ASN A 50 10.08 -13.07 -5.10
N PRO A 51 11.11 -13.30 -5.92
CA PRO A 51 11.49 -12.45 -7.06
C PRO A 51 10.30 -11.90 -7.89
N GLU A 52 9.33 -12.76 -8.19
CA GLU A 52 8.16 -12.35 -8.97
C GLU A 52 7.37 -11.31 -8.19
N ASP A 53 7.08 -11.70 -6.98
CA ASP A 53 6.25 -10.93 -6.09
C ASP A 53 7.07 -9.84 -5.42
N GLN A 54 8.37 -9.89 -5.66
CA GLN A 54 9.28 -8.83 -5.29
C GLN A 54 8.97 -7.61 -6.15
N VAL A 55 8.71 -7.88 -7.43
CA VAL A 55 8.20 -6.86 -8.33
C VAL A 55 6.90 -6.32 -7.77
N LEU A 56 6.00 -7.23 -7.43
CA LEU A 56 4.71 -6.85 -6.86
C LEU A 56 4.91 -6.00 -5.61
N TYR A 57 5.95 -6.29 -4.87
CA TYR A 57 6.19 -5.65 -3.59
C TYR A 57 7.12 -4.45 -3.75
N GLN A 58 7.53 -4.16 -4.98
CA GLN A 58 8.37 -3.01 -5.24
C GLN A 58 7.79 -2.13 -6.36
N THR A 59 8.47 -2.15 -7.51
CA THR A 59 8.20 -1.27 -8.67
C THR A 59 7.60 0.11 -8.31
N GLU A 60 8.41 1.16 -8.46
CA GLU A 60 8.03 2.51 -8.03
C GLU A 60 7.12 3.23 -9.04
N ARG A 61 6.08 3.89 -8.53
CA ARG A 61 5.25 4.78 -9.34
C ARG A 61 5.44 6.22 -8.89
N TYR A 62 6.59 6.79 -9.24
CA TYR A 62 6.91 8.18 -8.94
C TYR A 62 5.77 9.11 -9.38
N ASN A 63 5.40 10.05 -8.51
CA ASN A 63 4.29 10.95 -8.81
C ASN A 63 4.66 12.38 -8.48
N GLU A 64 4.47 12.78 -7.22
CA GLU A 64 4.78 14.14 -6.77
C GLU A 64 4.43 14.30 -5.29
N ASP A 65 3.14 14.37 -4.99
CA ASP A 65 2.65 14.55 -3.63
C ASP A 65 1.15 14.25 -3.58
N SER A 66 0.66 13.90 -2.40
CA SER A 66 -0.74 13.57 -2.19
C SER A 66 -1.23 12.58 -3.23
N PHE A 67 -0.69 11.38 -3.20
CA PHE A 67 -1.04 10.37 -4.17
C PHE A 67 -1.48 9.10 -3.48
N GLY A 68 -2.55 8.50 -3.99
CA GLY A 68 -3.12 7.35 -3.34
C GLY A 68 -4.13 6.62 -4.20
N TYR A 69 -5.08 5.95 -3.56
CA TYR A 69 -6.02 5.06 -4.25
C TYR A 69 -7.41 5.11 -3.62
N ASP A 70 -8.37 4.53 -4.32
CA ASP A 70 -9.71 4.32 -3.78
C ASP A 70 -10.04 2.84 -3.86
N ILE A 71 -10.40 2.27 -2.71
CA ILE A 71 -10.81 0.87 -2.63
C ILE A 71 -12.31 0.79 -2.48
N PRO A 72 -13.05 0.60 -3.58
CA PRO A 72 -14.50 0.47 -3.51
C PRO A 72 -14.93 -0.67 -2.60
N ILE A 73 -15.71 -0.33 -1.58
CA ILE A 73 -16.16 -1.33 -0.62
C ILE A 73 -17.68 -1.28 -0.48
N LYS A 74 -18.31 -2.44 -0.52
CA LYS A 74 -19.74 -2.54 -0.29
C LYS A 74 -20.06 -3.66 0.69
N GLU A 75 -19.05 -4.13 1.42
CA GLU A 75 -19.25 -5.28 2.29
C GLU A 75 -18.60 -5.04 3.65
N GLU A 76 -18.80 -5.96 4.57
CA GLU A 76 -18.28 -5.83 5.92
C GLU A 76 -17.40 -7.02 6.27
N GLY A 77 -16.60 -6.87 7.32
CA GLY A 77 -15.63 -7.87 7.68
C GLY A 77 -14.32 -7.22 8.05
N GLU A 78 -13.28 -8.02 8.31
CA GLU A 78 -11.99 -7.45 8.69
C GLU A 78 -11.14 -7.23 7.43
N TYR A 79 -11.01 -6.00 6.98
CA TYR A 79 -10.26 -5.77 5.77
C TYR A 79 -8.83 -5.47 6.15
N VAL A 80 -7.94 -6.23 5.61
CA VAL A 80 -6.56 -6.15 6.03
C VAL A 80 -5.69 -5.69 4.90
N LEU A 81 -5.25 -4.45 5.00
CA LEU A 81 -4.39 -3.88 4.00
C LEU A 81 -2.95 -4.20 4.35
N VAL A 82 -2.37 -5.15 3.63
CA VAL A 82 -0.96 -5.42 3.76
C VAL A 82 -0.26 -4.80 2.57
N LEU A 83 0.38 -3.67 2.80
CA LEU A 83 1.03 -2.97 1.72
C LEU A 83 2.53 -2.98 1.91
N LYS A 84 3.25 -3.28 0.84
CA LYS A 84 4.69 -3.25 0.90
C LYS A 84 5.20 -1.89 0.47
N PHE A 85 5.98 -1.28 1.32
CA PHE A 85 6.60 -0.02 1.04
C PHE A 85 8.09 -0.20 0.84
N ALA A 86 8.64 0.54 -0.11
CA ALA A 86 10.08 0.55 -0.33
C ALA A 86 10.50 1.91 -0.87
N GLU A 87 11.30 2.64 -0.09
CA GLU A 87 11.83 3.91 -0.55
C GLU A 87 13.19 3.69 -1.19
N VAL A 88 13.36 4.21 -2.39
CA VAL A 88 14.59 3.99 -3.15
C VAL A 88 15.67 4.96 -2.70
N TYR A 89 15.26 6.14 -2.26
CA TYR A 89 16.21 7.12 -1.75
C TYR A 89 16.27 7.04 -0.23
N PHE A 90 16.48 5.83 0.27
CA PHE A 90 16.53 5.58 1.70
C PHE A 90 17.85 6.05 2.29
N ALA A 91 17.84 7.22 2.92
CA ALA A 91 19.02 7.72 3.61
C ALA A 91 18.67 8.67 4.76
N GLN A 92 17.41 8.68 5.17
CA GLN A 92 16.97 9.58 6.23
C GLN A 92 15.64 9.10 6.80
N SER A 93 15.52 9.18 8.12
CA SER A 93 14.30 8.79 8.80
C SER A 93 13.50 10.02 9.20
N GLN A 94 13.91 10.66 10.28
CA GLN A 94 13.24 11.86 10.74
C GLN A 94 13.41 12.96 9.70
N GLN A 95 12.35 13.74 9.52
CA GLN A 95 12.29 14.80 8.50
C GLN A 95 12.04 14.21 7.12
N LYS A 96 11.97 12.88 7.07
CA LYS A 96 11.54 12.17 5.88
C LYS A 96 10.41 11.23 6.28
N VAL A 97 9.43 11.80 6.97
CA VAL A 97 8.36 11.01 7.55
C VAL A 97 7.07 11.23 6.76
N PHE A 98 6.57 10.15 6.20
CA PHE A 98 5.43 10.19 5.31
C PHE A 98 4.12 10.04 6.05
N ASP A 99 3.04 10.51 5.47
CA ASP A 99 1.74 10.39 6.08
C ASP A 99 0.92 9.36 5.31
N VAL A 100 0.25 8.49 6.04
CA VAL A 100 -0.48 7.37 5.44
C VAL A 100 -1.84 7.19 6.09
N ARG A 101 -2.87 7.25 5.26
CA ARG A 101 -4.25 7.22 5.71
C ARG A 101 -5.03 6.08 5.03
N VAL A 102 -5.88 5.42 5.80
CA VAL A 102 -6.78 4.42 5.27
C VAL A 102 -8.24 4.86 5.50
N ASN A 103 -8.88 5.31 4.43
CA ASN A 103 -10.20 5.93 4.51
C ASN A 103 -10.09 7.18 5.38
N GLY A 104 -9.00 7.91 5.16
CA GLY A 104 -8.77 9.12 5.92
C GLY A 104 -8.01 8.87 7.20
N HIS A 105 -8.06 7.63 7.68
CA HIS A 105 -7.49 7.26 8.95
C HIS A 105 -5.97 7.19 8.90
N THR A 106 -5.31 8.18 9.47
CA THR A 106 -3.86 8.21 9.51
C THR A 106 -3.30 7.15 10.43
N VAL A 107 -3.00 5.99 9.86
CA VAL A 107 -2.42 4.89 10.62
C VAL A 107 -0.94 5.17 10.87
N VAL A 108 -0.26 5.67 9.85
CA VAL A 108 1.15 5.98 9.98
C VAL A 108 1.44 7.36 9.43
N LYS A 109 1.38 8.35 10.30
CA LYS A 109 1.73 9.70 9.91
C LYS A 109 3.09 10.07 10.49
N ASP A 110 4.10 9.45 9.89
CA ASP A 110 5.51 9.58 10.29
C ASP A 110 6.28 8.42 9.71
N LEU A 111 5.83 7.97 8.52
CA LEU A 111 6.36 6.79 7.87
C LEU A 111 7.77 7.04 7.36
N ASP A 112 8.74 6.84 8.23
CA ASP A 112 10.14 6.88 7.87
C ASP A 112 10.65 5.46 7.65
N ILE A 113 10.51 4.99 6.42
CA ILE A 113 10.82 3.61 6.07
C ILE A 113 12.27 3.26 6.38
N PHE A 114 13.17 4.20 6.09
CA PHE A 114 14.59 4.06 6.40
C PHE A 114 14.82 3.68 7.86
N ASP A 115 14.02 4.23 8.77
CA ASP A 115 14.13 3.88 10.18
C ASP A 115 13.56 2.49 10.44
N ARG A 116 12.49 2.16 9.74
CA ARG A 116 11.73 0.96 10.02
C ARG A 116 12.48 -0.28 9.56
N VAL A 117 12.91 -0.28 8.31
CA VAL A 117 13.61 -1.43 7.75
C VAL A 117 15.12 -1.22 7.74
N GLY A 118 15.56 0.03 7.76
CA GLY A 118 16.97 0.31 7.79
C GLY A 118 17.56 0.36 6.40
N HIS A 119 17.91 -0.80 5.87
CA HIS A 119 18.55 -0.86 4.57
C HIS A 119 17.67 -1.55 3.55
N SER A 120 17.13 -0.76 2.61
CA SER A 120 16.31 -1.26 1.52
C SER A 120 15.28 -2.30 1.99
N THR A 121 15.30 -3.49 1.39
CA THR A 121 14.41 -4.60 1.73
C THR A 121 12.93 -4.20 1.67
N ALA A 122 12.06 -5.06 2.17
CA ALA A 122 10.63 -4.81 2.13
C ALA A 122 10.10 -4.28 3.45
N HIS A 123 9.37 -3.19 3.38
CA HIS A 123 8.61 -2.71 4.51
C HIS A 123 7.15 -3.09 4.28
N ASP A 124 6.40 -3.38 5.33
CA ASP A 124 5.00 -3.69 5.16
C ASP A 124 4.16 -3.12 6.28
N GLU A 125 3.12 -2.41 5.89
CA GLU A 125 2.13 -1.92 6.82
C GLU A 125 0.92 -2.85 6.76
N ILE A 126 0.65 -3.53 7.87
CA ILE A 126 -0.51 -4.40 7.95
C ILE A 126 -1.61 -3.69 8.72
N ILE A 127 -2.63 -3.25 8.02
CA ILE A 127 -3.68 -2.43 8.61
C ILE A 127 -5.04 -3.15 8.55
N PRO A 128 -5.38 -3.94 9.60
CA PRO A 128 -6.70 -4.55 9.72
C PRO A 128 -7.76 -3.55 10.17
N ILE A 129 -8.77 -3.37 9.33
CA ILE A 129 -9.91 -2.53 9.65
C ILE A 129 -11.11 -3.44 9.85
N SER A 130 -11.98 -3.09 10.76
CA SER A 130 -13.16 -3.87 10.96
C SER A 130 -14.39 -3.09 10.57
N ILE A 131 -15.01 -3.46 9.44
CA ILE A 131 -16.22 -2.79 8.99
C ILE A 131 -17.43 -3.63 9.36
N LYS A 132 -18.34 -3.05 10.14
CA LYS A 132 -19.57 -3.71 10.54
C LYS A 132 -20.65 -2.67 10.73
N LYS A 133 -21.86 -2.98 10.25
CA LYS A 133 -22.99 -2.08 10.36
C LYS A 133 -22.71 -0.77 9.64
N GLY A 134 -21.90 -0.89 8.60
CA GLY A 134 -21.55 0.26 7.78
C GLY A 134 -20.54 1.17 8.47
N LYS A 135 -19.95 0.70 9.55
CA LYS A 135 -18.98 1.47 10.30
C LYS A 135 -17.60 0.83 10.19
N LEU A 136 -16.58 1.67 10.10
CA LEU A 136 -15.22 1.20 9.85
C LEU A 136 -14.36 1.47 11.09
N SER A 137 -13.81 0.42 11.67
CA SER A 137 -12.95 0.56 12.84
C SER A 137 -11.51 0.20 12.49
N VAL A 138 -10.63 1.19 12.45
CA VAL A 138 -9.22 0.94 12.22
C VAL A 138 -8.52 0.83 13.56
N GLN A 139 -8.39 -0.40 14.04
CA GLN A 139 -7.83 -0.69 15.35
C GLN A 139 -8.65 -0.02 16.45
N GLY A 140 -8.31 1.22 16.79
CA GLY A 140 -9.02 1.90 17.85
C GLY A 140 -9.94 2.99 17.34
N GLU A 141 -9.79 3.36 16.07
CA GLU A 141 -10.60 4.44 15.51
C GLU A 141 -11.89 3.89 14.91
N VAL A 142 -13.01 4.24 15.51
CA VAL A 142 -14.30 3.80 15.00
C VAL A 142 -15.03 4.97 14.32
N SER A 143 -15.20 4.86 13.01
CA SER A 143 -15.83 5.90 12.23
C SER A 143 -16.59 5.26 11.08
N THR A 144 -17.79 5.75 10.80
CA THR A 144 -18.65 5.15 9.79
C THR A 144 -17.96 5.11 8.42
N PHE A 145 -18.16 4.00 7.73
CA PHE A 145 -17.56 3.80 6.42
C PHE A 145 -18.39 4.53 5.36
N THR A 146 -17.71 5.32 4.55
CA THR A 146 -18.38 6.17 3.59
C THR A 146 -17.91 5.89 2.15
N GLY A 147 -18.71 5.12 1.43
CA GLY A 147 -18.50 4.92 0.00
C GLY A 147 -17.40 3.93 -0.32
N LYS A 148 -16.17 4.27 0.00
CA LYS A 148 -15.04 3.40 -0.31
C LYS A 148 -13.85 3.73 0.57
N LEU A 149 -12.87 2.86 0.56
CA LEU A 149 -11.67 3.04 1.35
C LEU A 149 -10.73 3.98 0.59
N SER A 150 -9.99 4.84 1.27
CA SER A 150 -9.13 5.76 0.56
C SER A 150 -7.74 5.78 1.18
N VAL A 151 -6.78 5.21 0.46
CA VAL A 151 -5.40 5.19 0.96
C VAL A 151 -4.63 6.36 0.40
N GLU A 152 -4.33 7.31 1.26
CA GLU A 152 -3.61 8.51 0.88
C GLU A 152 -2.25 8.54 1.55
N PHE A 153 -1.23 8.94 0.81
CA PHE A 153 0.05 9.24 1.42
C PHE A 153 0.56 10.60 0.98
N VAL A 154 0.91 11.41 1.98
CA VAL A 154 1.27 12.80 1.79
C VAL A 154 2.78 13.01 1.94
N LYS A 155 3.31 13.93 1.14
CA LYS A 155 4.73 14.27 1.14
C LYS A 155 5.19 14.82 2.49
N GLY A 156 6.11 14.11 3.13
CA GLY A 156 6.69 14.58 4.37
C GLY A 156 8.03 15.25 4.15
N TYR A 157 8.44 15.30 2.89
CA TYR A 157 9.71 15.90 2.50
C TYR A 157 9.79 15.87 0.99
N TYR A 158 9.94 14.67 0.45
CA TYR A 158 9.85 14.38 -0.96
C TYR A 158 10.10 12.89 -1.14
N ASP A 159 10.09 12.41 -2.39
CA ASP A 159 10.28 10.98 -2.71
C ASP A 159 9.02 10.20 -2.36
N ASN A 160 8.55 10.37 -1.13
CA ASN A 160 7.33 9.75 -0.68
C ASN A 160 7.46 8.23 -0.69
N PRO A 161 6.39 7.48 -0.41
CA PRO A 161 6.35 6.06 -0.71
C PRO A 161 6.68 5.79 -2.18
N LYS A 162 7.98 5.62 -2.46
CA LYS A 162 8.46 5.41 -3.82
C LYS A 162 7.70 4.27 -4.50
N VAL A 163 7.76 3.09 -3.89
CA VAL A 163 7.03 1.96 -4.40
C VAL A 163 5.93 1.58 -3.43
N CYS A 164 4.76 1.25 -3.95
CA CYS A 164 3.63 0.96 -3.09
C CYS A 164 2.91 -0.33 -3.52
N ALA A 165 3.19 -1.39 -2.80
CA ALA A 165 2.67 -2.73 -3.05
C ALA A 165 1.34 -2.97 -2.34
N LEU A 166 0.51 -1.94 -2.28
CA LEU A 166 -0.70 -1.95 -1.46
C LEU A 166 -1.69 -3.03 -1.88
N PHE A 167 -1.93 -3.97 -0.98
CA PHE A 167 -2.89 -5.04 -1.19
C PHE A 167 -3.94 -5.05 -0.06
N ILE A 168 -5.22 -4.95 -0.42
CA ILE A 168 -6.27 -5.04 0.58
C ILE A 168 -7.12 -6.30 0.39
N MET A 169 -7.18 -7.10 1.44
CA MET A 169 -7.98 -8.31 1.44
C MET A 169 -9.16 -8.15 2.38
N LYS A 170 -10.15 -9.02 2.27
CA LYS A 170 -11.35 -8.90 3.07
C LYS A 170 -11.54 -10.05 4.04
N GLY A 171 -12.01 -9.69 5.21
CA GLY A 171 -12.62 -10.62 6.12
C GLY A 171 -11.75 -11.03 7.28
N THR A 172 -10.42 -11.03 7.13
CA THR A 172 -9.54 -11.46 8.21
C THR A 172 -8.07 -11.16 7.93
N ALA A 173 -7.31 -11.00 9.02
CA ALA A 173 -5.86 -10.95 8.96
C ALA A 173 -5.28 -12.35 9.02
N ASP A 174 -6.15 -13.32 9.30
CA ASP A 174 -5.74 -14.71 9.45
C ASP A 174 -5.32 -15.32 8.12
N GLY A 1 -5.81 -19.17 1.21
CA GLY A 1 -7.00 -18.80 0.49
C GLY A 1 -7.10 -17.30 0.33
N LEU A 2 -5.97 -16.64 0.52
CA LEU A 2 -5.87 -15.20 0.40
C LEU A 2 -6.35 -14.73 -0.97
N ALA A 3 -6.13 -15.59 -1.95
CA ALA A 3 -6.48 -15.30 -3.35
C ALA A 3 -7.96 -14.95 -3.51
N ASP A 4 -8.83 -15.68 -2.84
CA ASP A 4 -10.26 -15.49 -3.05
C ASP A 4 -10.83 -14.38 -2.17
N LYS A 5 -10.12 -13.97 -1.12
CA LYS A 5 -10.65 -12.93 -0.23
C LYS A 5 -10.19 -11.54 -0.66
N VAL A 6 -9.17 -11.47 -1.52
CA VAL A 6 -8.71 -10.17 -2.00
C VAL A 6 -9.84 -9.38 -2.64
N ILE A 7 -9.98 -8.15 -2.20
CA ILE A 7 -11.00 -7.25 -2.73
C ILE A 7 -10.40 -6.35 -3.78
N TRP A 8 -9.13 -6.05 -3.61
CA TRP A 8 -8.48 -5.03 -4.40
C TRP A 8 -6.97 -5.01 -4.09
N ALA A 9 -6.14 -5.00 -5.10
CA ALA A 9 -4.71 -4.99 -4.89
C ALA A 9 -3.99 -4.30 -6.04
N VAL A 10 -3.01 -3.47 -5.71
CA VAL A 10 -2.22 -2.84 -6.74
C VAL A 10 -0.78 -2.59 -6.30
N ASN A 11 0.12 -2.83 -7.22
CA ASN A 11 1.50 -2.41 -7.05
C ASN A 11 1.66 -1.12 -7.83
N ALA A 12 1.71 -0.01 -7.10
CA ALA A 12 2.01 1.25 -7.71
C ALA A 12 3.45 1.21 -8.18
N GLY A 13 3.59 0.75 -9.42
CA GLY A 13 4.88 0.59 -10.02
C GLY A 13 4.78 0.02 -11.43
N GLY A 14 3.89 -0.94 -11.62
CA GLY A 14 3.80 -1.59 -12.91
C GLY A 14 2.37 -1.97 -13.27
N GLU A 15 2.23 -2.94 -14.18
CA GLU A 15 0.92 -3.35 -14.66
C GLU A 15 0.64 -4.82 -14.35
N SER A 16 -0.44 -5.03 -13.58
CA SER A 16 -1.03 -6.34 -13.27
C SER A 16 -0.04 -7.49 -13.01
N HIS A 17 0.00 -7.98 -11.77
CA HIS A 17 0.76 -9.19 -11.44
C HIS A 17 0.08 -10.00 -10.34
N VAL A 18 -0.08 -11.28 -10.61
CA VAL A 18 -0.60 -12.22 -9.64
C VAL A 18 0.55 -12.76 -8.79
N ASP A 19 0.53 -12.47 -7.51
CA ASP A 19 1.55 -12.93 -6.59
C ASP A 19 1.24 -14.36 -6.15
N VAL A 20 2.26 -15.01 -5.58
CA VAL A 20 2.22 -16.43 -5.26
C VAL A 20 1.13 -16.77 -4.25
N HIS A 21 0.65 -15.74 -3.56
CA HIS A 21 -0.43 -15.89 -2.61
C HIS A 21 -1.78 -15.82 -3.33
N GLY A 22 -1.70 -15.60 -4.64
CA GLY A 22 -2.88 -15.49 -5.47
C GLY A 22 -3.41 -14.08 -5.49
N ILE A 23 -2.54 -13.11 -5.26
CA ILE A 23 -2.98 -11.73 -5.15
C ILE A 23 -2.64 -10.94 -6.42
N HIS A 24 -3.68 -10.55 -7.13
CA HIS A 24 -3.54 -9.91 -8.43
C HIS A 24 -3.50 -8.39 -8.30
N TYR A 25 -2.34 -7.80 -8.57
CA TYR A 25 -2.19 -6.36 -8.49
C TYR A 25 -2.61 -5.70 -9.79
N ARG A 26 -3.19 -4.51 -9.68
CA ARG A 26 -3.74 -3.79 -10.84
C ARG A 26 -2.73 -2.79 -11.40
N LYS A 27 -3.05 -2.24 -12.55
CA LYS A 27 -2.10 -1.43 -13.33
C LYS A 27 -2.06 0.02 -12.89
N ASP A 28 -1.28 0.25 -11.83
CA ASP A 28 -0.87 1.61 -11.37
C ASP A 28 -1.97 2.69 -11.47
N PRO A 29 -3.19 2.37 -11.02
CA PRO A 29 -4.41 3.08 -11.37
C PRO A 29 -4.82 4.14 -10.33
N LEU A 30 -3.89 4.99 -9.95
CA LEU A 30 -4.15 6.01 -8.95
C LEU A 30 -4.84 7.24 -9.52
N GLU A 31 -4.05 8.21 -9.92
CA GLU A 31 -4.58 9.54 -10.23
C GLU A 31 -4.91 9.69 -11.71
N GLY A 32 -5.66 8.74 -12.24
CA GLY A 32 -6.03 8.79 -13.65
C GLY A 32 -4.93 8.26 -14.54
N ARG A 33 -3.81 7.92 -13.91
CA ARG A 33 -2.68 7.34 -14.61
C ARG A 33 -2.86 5.84 -14.68
N VAL A 34 -3.77 5.38 -15.50
CA VAL A 34 -4.05 3.95 -15.57
C VAL A 34 -3.39 3.34 -16.80
N GLY A 35 -2.46 2.43 -16.56
CA GLY A 35 -1.73 1.83 -17.65
C GLY A 35 -0.49 2.63 -17.98
N ARG A 36 0.11 3.23 -16.96
CA ARG A 36 1.30 4.03 -17.14
C ARG A 36 2.53 3.20 -16.79
N ALA A 37 2.41 2.49 -15.68
CA ALA A 37 3.47 1.63 -15.14
C ALA A 37 4.75 2.40 -14.85
N SER A 38 5.55 2.63 -15.89
CA SER A 38 6.89 3.17 -15.73
C SER A 38 7.71 2.26 -14.84
N ASP A 39 7.93 1.04 -15.33
CA ASP A 39 8.69 0.02 -14.60
C ASP A 39 10.18 0.33 -14.60
N TYR A 40 10.53 1.45 -13.99
CA TYR A 40 11.92 1.82 -13.84
C TYR A 40 12.32 1.74 -12.38
N GLY A 41 11.49 1.06 -11.62
CA GLY A 41 11.83 0.73 -10.25
C GLY A 41 12.32 -0.69 -10.12
N MET A 42 12.51 -1.35 -11.26
CA MET A 42 12.98 -2.72 -11.29
C MET A 42 14.45 -2.77 -10.91
N LYS A 43 15.05 -1.60 -10.89
CA LYS A 43 16.44 -1.43 -10.47
C LYS A 43 16.55 -1.34 -8.95
N LEU A 44 15.40 -1.40 -8.28
CA LEU A 44 15.35 -1.43 -6.83
C LEU A 44 14.73 -2.73 -6.36
N PRO A 45 15.52 -3.82 -6.33
CA PRO A 45 15.04 -5.14 -5.89
C PRO A 45 14.76 -5.18 -4.40
N ILE A 46 13.57 -5.64 -4.03
CA ILE A 46 13.25 -5.82 -2.62
C ILE A 46 13.82 -7.16 -2.14
N LEU A 47 14.86 -7.04 -1.31
CA LEU A 47 15.63 -8.20 -0.85
C LEU A 47 14.82 -9.14 0.03
N ARG A 48 13.71 -8.66 0.57
CA ARG A 48 12.94 -9.47 1.50
C ARG A 48 11.85 -10.28 0.79
N SER A 49 11.63 -9.99 -0.48
CA SER A 49 10.54 -10.58 -1.21
C SER A 49 11.00 -11.61 -2.24
N ASN A 50 10.07 -12.48 -2.64
CA ASN A 50 10.34 -13.59 -3.56
C ASN A 50 10.10 -13.11 -5.00
N PRO A 51 10.90 -13.57 -5.98
CA PRO A 51 10.99 -12.97 -7.33
C PRO A 51 9.66 -12.46 -7.92
N GLU A 52 8.60 -13.27 -7.88
CA GLU A 52 7.32 -12.85 -8.45
C GLU A 52 6.79 -11.67 -7.67
N ASP A 53 6.68 -11.87 -6.38
CA ASP A 53 6.10 -10.87 -5.52
C ASP A 53 7.10 -9.76 -5.25
N GLN A 54 8.37 -10.01 -5.55
CA GLN A 54 9.39 -8.98 -5.49
C GLN A 54 9.02 -7.84 -6.42
N VAL A 55 8.69 -8.16 -7.67
CA VAL A 55 8.17 -7.16 -8.60
C VAL A 55 6.95 -6.48 -8.00
N LEU A 56 6.05 -7.30 -7.49
CA LEU A 56 4.84 -6.82 -6.83
C LEU A 56 5.17 -5.88 -5.67
N TYR A 57 6.38 -5.96 -5.20
CA TYR A 57 6.80 -5.23 -4.02
C TYR A 57 7.96 -4.28 -4.31
N GLN A 58 8.36 -4.16 -5.56
CA GLN A 58 9.59 -3.41 -5.89
C GLN A 58 9.33 -2.24 -6.83
N THR A 59 8.43 -2.45 -7.76
CA THR A 59 8.15 -1.46 -8.78
C THR A 59 7.48 -0.21 -8.16
N GLU A 60 7.86 0.99 -8.61
CA GLU A 60 7.50 2.23 -7.88
C GLU A 60 6.72 3.26 -8.72
N ARG A 61 6.51 3.01 -10.01
CA ARG A 61 5.72 3.90 -10.88
C ARG A 61 6.45 5.20 -11.17
N TYR A 62 6.32 6.14 -10.23
CA TYR A 62 6.68 7.52 -10.47
C TYR A 62 6.32 8.35 -9.23
N ASN A 63 7.32 8.89 -8.54
CA ASN A 63 7.05 9.69 -7.35
C ASN A 63 6.30 10.95 -7.75
N GLU A 64 5.27 11.29 -7.00
CA GLU A 64 4.34 12.32 -7.43
C GLU A 64 3.87 13.18 -6.26
N ASP A 65 2.96 12.63 -5.48
CA ASP A 65 2.28 13.37 -4.42
C ASP A 65 1.49 12.35 -3.60
N SER A 66 0.52 12.80 -2.81
CA SER A 66 -0.34 11.90 -2.05
C SER A 66 -0.87 10.81 -2.97
N PHE A 67 -0.30 9.62 -2.83
CA PHE A 67 -0.67 8.49 -3.66
C PHE A 67 -1.99 7.94 -3.16
N GLY A 68 -3.03 8.17 -3.93
CA GLY A 68 -4.35 7.86 -3.48
C GLY A 68 -4.95 6.67 -4.20
N TYR A 69 -5.72 5.90 -3.46
CA TYR A 69 -6.38 4.72 -4.00
C TYR A 69 -7.85 4.69 -3.60
N ASP A 70 -8.70 4.50 -4.58
CA ASP A 70 -10.13 4.39 -4.34
C ASP A 70 -10.53 2.92 -4.36
N ILE A 71 -10.73 2.34 -3.18
CA ILE A 71 -11.22 0.98 -3.06
C ILE A 71 -12.69 1.01 -2.69
N PRO A 72 -13.57 1.03 -3.69
CA PRO A 72 -14.99 1.10 -3.42
C PRO A 72 -15.50 -0.15 -2.72
N ILE A 73 -16.00 0.02 -1.50
CA ILE A 73 -16.37 -1.11 -0.66
C ILE A 73 -17.88 -1.18 -0.48
N LYS A 74 -18.43 -2.39 -0.52
CA LYS A 74 -19.83 -2.59 -0.22
C LYS A 74 -20.00 -3.76 0.74
N GLU A 75 -18.91 -4.15 1.40
CA GLU A 75 -18.93 -5.34 2.25
C GLU A 75 -18.37 -5.02 3.64
N GLU A 76 -18.73 -5.84 4.61
CA GLU A 76 -18.22 -5.71 5.97
C GLU A 76 -17.30 -6.88 6.31
N GLY A 77 -16.62 -6.76 7.44
CA GLY A 77 -15.65 -7.77 7.83
C GLY A 77 -14.35 -7.11 8.27
N GLU A 78 -13.26 -7.87 8.33
CA GLU A 78 -11.98 -7.26 8.65
C GLU A 78 -11.16 -7.09 7.40
N TYR A 79 -10.93 -5.87 6.97
CA TYR A 79 -10.16 -5.65 5.76
C TYR A 79 -8.73 -5.43 6.15
N VAL A 80 -7.86 -6.24 5.61
CA VAL A 80 -6.48 -6.18 6.00
C VAL A 80 -5.62 -5.70 4.85
N LEU A 81 -5.18 -4.47 4.98
CA LEU A 81 -4.33 -3.86 3.98
C LEU A 81 -2.89 -4.19 4.30
N VAL A 82 -2.32 -5.11 3.56
CA VAL A 82 -0.92 -5.41 3.67
C VAL A 82 -0.22 -4.83 2.46
N LEU A 83 0.44 -3.71 2.65
CA LEU A 83 1.09 -3.07 1.53
C LEU A 83 2.59 -3.07 1.74
N LYS A 84 3.32 -3.46 0.71
CA LYS A 84 4.77 -3.44 0.80
C LYS A 84 5.28 -2.06 0.41
N PHE A 85 5.97 -1.45 1.34
CA PHE A 85 6.52 -0.13 1.15
C PHE A 85 8.04 -0.21 0.97
N ALA A 86 8.55 0.60 0.08
CA ALA A 86 9.99 0.70 -0.14
C ALA A 86 10.34 2.12 -0.59
N GLU A 87 11.50 2.63 -0.20
CA GLU A 87 11.88 4.00 -0.56
C GLU A 87 13.17 4.01 -1.38
N VAL A 88 13.64 5.20 -1.73
CA VAL A 88 14.81 5.32 -2.59
C VAL A 88 16.13 5.16 -1.81
N TYR A 89 16.48 6.11 -0.93
CA TYR A 89 17.71 6.00 -0.13
C TYR A 89 17.86 7.15 0.87
N PHE A 90 16.76 7.78 1.28
CA PHE A 90 16.85 8.94 2.18
C PHE A 90 17.32 8.50 3.57
N ALA A 91 18.58 8.76 3.85
CA ALA A 91 19.25 8.20 5.01
C ALA A 91 19.16 9.09 6.25
N GLN A 92 17.95 9.24 6.78
CA GLN A 92 17.77 9.85 8.09
C GLN A 92 16.48 9.31 8.72
N SER A 93 16.53 9.08 10.02
CA SER A 93 15.43 8.48 10.75
C SER A 93 14.70 9.52 11.59
N GLN A 94 13.41 9.28 11.86
CA GLN A 94 12.58 10.16 12.70
C GLN A 94 12.70 11.63 12.27
N GLN A 95 12.63 11.85 10.97
CA GLN A 95 12.79 13.17 10.40
C GLN A 95 11.86 13.30 9.20
N LYS A 96 12.11 12.46 8.22
CA LYS A 96 11.27 12.37 7.04
C LYS A 96 10.10 11.43 7.31
N VAL A 97 9.03 11.98 7.86
CA VAL A 97 7.87 11.17 8.23
C VAL A 97 6.69 11.46 7.31
N PHE A 98 6.19 10.40 6.69
CA PHE A 98 5.08 10.48 5.76
C PHE A 98 3.77 10.17 6.46
N ASP A 99 2.65 10.50 5.80
CA ASP A 99 1.35 10.12 6.35
C ASP A 99 0.77 8.98 5.55
N VAL A 100 0.22 8.00 6.24
CA VAL A 100 -0.47 6.89 5.61
C VAL A 100 -1.90 6.84 6.11
N ARG A 101 -2.86 6.97 5.19
CA ARG A 101 -4.26 7.07 5.56
C ARG A 101 -5.09 5.95 4.91
N VAL A 102 -6.01 5.41 5.68
CA VAL A 102 -6.91 4.36 5.24
C VAL A 102 -8.35 4.82 5.42
N ASN A 103 -8.97 5.28 4.34
CA ASN A 103 -10.31 5.86 4.38
C ASN A 103 -10.27 7.13 5.23
N GLY A 104 -9.23 7.92 5.00
CA GLY A 104 -9.07 9.16 5.72
C GLY A 104 -8.42 8.96 7.08
N HIS A 105 -8.19 7.72 7.44
CA HIS A 105 -7.68 7.37 8.75
C HIS A 105 -6.15 7.28 8.74
N THR A 106 -5.48 8.27 9.32
CA THR A 106 -4.03 8.25 9.39
C THR A 106 -3.52 7.18 10.33
N VAL A 107 -3.33 5.98 9.80
CA VAL A 107 -2.79 4.88 10.59
C VAL A 107 -1.33 5.16 10.93
N VAL A 108 -0.55 5.48 9.91
CA VAL A 108 0.86 5.77 10.12
C VAL A 108 1.18 7.17 9.65
N LYS A 109 1.04 8.15 10.53
CA LYS A 109 1.44 9.50 10.21
C LYS A 109 2.77 9.75 10.90
N ASP A 110 3.80 9.20 10.30
CA ASP A 110 5.15 9.19 10.86
C ASP A 110 6.00 8.19 10.09
N LEU A 111 5.66 7.95 8.84
CA LEU A 111 6.32 6.91 8.06
C LEU A 111 7.74 7.30 7.68
N ASP A 112 8.70 6.78 8.42
CA ASP A 112 10.11 6.94 8.09
C ASP A 112 10.73 5.57 7.82
N ILE A 113 10.60 5.13 6.57
CA ILE A 113 11.00 3.79 6.16
C ILE A 113 12.45 3.46 6.52
N PHE A 114 13.33 4.46 6.41
CA PHE A 114 14.74 4.28 6.72
C PHE A 114 14.95 3.82 8.15
N ASP A 115 14.16 4.35 9.08
CA ASP A 115 14.24 3.94 10.48
C ASP A 115 13.72 2.53 10.65
N ARG A 116 12.73 2.19 9.85
CA ARG A 116 12.04 0.91 10.00
C ARG A 116 12.90 -0.24 9.49
N VAL A 117 13.41 -0.10 8.27
CA VAL A 117 14.17 -1.19 7.65
C VAL A 117 15.63 -0.83 7.40
N GLY A 118 15.92 0.45 7.19
CA GLY A 118 17.28 0.85 6.89
C GLY A 118 17.61 0.69 5.42
N HIS A 119 17.80 -0.54 4.99
CA HIS A 119 18.08 -0.85 3.58
C HIS A 119 16.79 -0.77 2.77
N SER A 120 16.93 -0.44 1.49
CA SER A 120 15.78 -0.44 0.58
C SER A 120 15.32 -1.88 0.34
N THR A 121 14.56 -2.39 1.29
CA THR A 121 14.07 -3.75 1.27
C THR A 121 12.55 -3.74 1.41
N ALA A 122 12.00 -4.65 2.20
CA ALA A 122 10.56 -4.70 2.36
C ALA A 122 10.13 -4.08 3.68
N HIS A 123 9.36 -3.00 3.60
CA HIS A 123 8.70 -2.44 4.76
C HIS A 123 7.21 -2.61 4.63
N ASP A 124 6.63 -3.52 5.38
CA ASP A 124 5.26 -3.91 5.13
C ASP A 124 4.32 -3.31 6.18
N GLU A 125 3.42 -2.46 5.72
CA GLU A 125 2.39 -1.92 6.58
C GLU A 125 1.17 -2.83 6.57
N ILE A 126 0.92 -3.47 7.70
CA ILE A 126 -0.23 -4.35 7.84
C ILE A 126 -1.32 -3.64 8.63
N ILE A 127 -2.40 -3.30 7.95
CA ILE A 127 -3.45 -2.49 8.55
C ILE A 127 -4.80 -3.21 8.50
N PRO A 128 -5.16 -3.93 9.56
CA PRO A 128 -6.49 -4.53 9.69
C PRO A 128 -7.53 -3.53 10.15
N ILE A 129 -8.57 -3.35 9.35
CA ILE A 129 -9.68 -2.48 9.69
C ILE A 129 -10.91 -3.34 9.96
N SER A 130 -11.84 -2.82 10.73
CA SER A 130 -13.06 -3.54 11.01
C SER A 130 -14.28 -2.76 10.54
N ILE A 131 -14.88 -3.23 9.45
CA ILE A 131 -16.11 -2.62 8.95
C ILE A 131 -17.29 -3.46 9.37
N LYS A 132 -18.19 -2.86 10.13
CA LYS A 132 -19.40 -3.52 10.59
C LYS A 132 -20.50 -2.51 10.79
N LYS A 133 -21.70 -2.85 10.33
CA LYS A 133 -22.87 -1.99 10.47
C LYS A 133 -22.70 -0.71 9.66
N GLY A 134 -21.84 -0.78 8.66
CA GLY A 134 -21.56 0.37 7.84
C GLY A 134 -20.57 1.31 8.50
N LYS A 135 -19.96 0.86 9.60
CA LYS A 135 -18.95 1.66 10.27
C LYS A 135 -17.59 1.07 10.01
N LEU A 136 -16.55 1.82 10.33
CA LEU A 136 -15.19 1.41 10.02
C LEU A 136 -14.26 1.80 11.17
N SER A 137 -13.67 0.79 11.81
CA SER A 137 -12.76 1.02 12.92
C SER A 137 -11.32 0.67 12.53
N VAL A 138 -10.40 1.58 12.81
CA VAL A 138 -8.98 1.37 12.52
C VAL A 138 -8.11 1.64 13.73
N GLN A 139 -7.55 0.57 14.30
CA GLN A 139 -6.58 0.65 15.40
C GLN A 139 -7.07 1.52 16.55
N GLY A 140 -8.36 1.43 16.83
CA GLY A 140 -8.92 2.13 17.96
C GLY A 140 -9.75 3.32 17.55
N GLU A 141 -9.46 3.87 16.38
CA GLU A 141 -10.24 4.99 15.87
C GLU A 141 -11.48 4.45 15.16
N VAL A 142 -12.63 4.72 15.75
CA VAL A 142 -13.88 4.21 15.23
C VAL A 142 -14.67 5.32 14.55
N SER A 143 -15.04 5.07 13.31
CA SER A 143 -15.80 6.04 12.53
C SER A 143 -16.77 5.28 11.63
N THR A 144 -17.35 5.96 10.66
CA THR A 144 -18.21 5.29 9.70
C THR A 144 -17.45 4.99 8.42
N PHE A 145 -17.83 3.90 7.77
CA PHE A 145 -17.37 3.66 6.42
C PHE A 145 -18.25 4.45 5.48
N THR A 146 -17.63 5.33 4.71
CA THR A 146 -18.39 6.22 3.87
C THR A 146 -17.84 6.21 2.45
N GLY A 147 -18.46 5.39 1.60
CA GLY A 147 -18.12 5.37 0.20
C GLY A 147 -17.07 4.34 -0.16
N LYS A 148 -15.80 4.68 0.03
CA LYS A 148 -14.73 3.79 -0.38
C LYS A 148 -13.56 3.85 0.57
N LEU A 149 -12.76 2.81 0.56
CA LEU A 149 -11.56 2.76 1.35
C LEU A 149 -10.50 3.55 0.60
N SER A 150 -9.99 4.62 1.20
CA SER A 150 -9.11 5.50 0.47
C SER A 150 -7.72 5.46 1.07
N VAL A 151 -6.80 4.83 0.37
CA VAL A 151 -5.43 4.74 0.84
C VAL A 151 -4.65 5.89 0.26
N GLU A 152 -4.31 6.86 1.09
CA GLU A 152 -3.62 8.04 0.63
C GLU A 152 -2.41 8.31 1.51
N PHE A 153 -1.22 8.08 0.97
CA PHE A 153 -0.02 8.42 1.71
C PHE A 153 0.61 9.69 1.15
N VAL A 154 0.63 10.71 1.99
CA VAL A 154 1.03 12.04 1.61
C VAL A 154 2.54 12.22 1.74
N LYS A 155 3.09 12.98 0.79
CA LYS A 155 4.53 13.20 0.69
C LYS A 155 5.05 14.02 1.86
N GLY A 156 6.18 13.59 2.40
CA GLY A 156 6.85 14.36 3.42
C GLY A 156 7.78 15.39 2.82
N TYR A 157 8.40 15.03 1.70
CA TYR A 157 9.31 15.94 0.99
C TYR A 157 9.22 15.75 -0.51
N TYR A 158 10.15 14.99 -1.08
CA TYR A 158 10.26 14.87 -2.54
C TYR A 158 9.89 13.47 -3.01
N ASP A 159 10.83 12.55 -2.95
CA ASP A 159 10.57 11.16 -3.31
C ASP A 159 9.79 10.51 -2.16
N ASN A 160 8.49 10.68 -2.21
CA ASN A 160 7.61 10.13 -1.20
C ASN A 160 7.38 8.65 -1.47
N PRO A 161 6.91 7.86 -0.45
CA PRO A 161 6.87 6.40 -0.47
C PRO A 161 6.94 5.79 -1.86
N LYS A 162 8.17 5.59 -2.31
CA LYS A 162 8.47 5.38 -3.72
C LYS A 162 7.69 4.22 -4.31
N VAL A 163 7.90 3.02 -3.78
CA VAL A 163 7.21 1.87 -4.31
C VAL A 163 6.07 1.49 -3.39
N CYS A 164 4.93 1.17 -4.00
CA CYS A 164 3.80 0.74 -3.21
C CYS A 164 3.29 -0.60 -3.74
N ALA A 165 3.01 -1.47 -2.80
CA ALA A 165 2.59 -2.83 -3.08
C ALA A 165 1.26 -3.09 -2.40
N LEU A 166 0.42 -2.05 -2.40
CA LEU A 166 -0.82 -2.02 -1.64
C LEU A 166 -1.76 -3.16 -2.00
N PHE A 167 -1.96 -4.05 -1.06
CA PHE A 167 -2.88 -5.16 -1.21
C PHE A 167 -3.94 -5.13 -0.10
N ILE A 168 -5.22 -5.03 -0.47
CA ILE A 168 -6.29 -5.09 0.51
C ILE A 168 -7.12 -6.36 0.30
N MET A 169 -7.37 -7.07 1.38
CA MET A 169 -8.15 -8.29 1.33
C MET A 169 -9.28 -8.21 2.34
N LYS A 170 -10.27 -9.08 2.21
CA LYS A 170 -11.45 -8.97 3.05
C LYS A 170 -11.60 -10.11 4.05
N GLY A 171 -12.07 -9.73 5.21
CA GLY A 171 -12.64 -10.63 6.18
C GLY A 171 -11.76 -10.94 7.38
N THR A 172 -10.43 -10.92 7.22
CA THR A 172 -9.51 -11.27 8.32
C THR A 172 -8.05 -11.12 7.95
N ALA A 173 -7.22 -10.86 8.96
CA ALA A 173 -5.77 -10.93 8.80
C ALA A 173 -5.30 -12.36 8.98
N ASP A 174 -6.19 -13.18 9.52
CA ASP A 174 -5.89 -14.57 9.85
C ASP A 174 -5.86 -15.45 8.61
N GLY A 1 -6.41 -19.82 -1.03
CA GLY A 1 -6.42 -19.15 0.24
C GLY A 1 -6.47 -17.65 0.09
N LEU A 2 -5.31 -17.04 -0.08
CA LEU A 2 -5.20 -15.59 -0.14
C LEU A 2 -5.89 -15.06 -1.39
N ALA A 3 -5.89 -15.87 -2.43
CA ALA A 3 -6.52 -15.52 -3.70
C ALA A 3 -8.02 -15.29 -3.54
N ASP A 4 -8.61 -15.92 -2.54
CA ASP A 4 -10.04 -15.82 -2.32
C ASP A 4 -10.41 -14.56 -1.54
N LYS A 5 -9.55 -14.19 -0.59
CA LYS A 5 -9.90 -13.11 0.33
C LYS A 5 -9.45 -11.76 -0.21
N VAL A 6 -8.64 -11.74 -1.26
CA VAL A 6 -8.24 -10.47 -1.84
C VAL A 6 -9.45 -9.66 -2.32
N ILE A 7 -9.47 -8.38 -1.96
CA ILE A 7 -10.52 -7.49 -2.41
C ILE A 7 -9.98 -6.52 -3.45
N TRP A 8 -8.76 -6.06 -3.25
CA TRP A 8 -8.19 -5.00 -4.07
C TRP A 8 -6.68 -4.95 -3.84
N ALA A 9 -5.92 -4.66 -4.88
CA ALA A 9 -4.47 -4.56 -4.73
C ALA A 9 -3.87 -3.71 -5.83
N VAL A 10 -2.96 -2.84 -5.45
CA VAL A 10 -2.21 -2.05 -6.40
C VAL A 10 -0.74 -1.98 -6.00
N ASN A 11 0.06 -2.70 -6.75
CA ASN A 11 1.48 -2.47 -6.73
C ASN A 11 1.76 -1.29 -7.64
N ALA A 12 1.65 -0.10 -7.07
CA ALA A 12 1.82 1.12 -7.83
C ALA A 12 3.24 1.24 -8.29
N GLY A 13 3.39 0.95 -9.59
CA GLY A 13 4.67 1.00 -10.26
C GLY A 13 4.60 0.47 -11.67
N GLY A 14 3.83 -0.58 -11.89
CA GLY A 14 3.75 -1.20 -13.21
C GLY A 14 2.32 -1.46 -13.64
N GLU A 15 2.09 -2.60 -14.30
CA GLU A 15 0.74 -3.00 -14.68
C GLU A 15 0.34 -4.30 -14.00
N SER A 16 -0.97 -4.52 -13.89
CA SER A 16 -1.59 -5.72 -13.28
C SER A 16 -0.67 -6.95 -13.18
N HIS A 17 -0.51 -7.43 -11.96
CA HIS A 17 0.30 -8.61 -11.69
C HIS A 17 -0.37 -9.53 -10.68
N VAL A 18 -0.61 -10.76 -11.10
CA VAL A 18 -1.00 -11.84 -10.20
C VAL A 18 0.25 -12.47 -9.61
N ASP A 19 0.34 -12.49 -8.30
CA ASP A 19 1.49 -13.09 -7.64
C ASP A 19 1.16 -14.48 -7.12
N VAL A 20 2.21 -15.18 -6.67
CA VAL A 20 2.15 -16.58 -6.25
C VAL A 20 1.12 -16.82 -5.14
N HIS A 21 0.78 -15.77 -4.40
CA HIS A 21 -0.22 -15.89 -3.35
C HIS A 21 -1.61 -15.91 -3.96
N GLY A 22 -1.66 -15.60 -5.25
CA GLY A 22 -2.91 -15.50 -5.97
C GLY A 22 -3.46 -14.11 -5.85
N ILE A 23 -2.57 -13.14 -5.70
CA ILE A 23 -3.00 -11.75 -5.54
C ILE A 23 -2.82 -11.00 -6.85
N HIS A 24 -3.93 -10.61 -7.47
CA HIS A 24 -3.90 -9.84 -8.70
C HIS A 24 -3.98 -8.35 -8.39
N TYR A 25 -2.90 -7.64 -8.67
CA TYR A 25 -2.91 -6.20 -8.50
C TYR A 25 -3.35 -5.53 -9.79
N ARG A 26 -4.11 -4.44 -9.68
CA ARG A 26 -4.79 -3.84 -10.82
C ARG A 26 -4.07 -2.60 -11.36
N LYS A 27 -2.90 -2.83 -11.96
CA LYS A 27 -2.16 -1.80 -12.69
C LYS A 27 -1.76 -0.63 -11.78
N ASP A 28 -1.28 0.44 -12.39
CA ASP A 28 -1.01 1.67 -11.69
C ASP A 28 -2.10 2.70 -11.96
N PRO A 29 -3.17 2.69 -11.16
CA PRO A 29 -4.24 3.66 -11.28
C PRO A 29 -3.96 4.94 -10.52
N LEU A 30 -4.63 5.13 -9.38
CA LEU A 30 -4.64 6.40 -8.64
C LEU A 30 -5.38 7.47 -9.45
N GLU A 31 -5.14 7.45 -10.76
CA GLU A 31 -5.94 8.19 -11.75
C GLU A 31 -5.59 9.67 -11.79
N GLY A 32 -5.74 10.25 -12.97
CA GLY A 32 -5.40 11.65 -13.17
C GLY A 32 -3.91 11.85 -13.32
N ARG A 33 -3.16 10.78 -13.09
CA ARG A 33 -1.70 10.85 -13.09
C ARG A 33 -1.13 9.62 -13.79
N VAL A 34 -1.84 9.10 -14.77
CA VAL A 34 -1.48 7.81 -15.35
C VAL A 34 -0.82 7.98 -16.71
N GLY A 35 -0.13 6.93 -17.13
CA GLY A 35 0.59 6.97 -18.38
C GLY A 35 1.97 6.36 -18.24
N ARG A 36 2.74 6.88 -17.29
CA ARG A 36 4.08 6.37 -17.05
C ARG A 36 4.12 5.45 -15.84
N ALA A 37 4.14 4.16 -16.10
CA ALA A 37 4.38 3.18 -15.06
C ALA A 37 5.88 2.92 -14.97
N SER A 38 6.45 2.44 -16.07
CA SER A 38 7.88 2.15 -16.16
C SER A 38 8.25 0.95 -15.30
N ASP A 39 7.89 -0.23 -15.78
CA ASP A 39 8.25 -1.48 -15.14
C ASP A 39 9.60 -1.97 -15.64
N TYR A 40 10.11 -1.29 -16.65
CA TYR A 40 11.39 -1.64 -17.26
C TYR A 40 12.54 -1.10 -16.43
N GLY A 41 12.44 -1.34 -15.13
CA GLY A 41 13.42 -0.89 -14.18
C GLY A 41 13.14 -1.49 -12.84
N MET A 42 12.97 -2.82 -12.83
CA MET A 42 12.62 -3.55 -11.62
C MET A 42 13.67 -3.34 -10.56
N LYS A 43 14.89 -3.79 -10.86
CA LYS A 43 16.08 -3.51 -10.04
C LYS A 43 15.84 -3.80 -8.55
N LEU A 44 16.78 -3.34 -7.71
CA LEU A 44 16.68 -3.40 -6.24
C LEU A 44 15.86 -4.58 -5.74
N PRO A 45 16.35 -5.82 -5.94
CA PRO A 45 15.62 -7.03 -5.53
C PRO A 45 15.22 -6.99 -4.06
N ILE A 46 13.93 -6.77 -3.81
CA ILE A 46 13.40 -6.75 -2.46
C ILE A 46 13.68 -8.08 -1.75
N LEU A 47 14.55 -8.00 -0.75
CA LEU A 47 15.08 -9.19 -0.05
C LEU A 47 14.00 -9.87 0.78
N ARG A 48 12.89 -9.18 0.99
CA ARG A 48 11.83 -9.69 1.84
C ARG A 48 10.71 -10.32 1.03
N SER A 49 11.01 -10.75 -0.19
CA SER A 49 9.98 -11.29 -1.05
C SER A 49 10.54 -12.35 -2.02
N ASN A 50 9.61 -13.07 -2.66
CA ASN A 50 9.92 -14.09 -3.66
C ASN A 50 9.83 -13.46 -5.06
N PRO A 51 10.76 -13.79 -5.98
CA PRO A 51 11.03 -13.01 -7.22
C PRO A 51 9.79 -12.37 -7.89
N GLU A 52 8.77 -13.14 -8.23
CA GLU A 52 7.62 -12.56 -8.94
C GLU A 52 6.71 -11.76 -8.00
N ASP A 53 6.66 -12.12 -6.75
CA ASP A 53 5.86 -11.36 -5.81
C ASP A 53 6.71 -10.25 -5.20
N GLN A 54 8.02 -10.34 -5.47
CA GLN A 54 8.99 -9.30 -5.16
C GLN A 54 8.73 -8.08 -6.02
N VAL A 55 8.53 -8.30 -7.32
CA VAL A 55 8.12 -7.21 -8.20
C VAL A 55 6.76 -6.68 -7.77
N LEU A 56 5.84 -7.58 -7.38
CA LEU A 56 4.56 -7.13 -6.83
C LEU A 56 4.76 -6.30 -5.56
N TYR A 57 5.91 -6.48 -4.93
CA TYR A 57 6.22 -5.78 -3.69
C TYR A 57 7.17 -4.62 -3.93
N GLN A 58 7.61 -4.44 -5.17
CA GLN A 58 8.43 -3.30 -5.51
C GLN A 58 7.76 -2.47 -6.59
N THR A 59 8.33 -2.49 -7.80
CA THR A 59 7.89 -1.65 -8.93
C THR A 59 7.39 -0.25 -8.51
N GLU A 60 8.22 0.75 -8.69
CA GLU A 60 7.91 2.12 -8.25
C GLU A 60 7.15 2.91 -9.33
N ARG A 61 6.13 3.64 -8.91
CA ARG A 61 5.42 4.54 -9.81
C ARG A 61 6.02 5.95 -9.74
N TYR A 62 5.47 6.87 -10.52
CA TYR A 62 5.94 8.25 -10.53
C TYR A 62 4.97 9.17 -9.79
N ASN A 63 5.36 9.60 -8.59
CA ASN A 63 4.61 10.58 -7.81
C ASN A 63 5.35 10.92 -6.53
N GLU A 64 5.20 12.14 -6.07
CA GLU A 64 5.75 12.56 -4.78
C GLU A 64 4.70 13.27 -3.97
N ASP A 65 3.46 12.83 -4.07
CA ASP A 65 2.36 13.63 -3.59
C ASP A 65 1.32 12.73 -2.95
N SER A 66 0.11 13.25 -2.72
CA SER A 66 -0.94 12.47 -2.10
C SER A 66 -1.30 11.28 -2.98
N PHE A 67 -0.64 10.16 -2.73
CA PHE A 67 -0.95 8.92 -3.41
C PHE A 67 -2.29 8.42 -2.89
N GLY A 68 -3.35 8.75 -3.61
CA GLY A 68 -4.67 8.41 -3.15
C GLY A 68 -5.28 7.26 -3.92
N TYR A 69 -5.45 6.14 -3.24
CA TYR A 69 -6.01 4.94 -3.84
C TYR A 69 -7.47 4.76 -3.41
N ASP A 70 -8.25 4.13 -4.26
CA ASP A 70 -9.64 3.86 -3.97
C ASP A 70 -9.89 2.36 -3.86
N ILE A 71 -10.22 1.92 -2.65
CA ILE A 71 -10.53 0.52 -2.38
C ILE A 71 -12.04 0.34 -2.24
N PRO A 72 -12.72 0.01 -3.32
CA PRO A 72 -14.17 -0.10 -3.29
C PRO A 72 -14.65 -1.25 -2.40
N ILE A 73 -15.42 -0.89 -1.38
CA ILE A 73 -15.88 -1.85 -0.41
C ILE A 73 -17.40 -1.94 -0.42
N LYS A 74 -17.91 -3.15 -0.46
CA LYS A 74 -19.35 -3.36 -0.52
C LYS A 74 -19.79 -4.37 0.53
N GLU A 75 -18.88 -4.78 1.39
CA GLU A 75 -19.18 -5.78 2.40
C GLU A 75 -18.62 -5.37 3.76
N GLU A 76 -18.90 -6.18 4.76
CA GLU A 76 -18.41 -5.94 6.10
C GLU A 76 -17.59 -7.12 6.58
N GLY A 77 -16.75 -6.90 7.56
CA GLY A 77 -15.81 -7.91 8.01
C GLY A 77 -14.53 -7.28 8.49
N GLU A 78 -13.44 -8.03 8.45
CA GLU A 78 -12.16 -7.48 8.89
C GLU A 78 -11.25 -7.31 7.68
N TYR A 79 -11.03 -6.09 7.25
CA TYR A 79 -10.24 -5.87 6.07
C TYR A 79 -8.81 -5.60 6.48
N VAL A 80 -7.92 -6.36 5.93
CA VAL A 80 -6.53 -6.26 6.30
C VAL A 80 -5.74 -5.64 5.18
N LEU A 81 -5.38 -4.40 5.39
CA LEU A 81 -4.66 -3.65 4.41
C LEU A 81 -3.19 -3.67 4.75
N VAL A 82 -2.45 -4.45 4.00
CA VAL A 82 -1.02 -4.56 4.16
C VAL A 82 -0.33 -4.01 2.93
N LEU A 83 0.25 -2.83 3.05
CA LEU A 83 0.88 -2.19 1.93
C LEU A 83 2.38 -2.37 2.01
N LYS A 84 2.99 -2.72 0.89
CA LYS A 84 4.42 -2.93 0.88
C LYS A 84 5.11 -1.69 0.33
N PHE A 85 5.89 -1.05 1.19
CA PHE A 85 6.62 0.14 0.83
C PHE A 85 8.09 -0.18 0.69
N ALA A 86 8.75 0.52 -0.23
CA ALA A 86 10.19 0.37 -0.39
C ALA A 86 10.84 1.74 -0.58
N GLU A 87 11.89 2.01 0.19
CA GLU A 87 12.59 3.30 0.11
C GLU A 87 14.05 3.06 -0.24
N VAL A 88 14.47 3.59 -1.37
CA VAL A 88 15.84 3.46 -1.83
C VAL A 88 16.37 4.78 -2.36
N TYR A 89 15.86 5.87 -1.80
CA TYR A 89 16.22 7.20 -2.28
C TYR A 89 17.00 7.96 -1.24
N PHE A 90 16.51 7.94 0.00
CA PHE A 90 17.17 8.69 1.08
C PHE A 90 17.22 7.85 2.34
N ALA A 91 18.42 7.41 2.69
CA ALA A 91 18.62 6.52 3.82
C ALA A 91 18.97 7.30 5.09
N GLN A 92 17.94 7.67 5.84
CA GLN A 92 18.12 8.33 7.13
C GLN A 92 16.84 8.20 7.95
N SER A 93 17.00 8.04 9.26
CA SER A 93 15.87 7.83 10.15
C SER A 93 15.48 9.14 10.84
N GLN A 94 14.17 9.28 11.10
CA GLN A 94 13.61 10.48 11.71
C GLN A 94 13.86 11.69 10.81
N GLN A 95 13.77 11.47 9.51
CA GLN A 95 14.03 12.52 8.54
C GLN A 95 13.05 12.42 7.39
N LYS A 96 12.86 11.23 6.87
CA LYS A 96 11.97 11.03 5.75
C LYS A 96 10.67 10.43 6.25
N VAL A 97 9.85 11.28 6.87
CA VAL A 97 8.63 10.85 7.53
C VAL A 97 7.41 11.25 6.72
N PHE A 98 6.60 10.26 6.37
CA PHE A 98 5.46 10.46 5.49
C PHE A 98 4.14 10.22 6.21
N ASP A 99 3.05 10.59 5.57
CA ASP A 99 1.74 10.42 6.16
C ASP A 99 1.01 9.29 5.45
N VAL A 100 0.34 8.43 6.19
CA VAL A 100 -0.31 7.25 5.62
C VAL A 100 -1.72 7.05 6.18
N ARG A 101 -2.73 7.20 5.33
CA ARG A 101 -4.12 7.09 5.76
C ARG A 101 -4.81 5.85 5.20
N VAL A 102 -5.63 5.24 6.03
CA VAL A 102 -6.54 4.18 5.60
C VAL A 102 -7.99 4.69 5.65
N ASN A 103 -8.47 5.14 4.50
CA ASN A 103 -9.77 5.81 4.38
C ASN A 103 -9.82 7.01 5.32
N GLY A 104 -8.87 7.91 5.13
CA GLY A 104 -8.82 9.12 5.94
C GLY A 104 -8.03 8.93 7.22
N HIS A 105 -7.98 7.70 7.69
CA HIS A 105 -7.38 7.39 8.98
C HIS A 105 -5.87 7.23 8.89
N THR A 106 -5.14 8.30 9.17
CA THR A 106 -3.69 8.25 9.11
C THR A 106 -3.13 7.37 10.23
N VAL A 107 -2.92 6.10 9.93
CA VAL A 107 -2.37 5.15 10.89
C VAL A 107 -0.87 5.39 11.07
N VAL A 108 -0.19 5.72 9.99
CA VAL A 108 1.24 5.99 10.06
C VAL A 108 1.52 7.40 9.56
N LYS A 109 1.48 8.36 10.47
CA LYS A 109 1.79 9.73 10.11
C LYS A 109 3.16 10.06 10.71
N ASP A 110 4.16 9.49 10.05
CA ASP A 110 5.56 9.51 10.50
C ASP A 110 6.32 8.40 9.78
N LEU A 111 5.86 8.05 8.58
CA LEU A 111 6.36 6.88 7.87
C LEU A 111 7.78 7.09 7.37
N ASP A 112 8.73 6.91 8.27
CA ASP A 112 10.14 6.85 7.92
C ASP A 112 10.49 5.40 7.64
N ILE A 113 10.53 5.04 6.37
CA ILE A 113 10.71 3.65 5.98
C ILE A 113 12.06 3.10 6.43
N PHE A 114 13.08 3.94 6.39
CA PHE A 114 14.43 3.54 6.78
C PHE A 114 14.48 3.24 8.28
N ASP A 115 13.72 4.00 9.05
CA ASP A 115 13.61 3.77 10.49
C ASP A 115 12.91 2.44 10.79
N ARG A 116 11.90 2.12 9.99
CA ARG A 116 11.01 1.02 10.31
C ARG A 116 11.63 -0.34 9.99
N VAL A 117 12.24 -0.47 8.82
CA VAL A 117 12.82 -1.76 8.41
C VAL A 117 14.33 -1.71 8.31
N GLY A 118 14.88 -0.51 8.24
CA GLY A 118 16.31 -0.37 8.08
C GLY A 118 16.69 -0.03 6.66
N HIS A 119 17.83 -0.52 6.23
CA HIS A 119 18.33 -0.23 4.89
C HIS A 119 17.66 -1.13 3.85
N SER A 120 16.91 -0.49 2.94
CA SER A 120 16.30 -1.19 1.80
C SER A 120 15.26 -2.21 2.28
N THR A 121 15.15 -3.31 1.55
CA THR A 121 14.21 -4.40 1.83
C THR A 121 12.75 -3.94 1.74
N ALA A 122 11.82 -4.87 1.96
CA ALA A 122 10.40 -4.55 1.83
C ALA A 122 9.81 -4.17 3.18
N HIS A 123 9.14 -3.04 3.23
CA HIS A 123 8.43 -2.61 4.42
C HIS A 123 6.95 -2.90 4.25
N ASP A 124 6.25 -3.22 5.31
CA ASP A 124 4.82 -3.45 5.22
C ASP A 124 4.11 -2.96 6.47
N GLU A 125 2.98 -2.31 6.25
CA GLU A 125 2.08 -1.93 7.32
C GLU A 125 0.83 -2.77 7.23
N ILE A 126 0.61 -3.60 8.23
CA ILE A 126 -0.54 -4.49 8.23
C ILE A 126 -1.65 -3.87 9.08
N ILE A 127 -2.70 -3.40 8.42
CA ILE A 127 -3.75 -2.67 9.11
C ILE A 127 -5.08 -3.41 9.03
N PRO A 128 -5.47 -4.10 10.10
CA PRO A 128 -6.77 -4.75 10.20
C PRO A 128 -7.87 -3.76 10.60
N ILE A 129 -8.87 -3.63 9.76
CA ILE A 129 -9.99 -2.75 10.03
C ILE A 129 -11.24 -3.57 10.30
N SER A 130 -12.20 -2.97 10.98
CA SER A 130 -13.44 -3.65 11.27
C SER A 130 -14.63 -2.84 10.75
N ILE A 131 -15.25 -3.32 9.68
CA ILE A 131 -16.41 -2.66 9.11
C ILE A 131 -17.68 -3.42 9.48
N LYS A 132 -18.62 -2.72 10.11
CA LYS A 132 -19.93 -3.27 10.42
C LYS A 132 -20.97 -2.17 10.46
N LYS A 133 -22.15 -2.46 9.91
CA LYS A 133 -23.26 -1.50 9.83
C LYS A 133 -22.85 -0.29 8.99
N GLY A 134 -22.00 -0.55 8.02
CA GLY A 134 -21.51 0.51 7.15
C GLY A 134 -20.57 1.44 7.88
N LYS A 135 -19.99 0.97 8.97
CA LYS A 135 -19.07 1.76 9.76
C LYS A 135 -17.69 1.12 9.77
N LEU A 136 -16.67 1.93 9.63
CA LEU A 136 -15.31 1.44 9.49
C LEU A 136 -14.48 1.85 10.71
N SER A 137 -14.01 0.87 11.46
CA SER A 137 -13.19 1.12 12.62
C SER A 137 -11.76 0.64 12.38
N VAL A 138 -10.80 1.49 12.72
CA VAL A 138 -9.39 1.14 12.58
C VAL A 138 -8.67 1.35 13.92
N GLN A 139 -8.39 0.24 14.60
CA GLN A 139 -7.67 0.25 15.88
C GLN A 139 -8.36 1.11 16.92
N GLY A 140 -7.99 2.39 16.99
CA GLY A 140 -8.52 3.27 18.01
C GLY A 140 -9.40 4.37 17.44
N GLU A 141 -9.80 4.23 16.19
CA GLU A 141 -10.69 5.19 15.57
C GLU A 141 -11.89 4.51 14.92
N VAL A 142 -13.07 4.79 15.42
CA VAL A 142 -14.29 4.27 14.81
C VAL A 142 -15.00 5.39 14.05
N SER A 143 -15.35 5.11 12.80
CA SER A 143 -16.03 6.10 11.97
C SER A 143 -17.04 5.39 11.07
N THR A 144 -17.70 6.14 10.22
CA THR A 144 -18.61 5.55 9.26
C THR A 144 -17.93 5.39 7.91
N PHE A 145 -18.18 4.26 7.26
CA PHE A 145 -17.59 3.96 5.97
C PHE A 145 -18.34 4.69 4.87
N THR A 146 -17.60 5.30 3.94
CA THR A 146 -18.23 6.06 2.89
C THR A 146 -17.65 5.70 1.50
N GLY A 147 -18.41 4.90 0.76
CA GLY A 147 -18.06 4.58 -0.61
C GLY A 147 -16.98 3.55 -0.74
N LYS A 148 -15.77 3.90 -0.34
CA LYS A 148 -14.64 3.00 -0.48
C LYS A 148 -13.53 3.41 0.49
N LEU A 149 -12.57 2.51 0.66
CA LEU A 149 -11.45 2.75 1.55
C LEU A 149 -10.43 3.62 0.82
N SER A 150 -10.03 4.72 1.42
CA SER A 150 -9.19 5.67 0.73
C SER A 150 -7.77 5.73 1.31
N VAL A 151 -6.83 5.11 0.63
CA VAL A 151 -5.46 5.11 1.12
C VAL A 151 -4.70 6.27 0.54
N GLU A 152 -4.40 7.23 1.38
CA GLU A 152 -3.67 8.42 0.98
C GLU A 152 -2.38 8.52 1.76
N PHE A 153 -1.24 8.35 1.11
CA PHE A 153 0.00 8.72 1.77
C PHE A 153 0.46 10.08 1.30
N VAL A 154 0.44 11.02 2.24
CA VAL A 154 0.62 12.43 1.97
C VAL A 154 2.11 12.78 1.89
N LYS A 155 2.42 13.72 1.00
CA LYS A 155 3.80 14.06 0.67
C LYS A 155 4.55 14.62 1.86
N GLY A 156 5.75 14.10 2.06
CA GLY A 156 6.60 14.56 3.14
C GLY A 156 7.84 15.25 2.64
N TYR A 157 8.94 14.52 2.57
CA TYR A 157 10.22 15.10 2.17
C TYR A 157 10.68 14.53 0.83
N TYR A 158 9.83 14.72 -0.19
CA TYR A 158 10.16 14.32 -1.57
C TYR A 158 10.23 12.82 -1.76
N ASP A 159 10.01 12.38 -3.00
CA ASP A 159 9.96 10.96 -3.34
C ASP A 159 9.06 10.22 -2.37
N ASN A 160 7.77 10.50 -2.46
CA ASN A 160 6.78 9.86 -1.61
C ASN A 160 6.84 8.37 -1.79
N PRO A 161 6.81 7.64 -0.64
CA PRO A 161 7.29 6.27 -0.48
C PRO A 161 7.47 5.51 -1.78
N LYS A 162 8.53 5.90 -2.47
CA LYS A 162 9.01 5.33 -3.74
C LYS A 162 8.14 4.19 -4.28
N VAL A 163 8.29 3.01 -3.70
CA VAL A 163 7.57 1.83 -4.16
C VAL A 163 6.28 1.67 -3.38
N CYS A 164 5.17 1.40 -4.09
CA CYS A 164 3.89 1.39 -3.42
C CYS A 164 3.05 0.12 -3.72
N ALA A 165 3.46 -0.98 -3.11
CA ALA A 165 2.86 -2.31 -3.31
C ALA A 165 1.57 -2.53 -2.50
N LEU A 166 0.77 -1.48 -2.37
CA LEU A 166 -0.43 -1.49 -1.52
C LEU A 166 -1.37 -2.67 -1.84
N PHE A 167 -1.56 -3.55 -0.86
CA PHE A 167 -2.44 -4.72 -0.99
C PHE A 167 -3.51 -4.72 0.11
N ILE A 168 -4.79 -4.84 -0.26
CA ILE A 168 -5.83 -5.01 0.74
C ILE A 168 -6.56 -6.34 0.55
N MET A 169 -6.73 -7.07 1.63
CA MET A 169 -7.46 -8.32 1.59
C MET A 169 -8.63 -8.25 2.57
N LYS A 170 -9.63 -9.11 2.37
CA LYS A 170 -10.87 -8.99 3.14
C LYS A 170 -11.08 -10.16 4.10
N GLY A 171 -11.76 -9.83 5.17
CA GLY A 171 -12.43 -10.78 6.03
C GLY A 171 -11.70 -11.06 7.32
N THR A 172 -10.36 -11.01 7.32
CA THR A 172 -9.58 -11.19 8.55
C THR A 172 -8.08 -11.03 8.32
N ALA A 173 -7.36 -10.81 9.42
CA ALA A 173 -5.90 -10.87 9.42
C ALA A 173 -5.45 -12.31 9.64
N ASP A 174 -6.41 -13.16 9.99
CA ASP A 174 -6.14 -14.55 10.34
C ASP A 174 -5.98 -15.43 9.10
N GLY A 1 -6.23 -19.46 -0.76
CA GLY A 1 -6.63 -18.95 0.54
C GLY A 1 -6.76 -17.45 0.52
N LEU A 2 -5.64 -16.78 0.28
CA LEU A 2 -5.61 -15.33 0.23
C LEU A 2 -6.22 -14.83 -1.07
N ALA A 3 -6.05 -15.63 -2.13
CA ALA A 3 -6.56 -15.32 -3.45
C ALA A 3 -8.08 -15.19 -3.45
N ASP A 4 -8.73 -15.80 -2.48
CA ASP A 4 -10.18 -15.79 -2.42
C ASP A 4 -10.69 -14.52 -1.76
N LYS A 5 -9.94 -13.99 -0.80
CA LYS A 5 -10.45 -12.88 0.02
C LYS A 5 -10.02 -11.52 -0.54
N VAL A 6 -9.05 -11.51 -1.45
CA VAL A 6 -8.62 -10.27 -2.08
C VAL A 6 -9.79 -9.53 -2.73
N ILE A 7 -9.89 -8.23 -2.46
CA ILE A 7 -10.91 -7.42 -3.10
C ILE A 7 -10.28 -6.36 -3.99
N TRP A 8 -9.11 -5.89 -3.60
CA TRP A 8 -8.47 -4.78 -4.27
C TRP A 8 -6.98 -4.80 -3.97
N ALA A 9 -6.15 -4.65 -4.99
CA ALA A 9 -4.71 -4.63 -4.78
C ALA A 9 -4.02 -3.81 -5.85
N VAL A 10 -3.14 -2.92 -5.40
CA VAL A 10 -2.34 -2.13 -6.31
C VAL A 10 -0.92 -1.97 -5.79
N ASN A 11 0.01 -2.42 -6.60
CA ASN A 11 1.40 -2.12 -6.38
C ASN A 11 1.78 -0.96 -7.29
N ALA A 12 1.84 0.23 -6.71
CA ALA A 12 2.17 1.43 -7.47
C ALA A 12 3.54 1.28 -8.09
N GLY A 13 3.53 0.86 -9.34
CA GLY A 13 4.76 0.72 -10.09
C GLY A 13 4.57 0.13 -11.47
N GLY A 14 4.65 -1.19 -11.55
CA GLY A 14 4.63 -1.87 -12.84
C GLY A 14 3.25 -1.94 -13.47
N GLU A 15 2.85 -3.13 -13.90
CA GLU A 15 1.55 -3.32 -14.51
C GLU A 15 0.94 -4.67 -14.16
N SER A 16 -0.23 -4.63 -13.49
CA SER A 16 -1.08 -5.80 -13.19
C SER A 16 -0.28 -7.11 -12.96
N HIS A 17 -0.07 -7.47 -11.70
CA HIS A 17 0.72 -8.67 -11.39
C HIS A 17 0.07 -9.51 -10.30
N VAL A 18 0.02 -10.81 -10.54
CA VAL A 18 -0.48 -11.76 -9.56
C VAL A 18 0.66 -12.21 -8.65
N ASP A 19 0.54 -11.89 -7.38
CA ASP A 19 1.51 -12.31 -6.36
C ASP A 19 1.32 -13.81 -6.09
N VAL A 20 2.35 -14.44 -5.53
CA VAL A 20 2.40 -15.89 -5.38
C VAL A 20 1.36 -16.43 -4.40
N HIS A 21 0.64 -15.54 -3.72
CA HIS A 21 -0.46 -15.96 -2.85
C HIS A 21 -1.77 -15.78 -3.60
N GLY A 22 -1.65 -15.44 -4.87
CA GLY A 22 -2.79 -15.30 -5.74
C GLY A 22 -3.40 -13.91 -5.70
N ILE A 23 -2.58 -12.91 -5.46
CA ILE A 23 -3.07 -11.54 -5.33
C ILE A 23 -2.77 -10.72 -6.59
N HIS A 24 -3.81 -10.47 -7.37
CA HIS A 24 -3.65 -9.73 -8.62
C HIS A 24 -3.74 -8.23 -8.39
N TYR A 25 -2.60 -7.57 -8.52
CA TYR A 25 -2.54 -6.12 -8.49
C TYR A 25 -3.03 -5.56 -9.82
N ARG A 26 -3.81 -4.48 -9.75
CA ARG A 26 -4.34 -3.82 -10.94
C ARG A 26 -3.50 -2.58 -11.28
N LYS A 27 -2.86 -2.64 -12.45
CA LYS A 27 -2.00 -1.57 -13.00
C LYS A 27 -2.46 -0.15 -12.65
N ASP A 28 -1.44 0.73 -12.50
CA ASP A 28 -1.57 2.13 -12.03
C ASP A 28 -2.95 2.77 -12.27
N PRO A 29 -3.82 2.67 -11.26
CA PRO A 29 -5.13 3.28 -11.28
C PRO A 29 -5.25 4.50 -10.37
N LEU A 30 -4.22 5.34 -10.34
CA LEU A 30 -4.26 6.52 -9.46
C LEU A 30 -3.72 7.78 -10.15
N GLU A 31 -2.43 7.84 -10.46
CA GLU A 31 -1.89 9.04 -11.09
C GLU A 31 -2.13 8.99 -12.60
N GLY A 32 -3.21 9.67 -13.01
CA GLY A 32 -3.71 9.51 -14.36
C GLY A 32 -4.78 8.45 -14.39
N ARG A 33 -4.73 7.58 -13.36
CA ARG A 33 -5.66 6.47 -13.17
C ARG A 33 -5.52 5.42 -14.29
N VAL A 34 -4.73 5.74 -15.31
CA VAL A 34 -4.46 4.85 -16.42
C VAL A 34 -3.07 5.14 -16.99
N GLY A 35 -2.47 4.15 -17.63
CA GLY A 35 -1.16 4.33 -18.21
C GLY A 35 -0.44 3.01 -18.43
N ARG A 36 0.87 3.01 -18.21
CA ARG A 36 1.67 1.81 -18.37
C ARG A 36 2.58 1.62 -17.17
N ALA A 37 3.49 0.67 -17.26
CA ALA A 37 4.38 0.37 -16.15
C ALA A 37 5.43 1.45 -15.97
N SER A 38 6.24 1.64 -17.01
CA SER A 38 7.41 2.52 -16.91
C SER A 38 8.28 2.04 -15.75
N ASP A 39 8.56 0.74 -15.77
CA ASP A 39 9.20 0.07 -14.66
C ASP A 39 10.71 0.34 -14.62
N TYR A 40 11.06 1.49 -14.06
CA TYR A 40 12.46 1.79 -13.80
C TYR A 40 12.79 1.47 -12.35
N GLY A 41 11.84 0.82 -11.69
CA GLY A 41 12.02 0.46 -10.29
C GLY A 41 12.33 -1.00 -10.10
N MET A 42 12.07 -1.81 -11.14
CA MET A 42 12.33 -3.26 -11.07
C MET A 42 13.82 -3.58 -10.96
N LYS A 43 14.65 -2.54 -10.91
CA LYS A 43 16.10 -2.71 -10.80
C LYS A 43 16.55 -2.61 -9.34
N LEU A 44 15.59 -2.60 -8.41
CA LEU A 44 15.90 -2.56 -6.99
C LEU A 44 15.33 -3.77 -6.27
N PRO A 45 15.93 -4.96 -6.47
CA PRO A 45 15.41 -6.22 -5.94
C PRO A 45 15.16 -6.20 -4.43
N ILE A 46 13.88 -6.21 -4.05
CA ILE A 46 13.48 -6.32 -2.66
C ILE A 46 13.97 -7.65 -2.07
N LEU A 47 14.86 -7.54 -1.08
CA LEU A 47 15.48 -8.72 -0.47
C LEU A 47 14.50 -9.50 0.40
N ARG A 48 13.41 -8.84 0.77
CA ARG A 48 12.43 -9.44 1.68
C ARG A 48 11.25 -10.07 0.93
N SER A 49 11.47 -10.48 -0.31
CA SER A 49 10.41 -11.15 -1.08
C SER A 49 11.01 -12.07 -2.15
N ASN A 50 10.15 -12.94 -2.69
CA ASN A 50 10.54 -13.92 -3.71
C ASN A 50 10.38 -13.31 -5.11
N PRO A 51 11.32 -13.60 -6.03
CA PRO A 51 11.55 -12.81 -7.27
C PRO A 51 10.31 -12.25 -7.99
N GLU A 52 9.32 -13.06 -8.32
CA GLU A 52 8.18 -12.57 -9.09
C GLU A 52 7.29 -11.67 -8.22
N ASP A 53 7.00 -12.14 -7.03
CA ASP A 53 6.15 -11.38 -6.14
C ASP A 53 6.95 -10.24 -5.52
N GLN A 54 8.27 -10.39 -5.53
CA GLN A 54 9.18 -9.31 -5.20
C GLN A 54 8.87 -8.10 -6.06
N VAL A 55 8.74 -8.33 -7.36
CA VAL A 55 8.29 -7.31 -8.29
C VAL A 55 6.97 -6.70 -7.83
N LEU A 56 6.09 -7.54 -7.29
CA LEU A 56 4.79 -7.06 -6.80
C LEU A 56 4.93 -6.33 -5.46
N TYR A 57 6.10 -6.41 -4.87
CA TYR A 57 6.39 -5.69 -3.65
C TYR A 57 7.51 -4.69 -3.93
N GLN A 58 7.74 -4.52 -5.22
CA GLN A 58 8.75 -3.61 -5.74
C GLN A 58 8.08 -2.69 -6.77
N THR A 59 8.69 -2.58 -7.95
CA THR A 59 8.26 -1.68 -9.04
C THR A 59 7.74 -0.30 -8.58
N GLU A 60 8.54 0.73 -8.80
CA GLU A 60 8.08 2.12 -8.64
C GLU A 60 7.68 2.64 -10.03
N ARG A 61 6.76 3.59 -10.09
CA ARG A 61 6.29 4.09 -11.39
C ARG A 61 6.47 5.60 -11.52
N TYR A 62 6.09 6.35 -10.49
CA TYR A 62 6.08 7.82 -10.56
C TYR A 62 5.71 8.38 -9.19
N ASN A 63 5.58 9.70 -9.10
CA ASN A 63 5.20 10.35 -7.85
C ASN A 63 4.39 11.62 -8.14
N GLU A 64 3.13 11.42 -8.51
CA GLU A 64 2.20 12.53 -8.76
C GLU A 64 2.12 13.48 -7.55
N ASP A 65 1.50 12.99 -6.49
CA ASP A 65 1.25 13.78 -5.29
C ASP A 65 0.77 12.82 -4.21
N SER A 66 0.13 13.33 -3.16
CA SER A 66 -0.51 12.47 -2.16
C SER A 66 -1.24 11.33 -2.88
N PHE A 67 -0.62 10.15 -2.86
CA PHE A 67 -1.15 9.00 -3.58
C PHE A 67 -2.45 8.56 -2.94
N GLY A 68 -3.57 8.86 -3.59
CA GLY A 68 -4.84 8.56 -3.01
C GLY A 68 -5.57 7.44 -3.70
N TYR A 69 -5.42 6.25 -3.16
CA TYR A 69 -6.11 5.09 -3.68
C TYR A 69 -7.49 4.98 -3.09
N ASP A 70 -8.41 4.45 -3.86
CA ASP A 70 -9.76 4.27 -3.39
C ASP A 70 -10.19 2.83 -3.61
N ILE A 71 -10.65 2.22 -2.54
CA ILE A 71 -11.04 0.83 -2.53
C ILE A 71 -12.54 0.73 -2.38
N PRO A 72 -13.29 0.65 -3.49
CA PRO A 72 -14.74 0.56 -3.44
C PRO A 72 -15.21 -0.66 -2.64
N ILE A 73 -15.92 -0.40 -1.54
CA ILE A 73 -16.29 -1.46 -0.61
C ILE A 73 -17.80 -1.66 -0.55
N LYS A 74 -18.22 -2.90 -0.68
CA LYS A 74 -19.62 -3.26 -0.54
C LYS A 74 -19.85 -4.11 0.70
N GLU A 75 -18.80 -4.82 1.13
CA GLU A 75 -18.97 -5.84 2.13
C GLU A 75 -18.59 -5.33 3.50
N GLU A 76 -18.77 -6.16 4.51
CA GLU A 76 -18.33 -5.84 5.85
C GLU A 76 -17.46 -6.96 6.39
N GLY A 77 -16.70 -6.64 7.41
CA GLY A 77 -15.75 -7.59 7.96
C GLY A 77 -14.45 -6.92 8.31
N GLU A 78 -13.39 -7.71 8.51
CA GLU A 78 -12.10 -7.14 8.83
C GLU A 78 -11.25 -7.07 7.58
N TYR A 79 -11.00 -5.89 7.08
CA TYR A 79 -10.20 -5.77 5.88
C TYR A 79 -8.76 -5.53 6.29
N VAL A 80 -7.89 -6.38 5.80
CA VAL A 80 -6.51 -6.31 6.22
C VAL A 80 -5.67 -5.72 5.12
N LEU A 81 -5.29 -4.48 5.35
CA LEU A 81 -4.51 -3.73 4.39
C LEU A 81 -3.04 -3.97 4.64
N VAL A 82 -2.43 -4.79 3.80
CA VAL A 82 -1.02 -5.07 3.94
C VAL A 82 -0.28 -4.51 2.73
N LEU A 83 0.46 -3.45 2.95
CA LEU A 83 1.15 -2.78 1.88
C LEU A 83 2.65 -2.90 2.03
N LYS A 84 3.34 -3.10 0.92
CA LYS A 84 4.79 -3.09 0.94
C LYS A 84 5.32 -1.75 0.47
N PHE A 85 6.28 -1.23 1.20
CA PHE A 85 6.94 0.01 0.82
C PHE A 85 8.41 -0.24 0.55
N ALA A 86 8.93 0.37 -0.49
CA ALA A 86 10.34 0.24 -0.81
C ALA A 86 10.88 1.50 -1.45
N GLU A 87 12.20 1.63 -1.42
CA GLU A 87 12.93 2.75 -2.02
C GLU A 87 12.71 4.04 -1.22
N VAL A 88 13.74 4.47 -0.52
CA VAL A 88 13.70 5.73 0.20
C VAL A 88 14.82 6.65 -0.31
N TYR A 89 14.51 7.32 -1.42
CA TYR A 89 15.45 8.22 -2.11
C TYR A 89 16.15 9.16 -1.13
N PHE A 90 15.39 9.82 -0.28
CA PHE A 90 15.96 10.66 0.76
C PHE A 90 16.31 9.79 1.97
N ALA A 91 17.51 9.22 1.95
CA ALA A 91 17.97 8.34 3.01
C ALA A 91 18.19 9.12 4.31
N GLN A 92 17.16 9.17 5.13
CA GLN A 92 17.24 9.82 6.44
C GLN A 92 16.11 9.33 7.33
N SER A 93 16.40 9.23 8.62
CA SER A 93 15.41 8.80 9.59
C SER A 93 14.87 10.01 10.36
N GLN A 94 13.58 9.98 10.68
CA GLN A 94 12.92 11.06 11.40
C GLN A 94 13.05 12.36 10.61
N GLN A 95 12.64 12.32 9.35
CA GLN A 95 12.74 13.49 8.48
C GLN A 95 11.85 13.29 7.26
N LYS A 96 11.98 12.13 6.63
CA LYS A 96 11.15 11.79 5.50
C LYS A 96 9.98 10.96 5.98
N VAL A 97 8.98 11.65 6.51
CA VAL A 97 7.87 11.01 7.17
C VAL A 97 6.61 11.08 6.31
N PHE A 98 6.27 9.96 5.71
CA PHE A 98 5.05 9.86 4.92
C PHE A 98 3.86 9.73 5.84
N ASP A 99 2.69 10.08 5.34
CA ASP A 99 1.48 9.83 6.07
C ASP A 99 0.68 8.78 5.35
N VAL A 100 0.16 7.82 6.09
CA VAL A 100 -0.59 6.73 5.48
C VAL A 100 -1.97 6.62 6.12
N ARG A 101 -2.98 6.77 5.29
CA ARG A 101 -4.35 6.87 5.75
C ARG A 101 -5.19 5.71 5.24
N VAL A 102 -6.08 5.24 6.10
CA VAL A 102 -7.05 4.22 5.73
C VAL A 102 -8.45 4.80 5.85
N ASN A 103 -9.04 5.15 4.70
CA ASN A 103 -10.29 5.91 4.65
C ASN A 103 -10.09 7.21 5.42
N GLY A 104 -8.98 7.86 5.14
CA GLY A 104 -8.67 9.12 5.77
C GLY A 104 -7.88 8.97 7.05
N HIS A 105 -7.94 7.80 7.66
CA HIS A 105 -7.35 7.58 8.97
C HIS A 105 -5.84 7.40 8.90
N THR A 106 -5.09 8.38 9.36
CA THR A 106 -3.64 8.28 9.36
C THR A 106 -3.16 7.26 10.37
N VAL A 107 -3.07 6.01 9.93
CA VAL A 107 -2.55 4.95 10.76
C VAL A 107 -1.07 5.18 10.98
N VAL A 108 -0.34 5.30 9.89
CA VAL A 108 1.09 5.54 9.98
C VAL A 108 1.41 6.93 9.46
N LYS A 109 1.41 7.89 10.36
CA LYS A 109 1.74 9.25 10.00
C LYS A 109 3.10 9.62 10.57
N ASP A 110 4.12 9.04 9.94
CA ASP A 110 5.50 9.11 10.41
C ASP A 110 6.32 8.07 9.67
N LEU A 111 5.93 7.83 8.43
CA LEU A 111 6.47 6.70 7.67
C LEU A 111 7.86 7.00 7.13
N ASP A 112 8.85 7.03 8.01
CA ASP A 112 10.24 7.03 7.60
C ASP A 112 10.62 5.62 7.21
N ILE A 113 10.50 5.30 5.93
CA ILE A 113 10.83 3.96 5.44
C ILE A 113 12.26 3.59 5.86
N PHE A 114 13.15 4.57 5.80
CA PHE A 114 14.54 4.38 6.16
C PHE A 114 14.69 4.05 7.64
N ASP A 115 13.90 4.71 8.47
CA ASP A 115 13.97 4.49 9.92
C ASP A 115 13.38 3.15 10.32
N ARG A 116 12.34 2.73 9.61
CA ARG A 116 11.58 1.56 10.01
C ARG A 116 12.29 0.27 9.62
N VAL A 117 12.73 0.17 8.37
CA VAL A 117 13.39 -1.05 7.90
C VAL A 117 14.88 -0.82 7.64
N GLY A 118 15.26 0.41 7.38
CA GLY A 118 16.64 0.70 7.06
C GLY A 118 16.82 1.14 5.62
N HIS A 119 17.92 0.73 5.03
CA HIS A 119 18.20 1.08 3.65
C HIS A 119 17.58 0.06 2.70
N SER A 120 16.55 0.49 1.98
CA SER A 120 15.89 -0.34 0.98
C SER A 120 15.13 -1.51 1.65
N THR A 121 15.01 -2.63 0.92
CA THR A 121 14.26 -3.82 1.35
C THR A 121 12.76 -3.52 1.44
N ALA A 122 11.97 -4.54 1.77
CA ALA A 122 10.52 -4.41 1.80
C ALA A 122 10.02 -4.01 3.17
N HIS A 123 9.37 -2.85 3.24
CA HIS A 123 8.71 -2.42 4.46
C HIS A 123 7.29 -2.94 4.44
N ASP A 124 6.88 -3.57 5.53
CA ASP A 124 5.59 -4.24 5.57
C ASP A 124 4.73 -3.69 6.69
N GLU A 125 3.64 -3.03 6.31
CA GLU A 125 2.71 -2.51 7.29
C GLU A 125 1.36 -3.19 7.13
N ILE A 126 0.98 -3.96 8.13
CA ILE A 126 -0.31 -4.66 8.13
C ILE A 126 -1.33 -3.87 8.93
N ILE A 127 -2.40 -3.47 8.27
CA ILE A 127 -3.40 -2.60 8.88
C ILE A 127 -4.80 -3.22 8.79
N PRO A 128 -5.18 -4.02 9.79
CA PRO A 128 -6.52 -4.61 9.85
C PRO A 128 -7.57 -3.58 10.28
N ILE A 129 -8.62 -3.46 9.48
CA ILE A 129 -9.73 -2.56 9.79
C ILE A 129 -10.95 -3.40 10.13
N SER A 130 -11.88 -2.82 10.86
CA SER A 130 -13.10 -3.52 11.22
C SER A 130 -14.31 -2.71 10.75
N ILE A 131 -14.97 -3.19 9.70
CA ILE A 131 -16.18 -2.55 9.22
C ILE A 131 -17.37 -3.40 9.62
N LYS A 132 -18.43 -2.75 10.09
CA LYS A 132 -19.68 -3.42 10.39
C LYS A 132 -20.86 -2.48 10.25
N LYS A 133 -21.88 -2.95 9.53
CA LYS A 133 -23.11 -2.20 9.34
C LYS A 133 -22.84 -0.83 8.74
N GLY A 134 -21.75 -0.74 7.99
CA GLY A 134 -21.42 0.50 7.31
C GLY A 134 -20.59 1.44 8.16
N LYS A 135 -20.04 0.95 9.26
CA LYS A 135 -19.16 1.75 10.09
C LYS A 135 -17.76 1.16 10.07
N LEU A 136 -16.76 2.02 9.96
CA LEU A 136 -15.39 1.58 9.75
C LEU A 136 -14.53 1.97 10.96
N SER A 137 -13.92 0.98 11.59
CA SER A 137 -13.03 1.22 12.71
C SER A 137 -11.63 0.75 12.37
N VAL A 138 -10.69 1.68 12.29
CA VAL A 138 -9.31 1.33 11.99
C VAL A 138 -8.56 1.09 13.31
N GLN A 139 -8.21 -0.17 13.56
CA GLN A 139 -7.54 -0.57 14.80
C GLN A 139 -8.45 -0.32 16.01
N GLY A 140 -8.42 0.91 16.52
CA GLY A 140 -9.28 1.28 17.62
C GLY A 140 -9.84 2.68 17.43
N GLU A 141 -9.78 3.17 16.20
CA GLU A 141 -10.31 4.49 15.88
C GLU A 141 -11.58 4.31 15.05
N VAL A 142 -12.69 4.84 15.54
CA VAL A 142 -13.99 4.52 14.96
C VAL A 142 -14.52 5.66 14.08
N SER A 143 -15.24 5.29 13.04
CA SER A 143 -15.84 6.24 12.12
C SER A 143 -16.92 5.52 11.30
N THR A 144 -17.62 6.25 10.46
CA THR A 144 -18.59 5.64 9.58
C THR A 144 -18.00 5.48 8.18
N PHE A 145 -18.27 4.34 7.55
CA PHE A 145 -17.75 4.05 6.22
C PHE A 145 -18.62 4.75 5.17
N THR A 146 -17.97 5.44 4.25
CA THR A 146 -18.70 6.16 3.21
C THR A 146 -18.12 5.86 1.82
N GLY A 147 -18.89 5.14 1.03
CA GLY A 147 -18.54 4.90 -0.36
C GLY A 147 -17.47 3.86 -0.54
N LYS A 148 -16.24 4.22 -0.20
CA LYS A 148 -15.11 3.33 -0.42
C LYS A 148 -13.98 3.66 0.53
N LEU A 149 -12.99 2.78 0.58
CA LEU A 149 -11.83 2.99 1.44
C LEU A 149 -10.88 3.93 0.74
N SER A 150 -10.10 4.70 1.48
CA SER A 150 -9.14 5.58 0.82
C SER A 150 -7.79 5.46 1.48
N VAL A 151 -6.89 4.75 0.82
CA VAL A 151 -5.55 4.63 1.35
C VAL A 151 -4.70 5.73 0.73
N GLU A 152 -4.56 6.80 1.48
CA GLU A 152 -3.90 8.00 1.01
C GLU A 152 -2.55 8.14 1.69
N PHE A 153 -1.49 8.19 0.91
CA PHE A 153 -0.18 8.41 1.50
C PHE A 153 0.37 9.75 1.07
N VAL A 154 0.54 10.63 2.05
CA VAL A 154 0.92 12.00 1.81
C VAL A 154 2.43 12.12 1.63
N LYS A 155 2.83 12.98 0.68
CA LYS A 155 4.21 13.13 0.28
C LYS A 155 5.08 13.71 1.40
N GLY A 156 5.95 12.86 1.93
CA GLY A 156 6.89 13.30 2.94
C GLY A 156 8.12 13.94 2.33
N TYR A 157 8.02 15.23 2.04
CA TYR A 157 9.13 16.02 1.53
C TYR A 157 9.59 15.49 0.15
N TYR A 158 8.68 15.58 -0.83
CA TYR A 158 8.94 15.10 -2.20
C TYR A 158 9.16 13.58 -2.19
N ASP A 159 9.28 12.96 -3.37
CA ASP A 159 9.44 11.50 -3.48
C ASP A 159 8.47 10.77 -2.58
N ASN A 160 7.24 10.65 -3.04
CA ASN A 160 6.21 9.94 -2.31
C ASN A 160 6.62 8.49 -2.10
N PRO A 161 5.84 7.69 -1.34
CA PRO A 161 6.07 6.24 -1.22
C PRO A 161 6.41 5.61 -2.56
N LYS A 162 7.71 5.44 -2.81
CA LYS A 162 8.25 5.20 -4.13
C LYS A 162 7.61 3.99 -4.80
N VAL A 163 7.78 2.82 -4.20
CA VAL A 163 7.05 1.65 -4.65
C VAL A 163 6.03 1.29 -3.59
N CYS A 164 4.82 0.95 -4.03
CA CYS A 164 3.71 0.84 -3.10
C CYS A 164 2.84 -0.38 -3.37
N ALA A 165 3.20 -1.49 -2.75
CA ALA A 165 2.52 -2.78 -2.89
C ALA A 165 1.19 -2.85 -2.13
N LEU A 166 0.45 -1.75 -2.13
CA LEU A 166 -0.81 -1.63 -1.40
C LEU A 166 -1.82 -2.75 -1.74
N PHE A 167 -1.96 -3.70 -0.83
CA PHE A 167 -2.91 -4.81 -1.01
C PHE A 167 -3.98 -4.79 0.09
N ILE A 168 -5.25 -4.77 -0.30
CA ILE A 168 -6.34 -4.91 0.68
C ILE A 168 -7.13 -6.20 0.45
N MET A 169 -7.19 -7.00 1.50
CA MET A 169 -7.89 -8.27 1.46
C MET A 169 -9.08 -8.23 2.42
N LYS A 170 -10.04 -9.12 2.21
CA LYS A 170 -11.29 -9.06 2.91
C LYS A 170 -11.46 -10.12 4.00
N GLY A 171 -11.90 -9.63 5.15
CA GLY A 171 -12.58 -10.46 6.13
C GLY A 171 -11.78 -10.80 7.38
N THR A 172 -10.45 -10.88 7.29
CA THR A 172 -9.64 -11.23 8.47
C THR A 172 -8.13 -11.17 8.22
N ALA A 173 -7.38 -11.02 9.30
CA ALA A 173 -5.91 -11.06 9.24
C ALA A 173 -5.39 -12.49 9.29
N ASP A 174 -6.29 -13.43 9.55
CA ASP A 174 -5.91 -14.84 9.66
C ASP A 174 -5.82 -15.49 8.28
N GLY A 1 -5.38 -19.17 0.82
CA GLY A 1 -6.71 -18.68 0.57
C GLY A 1 -6.76 -17.17 0.54
N LEU A 2 -5.59 -16.56 0.54
CA LEU A 2 -5.48 -15.11 0.47
C LEU A 2 -6.14 -14.59 -0.80
N ALA A 3 -6.01 -15.34 -1.87
CA ALA A 3 -6.57 -14.98 -3.17
C ALA A 3 -8.08 -15.07 -3.17
N ASP A 4 -8.62 -15.87 -2.26
CA ASP A 4 -10.04 -16.13 -2.22
C ASP A 4 -10.80 -15.00 -1.53
N LYS A 5 -10.07 -14.17 -0.81
CA LYS A 5 -10.72 -13.08 -0.08
C LYS A 5 -10.10 -11.74 -0.41
N VAL A 6 -9.13 -11.71 -1.32
CA VAL A 6 -8.66 -10.43 -1.85
C VAL A 6 -9.80 -9.67 -2.49
N ILE A 7 -9.86 -8.37 -2.23
CA ILE A 7 -10.89 -7.53 -2.82
C ILE A 7 -10.29 -6.49 -3.75
N TRP A 8 -9.02 -6.17 -3.54
CA TRP A 8 -8.39 -5.09 -4.28
C TRP A 8 -6.87 -5.09 -4.01
N ALA A 9 -6.07 -4.76 -5.01
CA ALA A 9 -4.62 -4.74 -4.84
C ALA A 9 -3.94 -3.94 -5.95
N VAL A 10 -2.96 -3.14 -5.56
CA VAL A 10 -2.19 -2.34 -6.50
C VAL A 10 -0.72 -2.29 -6.10
N ASN A 11 0.16 -2.65 -7.01
CA ASN A 11 1.57 -2.37 -6.81
C ASN A 11 1.94 -1.16 -7.65
N ALA A 12 2.11 -0.03 -6.97
CA ALA A 12 2.51 1.20 -7.61
C ALA A 12 3.91 1.08 -8.15
N GLY A 13 3.98 0.61 -9.40
CA GLY A 13 5.22 0.50 -10.12
C GLY A 13 5.02 0.08 -11.55
N GLY A 14 4.59 -1.15 -11.75
CA GLY A 14 4.50 -1.70 -13.08
C GLY A 14 3.08 -1.95 -13.53
N GLU A 15 2.84 -3.14 -14.07
CA GLU A 15 1.55 -3.46 -14.65
C GLU A 15 1.12 -4.88 -14.27
N SER A 16 -0.03 -4.95 -13.58
CA SER A 16 -0.76 -6.19 -13.26
C SER A 16 0.11 -7.42 -12.95
N HIS A 17 0.14 -7.83 -11.69
CA HIS A 17 0.88 -9.04 -11.33
C HIS A 17 0.10 -9.89 -10.34
N VAL A 18 -0.03 -11.16 -10.67
CA VAL A 18 -0.59 -12.15 -9.77
C VAL A 18 0.53 -12.72 -8.91
N ASP A 19 0.48 -12.43 -7.62
CA ASP A 19 1.49 -12.92 -6.69
C ASP A 19 1.26 -14.38 -6.35
N VAL A 20 2.31 -15.02 -5.83
CA VAL A 20 2.30 -16.46 -5.49
C VAL A 20 1.16 -16.84 -4.55
N HIS A 21 0.69 -15.89 -3.74
CA HIS A 21 -0.42 -16.17 -2.83
C HIS A 21 -1.74 -16.08 -3.60
N GLY A 22 -1.63 -15.66 -4.86
CA GLY A 22 -2.77 -15.57 -5.74
C GLY A 22 -3.35 -14.18 -5.78
N ILE A 23 -2.54 -13.18 -5.48
CA ILE A 23 -3.04 -11.82 -5.40
C ILE A 23 -2.74 -11.05 -6.68
N HIS A 24 -3.77 -10.77 -7.46
CA HIS A 24 -3.62 -10.03 -8.70
C HIS A 24 -3.68 -8.53 -8.44
N TYR A 25 -2.56 -7.86 -8.60
CA TYR A 25 -2.52 -6.42 -8.46
C TYR A 25 -2.86 -5.75 -9.79
N ARG A 26 -3.65 -4.69 -9.74
CA ARG A 26 -4.04 -3.96 -10.94
C ARG A 26 -3.09 -2.80 -11.20
N LYS A 27 -2.75 -2.62 -12.48
CA LYS A 27 -1.72 -1.64 -12.88
C LYS A 27 -2.19 -0.19 -12.80
N ASP A 28 -1.26 0.61 -12.28
CA ASP A 28 -1.27 2.08 -12.28
C ASP A 28 -2.66 2.75 -12.31
N PRO A 29 -3.55 2.43 -11.37
CA PRO A 29 -4.91 2.94 -11.36
C PRO A 29 -5.08 4.20 -10.51
N LEU A 30 -4.06 5.05 -10.50
CA LEU A 30 -4.10 6.26 -9.68
C LEU A 30 -3.57 7.50 -10.42
N GLU A 31 -2.35 7.43 -10.95
CA GLU A 31 -1.78 8.57 -11.67
C GLU A 31 -2.35 8.64 -13.09
N GLY A 32 -3.46 9.36 -13.21
CA GLY A 32 -4.23 9.36 -14.44
C GLY A 32 -5.20 8.20 -14.46
N ARG A 33 -5.02 7.31 -13.48
CA ARG A 33 -5.82 6.10 -13.28
C ARG A 33 -5.61 5.07 -14.40
N VAL A 34 -5.23 5.54 -15.59
CA VAL A 34 -4.95 4.67 -16.71
C VAL A 34 -3.58 4.98 -17.28
N GLY A 35 -2.67 4.02 -17.21
CA GLY A 35 -1.35 4.21 -17.76
C GLY A 35 -0.76 2.93 -18.31
N ARG A 36 0.55 2.82 -18.26
CA ARG A 36 1.24 1.66 -18.82
C ARG A 36 2.57 1.43 -18.10
N ALA A 37 2.46 1.00 -16.84
CA ALA A 37 3.63 0.57 -16.06
C ALA A 37 4.74 1.62 -16.04
N SER A 38 4.60 2.60 -15.18
CA SER A 38 5.62 3.63 -15.04
C SER A 38 6.75 3.13 -14.14
N ASP A 39 7.46 2.10 -14.58
CA ASP A 39 8.51 1.46 -13.78
C ASP A 39 9.78 2.32 -13.72
N TYR A 40 9.62 3.54 -13.24
CA TYR A 40 10.72 4.47 -13.09
C TYR A 40 11.01 4.67 -11.61
N GLY A 41 12.26 4.44 -11.23
CA GLY A 41 12.60 4.44 -9.81
C GLY A 41 12.57 3.04 -9.26
N MET A 42 12.40 2.07 -10.16
CA MET A 42 12.27 0.67 -9.81
C MET A 42 13.59 0.08 -9.30
N LYS A 43 14.64 0.90 -9.25
CA LYS A 43 15.94 0.44 -8.79
C LYS A 43 16.00 0.41 -7.27
N LEU A 44 15.27 -0.53 -6.70
CA LEU A 44 15.26 -0.75 -5.27
C LEU A 44 14.88 -2.21 -5.01
N PRO A 45 15.82 -3.14 -5.27
CA PRO A 45 15.55 -4.57 -5.16
C PRO A 45 15.10 -4.99 -3.77
N ILE A 46 13.89 -5.52 -3.67
CA ILE A 46 13.38 -6.03 -2.42
C ILE A 46 13.94 -7.42 -2.15
N LEU A 47 14.98 -7.44 -1.33
CA LEU A 47 15.68 -8.67 -0.98
C LEU A 47 14.74 -9.67 -0.28
N ARG A 48 13.81 -9.14 0.51
CA ARG A 48 12.97 -9.97 1.36
C ARG A 48 11.70 -10.45 0.65
N SER A 49 11.78 -10.69 -0.65
CA SER A 49 10.66 -11.29 -1.37
C SER A 49 11.17 -12.26 -2.44
N ASN A 50 10.25 -13.05 -3.00
CA ASN A 50 10.59 -14.00 -4.04
C ASN A 50 10.44 -13.33 -5.40
N PRO A 51 11.35 -13.62 -6.35
CA PRO A 51 11.57 -12.80 -7.56
C PRO A 51 10.33 -12.22 -8.22
N GLU A 52 9.25 -13.00 -8.35
CA GLU A 52 8.05 -12.51 -9.02
C GLU A 52 7.25 -11.57 -8.12
N ASP A 53 7.09 -11.93 -6.86
CA ASP A 53 6.35 -11.11 -5.92
C ASP A 53 7.25 -10.00 -5.41
N GLN A 54 8.55 -10.18 -5.59
CA GLN A 54 9.53 -9.13 -5.41
C GLN A 54 9.21 -7.99 -6.37
N VAL A 55 8.91 -8.32 -7.62
CA VAL A 55 8.44 -7.33 -8.58
C VAL A 55 7.21 -6.62 -8.02
N LEU A 56 6.31 -7.42 -7.46
CA LEU A 56 5.10 -6.93 -6.84
C LEU A 56 5.37 -6.05 -5.63
N TYR A 57 6.56 -6.15 -5.08
CA TYR A 57 6.93 -5.45 -3.85
C TYR A 57 8.02 -4.41 -4.10
N GLN A 58 8.45 -4.29 -5.35
CA GLN A 58 9.64 -3.49 -5.68
C GLN A 58 9.37 -2.41 -6.72
N THR A 59 8.60 -2.73 -7.74
CA THR A 59 8.39 -1.82 -8.85
C THR A 59 7.74 -0.50 -8.39
N GLU A 60 8.30 0.63 -8.83
CA GLU A 60 7.83 1.96 -8.43
C GLU A 60 7.39 2.76 -9.65
N ARG A 61 6.40 3.64 -9.47
CA ARG A 61 5.96 4.54 -10.54
C ARG A 61 6.46 5.96 -10.27
N TYR A 62 5.98 6.91 -11.05
CA TYR A 62 6.40 8.30 -10.91
C TYR A 62 5.67 8.96 -9.74
N ASN A 63 4.34 9.01 -9.81
CA ASN A 63 3.52 9.61 -8.74
C ASN A 63 3.86 11.08 -8.55
N GLU A 64 3.42 11.67 -7.42
CA GLU A 64 3.71 13.07 -7.13
C GLU A 64 3.56 13.39 -5.64
N ASP A 65 2.37 13.82 -5.25
CA ASP A 65 2.13 14.29 -3.89
C ASP A 65 0.69 14.01 -3.48
N SER A 66 0.51 13.63 -2.21
CA SER A 66 -0.79 13.22 -1.69
C SER A 66 -1.46 12.25 -2.65
N PHE A 67 -0.85 11.10 -2.87
CA PHE A 67 -1.40 10.18 -3.84
C PHE A 67 -2.02 8.99 -3.14
N GLY A 68 -3.28 8.73 -3.48
CA GLY A 68 -4.04 7.71 -2.81
C GLY A 68 -5.01 6.99 -3.71
N TYR A 69 -5.32 5.76 -3.35
CA TYR A 69 -6.15 4.90 -4.16
C TYR A 69 -7.55 4.79 -3.58
N ASP A 70 -8.47 4.29 -4.40
CA ASP A 70 -9.84 4.10 -3.97
C ASP A 70 -10.20 2.60 -3.96
N ILE A 71 -10.54 2.11 -2.78
CA ILE A 71 -10.97 0.72 -2.60
C ILE A 71 -12.48 0.69 -2.41
N PRO A 72 -13.25 0.55 -3.48
CA PRO A 72 -14.71 0.53 -3.41
C PRO A 72 -15.23 -0.60 -2.52
N ILE A 73 -15.96 -0.24 -1.47
CA ILE A 73 -16.42 -1.22 -0.50
C ILE A 73 -17.95 -1.24 -0.41
N LYS A 74 -18.51 -2.44 -0.38
CA LYS A 74 -19.95 -2.60 -0.18
C LYS A 74 -20.23 -3.64 0.91
N GLU A 75 -19.19 -4.09 1.59
CA GLU A 75 -19.31 -5.17 2.55
C GLU A 75 -18.64 -4.82 3.86
N GLU A 76 -18.80 -5.69 4.85
CA GLU A 76 -18.17 -5.53 6.14
C GLU A 76 -17.12 -6.63 6.35
N GLY A 77 -16.57 -6.69 7.55
CA GLY A 77 -15.60 -7.73 7.87
C GLY A 77 -14.26 -7.14 8.27
N GLU A 78 -13.22 -7.98 8.33
CA GLU A 78 -11.89 -7.50 8.68
C GLU A 78 -11.09 -7.27 7.40
N TYR A 79 -10.92 -6.03 6.99
CA TYR A 79 -10.16 -5.80 5.78
C TYR A 79 -8.75 -5.47 6.17
N VAL A 80 -7.83 -6.25 5.65
CA VAL A 80 -6.46 -6.14 6.07
C VAL A 80 -5.61 -5.65 4.93
N LEU A 81 -5.20 -4.42 5.03
CA LEU A 81 -4.37 -3.80 4.03
C LEU A 81 -2.92 -4.04 4.35
N VAL A 82 -2.32 -4.94 3.62
CA VAL A 82 -0.90 -5.15 3.71
C VAL A 82 -0.27 -4.50 2.49
N LEU A 83 0.28 -3.32 2.66
CA LEU A 83 0.87 -2.62 1.55
C LEU A 83 2.37 -2.60 1.69
N LYS A 84 3.06 -2.94 0.61
CA LYS A 84 4.50 -2.92 0.64
C LYS A 84 5.03 -1.56 0.24
N PHE A 85 5.79 -0.98 1.12
CA PHE A 85 6.45 0.27 0.85
C PHE A 85 7.93 0.00 0.63
N ALA A 86 8.48 0.61 -0.38
CA ALA A 86 9.89 0.45 -0.67
C ALA A 86 10.56 1.81 -0.75
N GLU A 87 11.55 1.98 0.12
CA GLU A 87 12.32 3.20 0.26
C GLU A 87 13.56 2.90 1.08
N VAL A 88 14.66 3.55 0.70
CA VAL A 88 15.98 3.38 1.32
C VAL A 88 17.00 4.15 0.49
N TYR A 89 16.69 4.31 -0.80
CA TYR A 89 17.58 4.97 -1.75
C TYR A 89 17.88 6.41 -1.32
N PHE A 90 16.90 7.03 -0.68
CA PHE A 90 17.11 8.33 -0.07
C PHE A 90 17.40 8.13 1.41
N ALA A 91 18.66 7.88 1.72
CA ALA A 91 19.08 7.49 3.07
C ALA A 91 18.88 8.61 4.08
N GLN A 92 17.82 8.49 4.87
CA GLN A 92 17.57 9.36 6.01
C GLN A 92 16.40 8.82 6.82
N SER A 93 16.52 8.86 8.13
CA SER A 93 15.51 8.31 9.01
C SER A 93 15.07 9.32 10.08
N GLN A 94 13.89 9.09 10.65
CA GLN A 94 13.32 9.92 11.72
C GLN A 94 13.40 11.42 11.38
N GLN A 95 13.05 11.74 10.14
CA GLN A 95 13.07 13.11 9.66
C GLN A 95 11.96 13.29 8.64
N LYS A 96 12.06 12.54 7.56
CA LYS A 96 11.00 12.50 6.58
C LYS A 96 9.98 11.43 6.99
N VAL A 97 8.91 11.87 7.62
CA VAL A 97 7.91 10.96 8.13
C VAL A 97 6.64 11.06 7.29
N PHE A 98 6.38 10.02 6.54
CA PHE A 98 5.26 9.98 5.61
C PHE A 98 3.95 9.81 6.37
N ASP A 99 2.87 10.28 5.77
CA ASP A 99 1.55 10.09 6.34
C ASP A 99 0.81 9.02 5.58
N VAL A 100 0.12 8.15 6.28
CA VAL A 100 -0.59 7.04 5.68
C VAL A 100 -1.99 6.90 6.26
N ARG A 101 -2.99 7.00 5.39
CA ARG A 101 -4.39 7.02 5.80
C ARG A 101 -5.18 5.87 5.18
N VAL A 102 -6.09 5.31 5.97
CA VAL A 102 -7.03 4.30 5.50
C VAL A 102 -8.46 4.81 5.65
N ASN A 103 -9.03 5.24 4.54
CA ASN A 103 -10.34 5.91 4.51
C ASN A 103 -10.30 7.11 5.44
N GLY A 104 -9.30 7.94 5.25
CA GLY A 104 -9.17 9.15 6.03
C GLY A 104 -8.38 8.95 7.31
N HIS A 105 -8.26 7.70 7.73
CA HIS A 105 -7.68 7.38 9.03
C HIS A 105 -6.16 7.29 8.97
N THR A 106 -5.48 8.30 9.50
CA THR A 106 -4.03 8.27 9.57
C THR A 106 -3.54 7.24 10.58
N VAL A 107 -3.24 6.05 10.09
CA VAL A 107 -2.70 5.00 10.93
C VAL A 107 -1.22 5.26 11.17
N VAL A 108 -0.51 5.51 10.08
CA VAL A 108 0.91 5.73 10.17
C VAL A 108 1.25 7.12 9.68
N LYS A 109 1.24 8.08 10.58
CA LYS A 109 1.61 9.44 10.24
C LYS A 109 2.96 9.73 10.88
N ASP A 110 3.95 9.09 10.30
CA ASP A 110 5.31 9.09 10.82
C ASP A 110 6.14 8.04 10.09
N LEU A 111 5.67 7.64 8.92
CA LEU A 111 6.25 6.52 8.21
C LEU A 111 7.61 6.89 7.59
N ASP A 112 8.69 6.50 8.26
CA ASP A 112 10.02 6.69 7.72
C ASP A 112 10.62 5.33 7.37
N ILE A 113 10.41 4.93 6.11
CA ILE A 113 10.72 3.58 5.64
C ILE A 113 12.16 3.17 5.93
N PHE A 114 13.10 4.10 5.68
CA PHE A 114 14.52 3.82 5.85
C PHE A 114 14.85 3.38 7.27
N ASP A 115 14.21 3.98 8.26
CA ASP A 115 14.46 3.61 9.66
C ASP A 115 13.82 2.27 9.97
N ARG A 116 12.69 1.99 9.33
CA ARG A 116 11.90 0.82 9.62
C ARG A 116 12.59 -0.45 9.14
N VAL A 117 13.12 -0.41 7.93
CA VAL A 117 13.83 -1.57 7.38
C VAL A 117 15.34 -1.43 7.50
N GLY A 118 15.86 -0.24 7.26
CA GLY A 118 17.30 -0.01 7.32
C GLY A 118 18.00 -0.43 6.05
N HIS A 119 17.85 -1.70 5.71
CA HIS A 119 18.45 -2.26 4.51
C HIS A 119 17.41 -2.32 3.40
N SER A 120 17.85 -2.12 2.16
CA SER A 120 16.98 -2.14 0.99
C SER A 120 16.19 -3.45 0.92
N THR A 121 14.98 -3.44 1.47
CA THR A 121 14.15 -4.63 1.54
C THR A 121 12.68 -4.24 1.49
N ALA A 122 11.80 -5.21 1.65
CA ALA A 122 10.38 -4.94 1.65
C ALA A 122 9.91 -4.40 2.99
N HIS A 123 9.30 -3.24 2.97
CA HIS A 123 8.60 -2.75 4.15
C HIS A 123 7.12 -2.92 3.91
N ASP A 124 6.36 -3.22 4.94
CA ASP A 124 4.92 -3.26 4.78
C ASP A 124 4.20 -2.82 6.03
N GLU A 125 3.13 -2.07 5.83
CA GLU A 125 2.24 -1.70 6.91
C GLU A 125 0.99 -2.54 6.82
N ILE A 126 0.79 -3.38 7.81
CA ILE A 126 -0.36 -4.27 7.85
C ILE A 126 -1.46 -3.63 8.70
N ILE A 127 -2.53 -3.22 8.04
CA ILE A 127 -3.59 -2.47 8.71
C ILE A 127 -4.92 -3.21 8.62
N PRO A 128 -5.28 -3.95 9.68
CA PRO A 128 -6.60 -4.58 9.79
C PRO A 128 -7.67 -3.58 10.21
N ILE A 129 -8.71 -3.49 9.40
CA ILE A 129 -9.86 -2.64 9.70
C ILE A 129 -11.05 -3.52 10.01
N SER A 130 -11.97 -3.01 10.78
CA SER A 130 -13.20 -3.75 11.06
C SER A 130 -14.41 -2.91 10.67
N ILE A 131 -15.08 -3.32 9.61
CA ILE A 131 -16.29 -2.65 9.16
C ILE A 131 -17.50 -3.39 9.66
N LYS A 132 -18.37 -2.69 10.37
CA LYS A 132 -19.61 -3.27 10.88
C LYS A 132 -20.67 -2.18 10.98
N LYS A 133 -21.88 -2.50 10.54
CA LYS A 133 -23.00 -1.58 10.61
C LYS A 133 -22.75 -0.32 9.80
N GLY A 134 -21.90 -0.43 8.79
CA GLY A 134 -21.60 0.70 7.93
C GLY A 134 -20.58 1.62 8.56
N LYS A 135 -19.99 1.18 9.65
CA LYS A 135 -18.95 1.96 10.32
C LYS A 135 -17.61 1.26 10.16
N LEU A 136 -16.58 2.03 9.88
CA LEU A 136 -15.26 1.48 9.66
C LEU A 136 -14.36 1.82 10.85
N SER A 137 -13.93 0.81 11.56
CA SER A 137 -13.09 1.00 12.72
C SER A 137 -11.68 0.52 12.42
N VAL A 138 -10.71 1.40 12.62
CA VAL A 138 -9.32 1.07 12.36
C VAL A 138 -8.54 1.05 13.66
N GLN A 139 -8.40 -0.15 14.22
CA GLN A 139 -7.67 -0.37 15.46
C GLN A 139 -8.33 0.37 16.63
N GLY A 140 -7.90 1.60 16.86
CA GLY A 140 -8.44 2.39 17.96
C GLY A 140 -9.36 3.49 17.48
N GLU A 141 -9.38 3.73 16.17
CA GLU A 141 -10.21 4.78 15.60
C GLU A 141 -11.52 4.21 15.07
N VAL A 142 -12.57 5.01 15.10
CA VAL A 142 -13.88 4.58 14.63
C VAL A 142 -14.60 5.72 13.92
N SER A 143 -15.03 5.46 12.69
CA SER A 143 -15.78 6.44 11.92
C SER A 143 -16.63 5.72 10.88
N THR A 144 -17.84 6.22 10.66
CA THR A 144 -18.74 5.60 9.69
C THR A 144 -18.12 5.58 8.29
N PHE A 145 -18.35 4.49 7.60
CA PHE A 145 -17.80 4.29 6.27
C PHE A 145 -18.72 4.91 5.22
N THR A 146 -18.13 5.52 4.20
CA THR A 146 -18.91 6.09 3.13
C THR A 146 -18.19 5.93 1.79
N GLY A 147 -18.83 5.21 0.88
CA GLY A 147 -18.33 5.07 -0.46
C GLY A 147 -17.28 3.99 -0.61
N LYS A 148 -16.07 4.29 -0.20
CA LYS A 148 -14.96 3.37 -0.40
C LYS A 148 -13.82 3.68 0.56
N LEU A 149 -12.86 2.77 0.61
CA LEU A 149 -11.67 2.94 1.44
C LEU A 149 -10.65 3.79 0.69
N SER A 150 -10.04 4.76 1.36
CA SER A 150 -9.12 5.64 0.66
C SER A 150 -7.73 5.57 1.29
N VAL A 151 -6.79 4.97 0.60
CA VAL A 151 -5.42 4.87 1.11
C VAL A 151 -4.59 6.01 0.54
N GLU A 152 -4.44 7.07 1.32
CA GLU A 152 -3.73 8.24 0.86
C GLU A 152 -2.47 8.45 1.68
N PHE A 153 -1.37 8.72 1.01
CA PHE A 153 -0.13 9.00 1.70
C PHE A 153 0.44 10.36 1.30
N VAL A 154 0.90 11.07 2.33
CA VAL A 154 1.29 12.48 2.22
C VAL A 154 2.81 12.64 2.21
N LYS A 155 3.24 13.63 1.43
CA LYS A 155 4.65 13.98 1.22
C LYS A 155 5.46 14.05 2.50
N GLY A 156 6.60 13.35 2.49
CA GLY A 156 7.52 13.42 3.61
C GLY A 156 8.64 14.40 3.34
N TYR A 157 9.53 14.06 2.41
CA TYR A 157 10.61 14.95 2.02
C TYR A 157 10.57 15.21 0.51
N TYR A 158 11.18 14.30 -0.24
CA TYR A 158 11.20 14.37 -1.70
C TYR A 158 10.68 13.04 -2.25
N ASP A 159 10.44 12.15 -1.32
CA ASP A 159 10.18 10.74 -1.56
C ASP A 159 8.79 10.37 -1.11
N ASN A 160 7.86 11.27 -1.32
CA ASN A 160 6.47 10.91 -1.24
C ASN A 160 6.21 9.87 -2.32
N PRO A 161 6.62 10.14 -3.59
CA PRO A 161 6.60 9.12 -4.64
C PRO A 161 7.53 7.97 -4.29
N LYS A 162 6.95 6.82 -3.96
CA LYS A 162 7.74 5.67 -3.60
C LYS A 162 7.02 4.38 -4.04
N VAL A 163 7.66 3.24 -3.82
CA VAL A 163 7.05 1.96 -4.22
C VAL A 163 5.84 1.65 -3.34
N CYS A 164 4.73 1.22 -3.94
CA CYS A 164 3.52 1.00 -3.14
C CYS A 164 2.72 -0.23 -3.56
N ALA A 165 3.10 -1.36 -3.01
CA ALA A 165 2.45 -2.66 -3.23
C ALA A 165 1.13 -2.79 -2.46
N LEU A 166 0.39 -1.69 -2.37
CA LEU A 166 -0.85 -1.61 -1.60
C LEU A 166 -1.84 -2.75 -1.92
N PHE A 167 -1.89 -3.73 -1.03
CA PHE A 167 -2.78 -4.88 -1.17
C PHE A 167 -3.83 -4.88 -0.04
N ILE A 168 -5.11 -5.00 -0.40
CA ILE A 168 -6.15 -5.12 0.61
C ILE A 168 -6.95 -6.42 0.43
N MET A 169 -7.01 -7.21 1.49
CA MET A 169 -7.77 -8.46 1.48
C MET A 169 -8.92 -8.35 2.48
N LYS A 170 -9.88 -9.27 2.40
CA LYS A 170 -11.10 -9.11 3.17
C LYS A 170 -11.34 -10.26 4.14
N GLY A 171 -11.98 -9.90 5.23
CA GLY A 171 -12.61 -10.84 6.12
C GLY A 171 -11.84 -11.10 7.39
N THR A 172 -10.51 -10.96 7.36
CA THR A 172 -9.69 -11.32 8.52
C THR A 172 -8.26 -10.81 8.43
N ALA A 173 -7.66 -10.58 9.60
CA ALA A 173 -6.23 -10.34 9.72
C ALA A 173 -5.48 -11.68 9.80
N ASP A 174 -6.24 -12.72 10.08
CA ASP A 174 -5.68 -14.05 10.32
C ASP A 174 -5.38 -14.80 9.03
N GLY A 1 -5.83 -19.21 1.22
CA GLY A 1 -6.29 -18.78 -0.07
C GLY A 1 -6.47 -17.28 -0.11
N LEU A 2 -5.36 -16.59 -0.25
CA LEU A 2 -5.34 -15.13 -0.19
C LEU A 2 -6.13 -14.54 -1.37
N ALA A 3 -6.17 -15.29 -2.46
CA ALA A 3 -6.91 -14.86 -3.66
C ALA A 3 -8.41 -14.92 -3.44
N ASP A 4 -8.84 -15.73 -2.48
CA ASP A 4 -10.26 -15.90 -2.18
C ASP A 4 -10.83 -14.62 -1.60
N LYS A 5 -10.07 -14.01 -0.71
CA LYS A 5 -10.59 -12.94 0.10
C LYS A 5 -10.13 -11.56 -0.37
N VAL A 6 -9.17 -11.52 -1.28
CA VAL A 6 -8.73 -10.24 -1.84
C VAL A 6 -9.88 -9.53 -2.55
N ILE A 7 -10.06 -8.26 -2.23
CA ILE A 7 -11.06 -7.44 -2.89
C ILE A 7 -10.39 -6.48 -3.84
N TRP A 8 -9.12 -6.19 -3.58
CA TRP A 8 -8.44 -5.11 -4.25
C TRP A 8 -6.93 -5.19 -3.96
N ALA A 9 -6.10 -4.89 -4.96
CA ALA A 9 -4.66 -4.87 -4.74
C ALA A 9 -3.95 -4.01 -5.78
N VAL A 10 -3.01 -3.21 -5.34
CA VAL A 10 -2.23 -2.36 -6.21
C VAL A 10 -0.80 -2.17 -5.72
N ASN A 11 0.15 -2.48 -6.59
CA ASN A 11 1.50 -2.06 -6.39
C ASN A 11 1.70 -0.77 -7.14
N ALA A 12 1.72 0.34 -6.45
CA ALA A 12 2.09 1.60 -7.07
C ALA A 12 3.50 1.47 -7.56
N GLY A 13 3.62 1.03 -8.80
CA GLY A 13 4.91 0.83 -9.40
C GLY A 13 5.02 -0.52 -10.10
N GLY A 14 4.21 -0.74 -11.11
CA GLY A 14 4.46 -1.85 -12.00
C GLY A 14 3.42 -1.97 -13.09
N GLU A 15 2.97 -3.20 -13.34
CA GLU A 15 1.84 -3.42 -14.23
C GLU A 15 1.24 -4.80 -14.02
N SER A 16 -0.04 -4.83 -13.60
CA SER A 16 -0.83 -6.06 -13.45
C SER A 16 0.00 -7.29 -13.04
N HIS A 17 0.21 -7.48 -11.76
CA HIS A 17 1.04 -8.61 -11.32
C HIS A 17 0.29 -9.48 -10.31
N VAL A 18 0.40 -10.78 -10.49
CA VAL A 18 -0.19 -11.74 -9.58
C VAL A 18 0.85 -12.27 -8.61
N ASP A 19 0.67 -11.95 -7.35
CA ASP A 19 1.54 -12.44 -6.28
C ASP A 19 1.25 -13.92 -6.05
N VAL A 20 2.26 -14.66 -5.57
CA VAL A 20 2.20 -16.13 -5.50
C VAL A 20 1.09 -16.65 -4.60
N HIS A 21 0.46 -15.77 -3.83
CA HIS A 21 -0.66 -16.16 -2.99
C HIS A 21 -1.95 -15.94 -3.75
N GLY A 22 -1.81 -15.38 -4.96
CA GLY A 22 -2.93 -15.16 -5.84
C GLY A 22 -3.46 -13.74 -5.77
N ILE A 23 -2.58 -12.79 -5.48
CA ILE A 23 -3.01 -11.40 -5.33
C ILE A 23 -2.64 -10.58 -6.56
N HIS A 24 -3.65 -10.22 -7.34
CA HIS A 24 -3.43 -9.53 -8.62
C HIS A 24 -3.52 -8.02 -8.45
N TYR A 25 -2.40 -7.35 -8.64
CA TYR A 25 -2.37 -5.90 -8.61
C TYR A 25 -2.83 -5.32 -9.95
N ARG A 26 -3.72 -4.34 -9.89
CA ARG A 26 -4.21 -3.66 -11.09
C ARG A 26 -3.34 -2.43 -11.41
N LYS A 27 -2.63 -2.53 -12.53
CA LYS A 27 -1.69 -1.50 -13.02
C LYS A 27 -2.05 -0.04 -12.69
N ASP A 28 -1.24 0.51 -11.77
CA ASP A 28 -1.17 1.95 -11.41
C ASP A 28 -2.44 2.75 -11.73
N PRO A 29 -3.56 2.42 -11.09
CA PRO A 29 -4.86 2.98 -11.40
C PRO A 29 -5.30 4.09 -10.43
N LEU A 30 -4.41 5.03 -10.13
CA LEU A 30 -4.74 6.10 -9.20
C LEU A 30 -5.50 7.21 -9.91
N GLU A 31 -4.78 8.03 -10.64
CA GLU A 31 -5.35 9.24 -11.19
C GLU A 31 -5.00 9.41 -12.67
N GLY A 32 -4.88 8.30 -13.38
CA GLY A 32 -4.60 8.36 -14.80
C GLY A 32 -3.18 8.02 -15.16
N ARG A 33 -2.30 8.02 -14.16
CA ARG A 33 -0.91 7.65 -14.36
C ARG A 33 -0.78 6.13 -14.42
N VAL A 34 -1.37 5.55 -15.45
CA VAL A 34 -1.46 4.11 -15.59
C VAL A 34 -0.48 3.60 -16.64
N GLY A 35 0.45 2.75 -16.21
CA GLY A 35 1.41 2.19 -17.14
C GLY A 35 2.69 3.00 -17.21
N ARG A 36 2.87 3.85 -16.22
CA ARG A 36 4.05 4.70 -16.15
C ARG A 36 4.69 4.59 -14.77
N ALA A 37 5.14 3.38 -14.45
CA ALA A 37 5.78 3.09 -13.18
C ALA A 37 6.98 3.99 -12.95
N SER A 38 7.82 4.14 -13.98
CA SER A 38 9.11 4.81 -13.85
C SER A 38 10.04 3.94 -13.01
N ASP A 39 10.29 2.75 -13.55
CA ASP A 39 11.04 1.69 -12.88
C ASP A 39 12.54 1.99 -12.80
N TYR A 40 12.87 3.09 -12.14
CA TYR A 40 14.26 3.44 -11.91
C TYR A 40 14.76 2.76 -10.64
N GLY A 41 13.81 2.36 -9.79
CA GLY A 41 14.15 1.64 -8.59
C GLY A 41 13.96 0.14 -8.75
N MET A 42 13.54 -0.27 -9.95
CA MET A 42 13.31 -1.68 -10.24
C MET A 42 14.64 -2.44 -10.36
N LYS A 43 15.74 -1.72 -10.20
CA LYS A 43 17.06 -2.33 -10.25
C LYS A 43 17.61 -2.50 -8.83
N LEU A 44 16.73 -2.36 -7.85
CA LEU A 44 17.08 -2.59 -6.46
C LEU A 44 16.27 -3.76 -5.91
N PRO A 45 16.77 -5.00 -6.08
CA PRO A 45 16.15 -6.19 -5.50
C PRO A 45 15.70 -5.97 -4.06
N ILE A 46 14.48 -6.39 -3.75
CA ILE A 46 13.85 -6.10 -2.47
C ILE A 46 14.31 -7.08 -1.39
N LEU A 47 15.04 -8.10 -1.79
CA LEU A 47 15.55 -9.15 -0.89
C LEU A 47 14.44 -9.98 -0.26
N ARG A 48 13.65 -9.35 0.62
CA ARG A 48 12.66 -10.04 1.43
C ARG A 48 11.38 -10.38 0.64
N SER A 49 11.57 -10.74 -0.63
CA SER A 49 10.46 -11.18 -1.46
C SER A 49 10.99 -12.03 -2.62
N ASN A 50 10.22 -13.06 -2.98
CA ASN A 50 10.53 -13.91 -4.12
C ASN A 50 10.46 -13.11 -5.41
N PRO A 51 11.33 -13.42 -6.39
CA PRO A 51 11.59 -12.58 -7.58
C PRO A 51 10.35 -11.94 -8.22
N GLU A 52 9.29 -12.69 -8.39
CA GLU A 52 8.09 -12.18 -9.07
C GLU A 52 7.37 -11.19 -8.18
N ASP A 53 7.18 -11.55 -6.95
CA ASP A 53 6.47 -10.68 -6.04
C ASP A 53 7.40 -9.59 -5.56
N GLN A 54 8.68 -9.81 -5.78
CA GLN A 54 9.68 -8.79 -5.54
C GLN A 54 9.38 -7.59 -6.40
N VAL A 55 9.15 -7.79 -7.71
CA VAL A 55 8.76 -6.65 -8.55
C VAL A 55 7.46 -6.03 -8.04
N LEU A 56 6.56 -6.87 -7.52
CA LEU A 56 5.31 -6.37 -6.94
C LEU A 56 5.57 -5.61 -5.63
N TYR A 57 6.76 -5.75 -5.09
CA TYR A 57 7.12 -5.13 -3.81
C TYR A 57 8.28 -4.15 -3.96
N GLN A 58 8.72 -3.95 -5.20
CA GLN A 58 9.99 -3.25 -5.46
C GLN A 58 9.82 -2.01 -6.32
N THR A 59 9.13 -2.15 -7.44
CA THR A 59 9.04 -1.06 -8.41
C THR A 59 8.12 0.05 -7.90
N GLU A 60 8.59 1.29 -8.02
CA GLU A 60 7.82 2.44 -7.59
C GLU A 60 7.03 3.01 -8.76
N ARG A 61 6.02 3.81 -8.46
CA ARG A 61 5.26 4.49 -9.49
C ARG A 61 5.69 5.95 -9.56
N TYR A 62 5.27 6.66 -10.60
CA TYR A 62 5.52 8.09 -10.70
C TYR A 62 4.98 8.81 -9.47
N ASN A 63 5.88 9.46 -8.75
CA ASN A 63 5.55 10.14 -7.50
C ASN A 63 5.01 11.54 -7.81
N GLU A 64 4.03 11.98 -7.02
CA GLU A 64 3.41 13.28 -7.24
C GLU A 64 3.16 13.99 -5.91
N ASP A 65 1.94 13.83 -5.36
CA ASP A 65 1.58 14.45 -4.08
C ASP A 65 0.23 13.93 -3.61
N SER A 66 0.21 13.42 -2.37
CA SER A 66 -1.03 12.96 -1.72
C SER A 66 -1.86 12.13 -2.70
N PHE A 67 -1.34 10.97 -3.03
CA PHE A 67 -1.95 10.15 -4.07
C PHE A 67 -2.24 8.78 -3.52
N GLY A 68 -3.43 8.29 -3.82
CA GLY A 68 -3.87 7.04 -3.27
C GLY A 68 -4.87 6.34 -4.15
N TYR A 69 -5.73 5.56 -3.54
CA TYR A 69 -6.64 4.70 -4.29
C TYR A 69 -8.00 4.63 -3.63
N ASP A 70 -8.99 4.24 -4.41
CA ASP A 70 -10.33 4.02 -3.91
C ASP A 70 -10.65 2.53 -3.91
N ILE A 71 -10.88 1.99 -2.75
CA ILE A 71 -11.31 0.60 -2.61
C ILE A 71 -12.78 0.56 -2.24
N PRO A 72 -13.68 0.51 -3.23
CA PRO A 72 -15.09 0.57 -2.94
C PRO A 72 -15.57 -0.68 -2.20
N ILE A 73 -16.04 -0.48 -0.98
CA ILE A 73 -16.42 -1.59 -0.12
C ILE A 73 -17.94 -1.67 0.00
N LYS A 74 -18.48 -2.85 -0.19
CA LYS A 74 -19.92 -3.05 -0.12
C LYS A 74 -20.26 -4.10 0.93
N GLU A 75 -19.25 -4.57 1.66
CA GLU A 75 -19.43 -5.64 2.62
C GLU A 75 -18.77 -5.27 3.94
N GLU A 76 -19.00 -6.10 4.95
CA GLU A 76 -18.39 -5.88 6.26
C GLU A 76 -17.42 -7.00 6.60
N GLY A 77 -16.76 -6.86 7.74
CA GLY A 77 -15.75 -7.81 8.13
C GLY A 77 -14.47 -7.10 8.51
N GLU A 78 -13.38 -7.84 8.62
CA GLU A 78 -12.11 -7.22 8.95
C GLU A 78 -11.25 -7.09 7.71
N TYR A 79 -11.10 -5.90 7.18
CA TYR A 79 -10.35 -5.75 5.95
C TYR A 79 -8.93 -5.42 6.27
N VAL A 80 -8.03 -6.21 5.76
CA VAL A 80 -6.65 -6.10 6.14
C VAL A 80 -5.80 -5.63 4.99
N LEU A 81 -5.38 -4.39 5.09
CA LEU A 81 -4.54 -3.79 4.08
C LEU A 81 -3.10 -4.04 4.42
N VAL A 82 -2.49 -4.95 3.70
CA VAL A 82 -1.08 -5.20 3.84
C VAL A 82 -0.34 -4.49 2.73
N LEU A 83 0.31 -3.39 3.06
CA LEU A 83 0.99 -2.61 2.06
C LEU A 83 2.47 -2.94 2.12
N LYS A 84 3.06 -3.20 0.97
CA LYS A 84 4.50 -3.36 0.96
C LYS A 84 5.14 -2.05 0.54
N PHE A 85 5.88 -1.46 1.46
CA PHE A 85 6.53 -0.21 1.21
C PHE A 85 8.01 -0.44 0.98
N ALA A 86 8.54 0.24 -0.01
CA ALA A 86 9.92 0.06 -0.40
C ALA A 86 10.63 1.40 -0.58
N GLU A 87 11.81 1.48 0.00
CA GLU A 87 12.70 2.62 -0.17
C GLU A 87 14.04 2.13 -0.69
N VAL A 88 14.34 2.50 -1.93
CA VAL A 88 15.52 1.98 -2.61
C VAL A 88 16.81 2.35 -1.90
N TYR A 89 16.90 3.59 -1.39
CA TYR A 89 18.10 4.04 -0.69
C TYR A 89 17.94 5.46 -0.16
N PHE A 90 17.56 5.57 1.10
CA PHE A 90 17.58 6.84 1.82
C PHE A 90 18.05 6.57 3.24
N ALA A 91 19.36 6.70 3.45
CA ALA A 91 19.98 6.30 4.70
C ALA A 91 19.83 7.34 5.79
N GLN A 92 18.59 7.65 6.16
CA GLN A 92 18.33 8.54 7.27
C GLN A 92 16.95 8.23 7.88
N SER A 93 16.89 8.25 9.19
CA SER A 93 15.65 8.01 9.91
C SER A 93 15.06 9.32 10.41
N GLN A 94 13.73 9.35 10.53
CA GLN A 94 12.99 10.53 11.01
C GLN A 94 13.33 11.77 10.17
N GLN A 95 13.56 11.56 8.88
CA GLN A 95 13.85 12.67 7.98
C GLN A 95 12.85 12.64 6.84
N LYS A 96 12.87 11.55 6.08
CA LYS A 96 11.85 11.31 5.09
C LYS A 96 10.72 10.52 5.74
N VAL A 97 9.74 11.24 6.26
CA VAL A 97 8.62 10.61 6.96
C VAL A 97 7.36 10.71 6.11
N PHE A 98 6.80 9.55 5.79
CA PHE A 98 5.61 9.49 4.96
C PHE A 98 4.35 9.56 5.81
N ASP A 99 3.29 10.11 5.23
CA ASP A 99 1.99 10.04 5.87
C ASP A 99 1.17 8.99 5.14
N VAL A 100 0.50 8.14 5.90
CA VAL A 100 -0.25 7.05 5.33
C VAL A 100 -1.62 6.94 5.99
N ARG A 101 -2.66 7.17 5.19
CA ARG A 101 -4.02 7.15 5.69
C ARG A 101 -4.89 6.17 4.93
N VAL A 102 -5.53 5.28 5.67
CA VAL A 102 -6.50 4.37 5.09
C VAL A 102 -7.90 4.88 5.42
N ASN A 103 -8.77 4.94 4.41
CA ASN A 103 -10.12 5.50 4.56
C ASN A 103 -10.08 6.86 5.26
N GLY A 104 -9.14 7.70 4.86
CA GLY A 104 -9.02 9.04 5.44
C GLY A 104 -8.37 9.03 6.80
N HIS A 105 -8.05 7.84 7.27
CA HIS A 105 -7.55 7.62 8.60
C HIS A 105 -6.03 7.42 8.60
N THR A 106 -5.29 8.45 9.00
CA THR A 106 -3.84 8.37 9.02
C THR A 106 -3.36 7.42 10.11
N VAL A 107 -3.05 6.20 9.72
CA VAL A 107 -2.56 5.19 10.64
C VAL A 107 -1.09 5.44 10.93
N VAL A 108 -0.31 5.55 9.86
CA VAL A 108 1.13 5.75 9.98
C VAL A 108 1.52 7.08 9.37
N LYS A 109 1.61 8.11 10.20
CA LYS A 109 1.97 9.42 9.72
C LYS A 109 3.33 9.80 10.26
N ASP A 110 4.34 9.14 9.69
CA ASP A 110 5.75 9.31 10.06
C ASP A 110 6.53 8.12 9.52
N LEU A 111 6.02 7.55 8.43
CA LEU A 111 6.56 6.31 7.88
C LEU A 111 7.94 6.54 7.27
N ASP A 112 8.98 6.34 8.05
CA ASP A 112 10.34 6.35 7.52
C ASP A 112 10.83 4.91 7.38
N ILE A 113 10.70 4.39 6.16
CA ILE A 113 10.97 2.99 5.87
C ILE A 113 12.37 2.56 6.34
N PHE A 114 13.32 3.48 6.23
CA PHE A 114 14.70 3.20 6.62
C PHE A 114 14.78 2.73 8.08
N ASP A 115 14.06 3.42 8.95
CA ASP A 115 14.03 3.07 10.37
C ASP A 115 13.24 1.79 10.61
N ARG A 116 12.18 1.61 9.83
CA ARG A 116 11.21 0.54 10.10
C ARG A 116 11.76 -0.82 9.68
N VAL A 117 12.39 -0.88 8.53
CA VAL A 117 12.89 -2.16 8.02
C VAL A 117 14.42 -2.17 7.89
N GLY A 118 15.00 -1.00 7.67
CA GLY A 118 16.43 -0.91 7.45
C GLY A 118 16.73 -0.23 6.13
N HIS A 119 17.84 -0.56 5.52
CA HIS A 119 18.16 0.01 4.22
C HIS A 119 17.64 -0.89 3.11
N SER A 120 16.81 -0.33 2.25
CA SER A 120 16.22 -1.04 1.13
C SER A 120 15.30 -2.16 1.63
N THR A 121 15.30 -3.30 0.94
CA THR A 121 14.46 -4.47 1.26
C THR A 121 12.97 -4.11 1.27
N ALA A 122 12.13 -5.07 1.67
CA ALA A 122 10.69 -4.88 1.64
C ALA A 122 10.12 -4.66 3.02
N HIS A 123 9.29 -3.63 3.15
CA HIS A 123 8.56 -3.37 4.38
C HIS A 123 7.10 -3.71 4.16
N ASP A 124 6.43 -4.25 5.15
CA ASP A 124 5.00 -4.48 5.03
C ASP A 124 4.27 -3.93 6.24
N GLU A 125 3.32 -3.05 5.96
CA GLU A 125 2.50 -2.46 6.99
C GLU A 125 1.12 -3.10 6.95
N ILE A 126 0.81 -3.87 7.98
CA ILE A 126 -0.45 -4.59 8.05
C ILE A 126 -1.48 -3.77 8.82
N ILE A 127 -2.48 -3.29 8.12
CA ILE A 127 -3.50 -2.44 8.72
C ILE A 127 -4.88 -3.08 8.63
N PRO A 128 -5.31 -3.76 9.70
CA PRO A 128 -6.63 -4.36 9.78
C PRO A 128 -7.70 -3.34 10.19
N ILE A 129 -8.76 -3.29 9.41
CA ILE A 129 -9.90 -2.43 9.72
C ILE A 129 -11.07 -3.30 10.12
N SER A 130 -12.04 -2.70 10.77
CA SER A 130 -13.25 -3.41 11.14
C SER A 130 -14.48 -2.67 10.65
N ILE A 131 -15.13 -3.19 9.61
CA ILE A 131 -16.36 -2.60 9.13
C ILE A 131 -17.53 -3.41 9.62
N LYS A 132 -18.45 -2.74 10.31
CA LYS A 132 -19.63 -3.38 10.86
C LYS A 132 -20.78 -2.39 10.87
N LYS A 133 -21.89 -2.79 10.25
CA LYS A 133 -23.09 -1.97 10.14
C LYS A 133 -22.83 -0.71 9.31
N GLY A 134 -21.89 -0.82 8.38
CA GLY A 134 -21.57 0.31 7.51
C GLY A 134 -20.67 1.32 8.17
N LYS A 135 -20.09 0.95 9.28
CA LYS A 135 -19.15 1.81 9.98
C LYS A 135 -17.77 1.18 9.98
N LEU A 136 -16.74 2.00 9.95
CA LEU A 136 -15.38 1.51 9.84
C LEU A 136 -14.57 1.90 11.07
N SER A 137 -13.94 0.92 11.69
CA SER A 137 -13.06 1.17 12.82
C SER A 137 -11.62 0.81 12.46
N VAL A 138 -10.71 1.76 12.65
CA VAL A 138 -9.30 1.52 12.39
C VAL A 138 -8.47 1.69 13.66
N GLN A 139 -8.16 0.57 14.31
CA GLN A 139 -7.26 0.55 15.48
C GLN A 139 -7.76 1.46 16.60
N GLY A 140 -9.06 1.68 16.63
CA GLY A 140 -9.65 2.48 17.67
C GLY A 140 -10.56 3.56 17.13
N GLU A 141 -10.14 4.18 16.02
CA GLU A 141 -10.94 5.23 15.41
C GLU A 141 -12.20 4.64 14.81
N VAL A 142 -13.34 5.03 15.37
CA VAL A 142 -14.60 4.54 14.88
C VAL A 142 -15.37 5.63 14.15
N SER A 143 -15.58 5.42 12.87
CA SER A 143 -16.30 6.37 12.03
C SER A 143 -17.28 5.61 11.15
N THR A 144 -18.08 6.32 10.37
CA THR A 144 -18.98 5.67 9.46
C THR A 144 -18.30 5.48 8.11
N PHE A 145 -18.50 4.32 7.49
CA PHE A 145 -17.87 4.03 6.21
C PHE A 145 -18.66 4.69 5.08
N THR A 146 -17.97 5.41 4.22
CA THR A 146 -18.61 6.15 3.16
C THR A 146 -18.14 5.72 1.78
N GLY A 147 -18.90 4.83 1.16
CA GLY A 147 -18.65 4.43 -0.21
C GLY A 147 -17.46 3.52 -0.41
N LYS A 148 -16.27 4.03 -0.16
CA LYS A 148 -15.06 3.28 -0.44
C LYS A 148 -13.95 3.64 0.54
N LEU A 149 -12.98 2.75 0.64
CA LEU A 149 -11.83 2.94 1.50
C LEU A 149 -10.75 3.65 0.70
N SER A 150 -10.35 4.84 1.13
CA SER A 150 -9.39 5.60 0.35
C SER A 150 -8.03 5.61 1.05
N VAL A 151 -7.06 4.95 0.46
CA VAL A 151 -5.73 4.89 1.02
C VAL A 151 -4.83 5.89 0.35
N GLU A 152 -4.64 7.03 0.98
CA GLU A 152 -3.78 8.07 0.44
C GLU A 152 -2.48 8.11 1.20
N PHE A 153 -1.41 8.43 0.52
CA PHE A 153 -0.15 8.66 1.18
C PHE A 153 0.43 10.02 0.76
N VAL A 154 0.88 10.76 1.75
CA VAL A 154 1.27 12.15 1.56
C VAL A 154 2.77 12.34 1.80
N LYS A 155 3.38 13.23 1.04
CA LYS A 155 4.80 13.49 1.15
C LYS A 155 5.11 14.37 2.34
N GLY A 156 5.78 13.81 3.32
CA GLY A 156 6.28 14.60 4.42
C GLY A 156 7.61 15.24 4.07
N TYR A 157 8.18 14.81 2.95
CA TYR A 157 9.46 15.30 2.50
C TYR A 157 9.67 15.02 1.01
N TYR A 158 8.89 15.70 0.17
CA TYR A 158 8.98 15.58 -1.30
C TYR A 158 8.53 14.21 -1.81
N ASP A 159 9.31 13.19 -1.49
CA ASP A 159 9.05 11.83 -1.91
C ASP A 159 7.92 11.24 -1.09
N ASN A 160 6.74 11.13 -1.69
CA ASN A 160 5.65 10.34 -1.10
C ASN A 160 6.14 8.90 -0.97
N PRO A 161 5.47 8.05 -0.17
CA PRO A 161 5.83 6.63 -0.04
C PRO A 161 6.16 6.01 -1.40
N LYS A 162 7.47 5.91 -1.65
CA LYS A 162 7.99 5.64 -2.99
C LYS A 162 7.30 4.46 -3.64
N VAL A 163 7.53 3.27 -3.10
CA VAL A 163 6.89 2.06 -3.62
C VAL A 163 5.73 1.68 -2.73
N CYS A 164 4.58 1.35 -3.33
CA CYS A 164 3.38 1.09 -2.55
C CYS A 164 2.61 -0.15 -3.03
N ALA A 165 3.06 -1.30 -2.57
CA ALA A 165 2.48 -2.60 -2.89
C ALA A 165 1.18 -2.87 -2.13
N LEU A 166 0.37 -1.84 -1.94
CA LEU A 166 -0.84 -1.92 -1.11
C LEU A 166 -1.79 -3.01 -1.61
N PHE A 167 -1.92 -4.07 -0.84
CA PHE A 167 -2.89 -5.12 -1.12
C PHE A 167 -3.93 -5.15 -0.01
N ILE A 168 -5.21 -5.24 -0.37
CA ILE A 168 -6.25 -5.34 0.64
C ILE A 168 -7.13 -6.58 0.43
N MET A 169 -7.25 -7.34 1.49
CA MET A 169 -8.08 -8.52 1.50
C MET A 169 -9.24 -8.31 2.47
N LYS A 170 -10.20 -9.23 2.48
CA LYS A 170 -11.37 -9.04 3.32
C LYS A 170 -11.54 -10.14 4.35
N GLY A 171 -12.06 -9.72 5.49
CA GLY A 171 -12.64 -10.63 6.46
C GLY A 171 -11.77 -10.91 7.67
N THR A 172 -10.44 -10.86 7.50
CA THR A 172 -9.53 -11.20 8.61
C THR A 172 -8.07 -10.95 8.25
N ALA A 173 -7.28 -10.67 9.29
CA ALA A 173 -5.83 -10.64 9.19
C ALA A 173 -5.25 -12.02 9.39
N ASP A 174 -6.07 -12.93 9.90
CA ASP A 174 -5.64 -14.26 10.28
C ASP A 174 -5.60 -15.20 9.08
N GLY A 1 -7.15 -18.58 2.55
CA GLY A 1 -7.66 -18.25 1.23
C GLY A 1 -7.45 -16.79 0.90
N LEU A 2 -6.20 -16.35 0.89
CA LEU A 2 -5.87 -14.96 0.64
C LEU A 2 -6.37 -14.51 -0.73
N ALA A 3 -6.13 -15.36 -1.74
CA ALA A 3 -6.56 -15.09 -3.11
C ALA A 3 -8.08 -15.00 -3.21
N ASP A 4 -8.76 -15.62 -2.25
CA ASP A 4 -10.21 -15.69 -2.28
C ASP A 4 -10.84 -14.44 -1.69
N LYS A 5 -10.26 -13.95 -0.60
CA LYS A 5 -10.85 -12.84 0.13
C LYS A 5 -10.23 -11.50 -0.24
N VAL A 6 -9.20 -11.51 -1.09
CA VAL A 6 -8.69 -10.25 -1.63
C VAL A 6 -9.78 -9.55 -2.44
N ILE A 7 -9.92 -8.26 -2.22
CA ILE A 7 -10.88 -7.47 -2.97
C ILE A 7 -10.17 -6.47 -3.86
N TRP A 8 -8.94 -6.12 -3.50
CA TRP A 8 -8.22 -5.06 -4.18
C TRP A 8 -6.73 -5.12 -3.85
N ALA A 9 -5.89 -4.74 -4.80
CA ALA A 9 -4.45 -4.72 -4.59
C ALA A 9 -3.79 -3.78 -5.60
N VAL A 10 -2.77 -3.04 -5.16
CA VAL A 10 -2.02 -2.17 -6.05
C VAL A 10 -0.53 -2.10 -5.69
N ASN A 11 0.29 -2.59 -6.61
CA ASN A 11 1.72 -2.33 -6.60
C ASN A 11 1.94 -1.04 -7.37
N ALA A 12 1.87 0.07 -6.66
CA ALA A 12 2.08 1.36 -7.27
C ALA A 12 3.46 1.44 -7.85
N GLY A 13 3.52 1.30 -9.17
CA GLY A 13 4.76 1.35 -9.88
C GLY A 13 4.69 0.72 -11.26
N GLY A 14 4.11 -0.47 -11.33
CA GLY A 14 4.11 -1.23 -12.57
C GLY A 14 2.77 -1.30 -13.24
N GLU A 15 2.36 -2.51 -13.63
CA GLU A 15 1.06 -2.75 -14.27
C GLU A 15 0.55 -4.15 -13.95
N SER A 16 -0.62 -4.22 -13.30
CA SER A 16 -1.38 -5.49 -13.07
C SER A 16 -0.51 -6.74 -12.87
N HIS A 17 -0.47 -7.26 -11.64
CA HIS A 17 0.31 -8.47 -11.36
C HIS A 17 -0.34 -9.29 -10.25
N VAL A 18 -0.50 -10.59 -10.48
CA VAL A 18 -1.01 -11.46 -9.43
C VAL A 18 0.17 -12.14 -8.74
N ASP A 19 0.23 -11.98 -7.43
CA ASP A 19 1.29 -12.58 -6.63
C ASP A 19 1.00 -14.06 -6.42
N VAL A 20 2.03 -14.82 -6.01
CA VAL A 20 1.92 -16.27 -5.83
C VAL A 20 0.79 -16.68 -4.88
N HIS A 21 0.45 -15.82 -3.91
CA HIS A 21 -0.67 -16.12 -3.01
C HIS A 21 -1.98 -16.03 -3.79
N GLY A 22 -1.91 -15.37 -4.93
CA GLY A 22 -3.06 -15.17 -5.78
C GLY A 22 -3.63 -13.77 -5.61
N ILE A 23 -2.76 -12.82 -5.33
CA ILE A 23 -3.20 -11.44 -5.11
C ILE A 23 -2.92 -10.58 -6.34
N HIS A 24 -3.99 -10.16 -7.02
CA HIS A 24 -3.86 -9.47 -8.29
C HIS A 24 -3.93 -7.96 -8.12
N TYR A 25 -2.82 -7.29 -8.35
CA TYR A 25 -2.76 -5.84 -8.32
C TYR A 25 -3.36 -5.26 -9.60
N ARG A 26 -4.25 -4.28 -9.42
CA ARG A 26 -4.87 -3.59 -10.54
C ARG A 26 -4.03 -2.39 -10.98
N LYS A 27 -3.37 -2.56 -12.13
CA LYS A 27 -2.58 -1.52 -12.82
C LYS A 27 -2.92 -0.10 -12.35
N ASP A 28 -1.87 0.62 -11.94
CA ASP A 28 -1.97 1.91 -11.25
C ASP A 28 -3.14 2.77 -11.71
N PRO A 29 -4.18 2.73 -10.88
CA PRO A 29 -5.50 3.21 -11.19
C PRO A 29 -5.87 4.55 -10.56
N LEU A 30 -4.93 5.48 -10.46
CA LEU A 30 -5.26 6.76 -9.85
C LEU A 30 -4.78 7.96 -10.68
N GLU A 31 -3.64 7.86 -11.34
CA GLU A 31 -3.19 8.96 -12.20
C GLU A 31 -3.73 8.78 -13.61
N GLY A 32 -5.03 8.99 -13.76
CA GLY A 32 -5.66 8.81 -15.05
C GLY A 32 -5.96 7.35 -15.30
N ARG A 33 -5.58 6.50 -14.33
CA ARG A 33 -5.70 5.04 -14.43
C ARG A 33 -5.20 4.56 -15.79
N VAL A 34 -3.98 4.95 -16.11
CA VAL A 34 -3.36 4.65 -17.40
C VAL A 34 -2.30 3.58 -17.22
N GLY A 35 -1.99 2.85 -18.29
CA GLY A 35 -0.91 1.89 -18.24
C GLY A 35 0.44 2.57 -18.30
N ARG A 36 0.81 3.20 -17.20
CA ARG A 36 2.04 3.96 -17.13
C ARG A 36 3.01 3.34 -16.12
N ALA A 37 3.64 2.23 -16.53
CA ALA A 37 4.65 1.61 -15.69
C ALA A 37 5.84 2.55 -15.55
N SER A 38 6.04 3.04 -14.34
CA SER A 38 7.02 4.07 -14.09
C SER A 38 8.30 3.48 -13.51
N ASP A 39 8.64 2.29 -13.99
CA ASP A 39 9.83 1.55 -13.52
C ASP A 39 11.12 2.16 -14.06
N TYR A 40 11.31 3.44 -13.76
CA TYR A 40 12.47 4.17 -14.25
C TYR A 40 13.61 4.07 -13.24
N GLY A 41 13.26 3.85 -11.99
CA GLY A 41 14.25 3.68 -10.94
C GLY A 41 14.09 2.33 -10.30
N MET A 42 13.90 1.32 -11.14
CA MET A 42 13.58 -0.04 -10.70
C MET A 42 14.69 -0.64 -9.83
N LYS A 43 15.84 0.00 -9.80
CA LYS A 43 16.95 -0.50 -9.00
C LYS A 43 16.68 -0.35 -7.52
N LEU A 44 16.29 -1.46 -6.95
CA LEU A 44 15.94 -1.57 -5.53
C LEU A 44 15.29 -2.93 -5.30
N PRO A 45 16.07 -4.01 -5.45
CA PRO A 45 15.54 -5.38 -5.35
C PRO A 45 15.03 -5.70 -3.95
N ILE A 46 13.72 -5.89 -3.83
CA ILE A 46 13.13 -6.28 -2.56
C ILE A 46 13.52 -7.72 -2.21
N LEU A 47 14.50 -7.83 -1.34
CA LEU A 47 15.15 -9.09 -1.02
C LEU A 47 14.31 -9.98 -0.10
N ARG A 48 13.15 -9.50 0.32
CA ARG A 48 12.32 -10.29 1.23
C ARG A 48 11.07 -10.81 0.53
N SER A 49 11.10 -10.81 -0.79
CA SER A 49 9.99 -11.33 -1.58
C SER A 49 10.50 -12.33 -2.61
N ASN A 50 9.57 -13.03 -3.25
CA ASN A 50 9.89 -14.00 -4.28
C ASN A 50 9.85 -13.31 -5.65
N PRO A 51 10.81 -13.63 -6.55
CA PRO A 51 11.11 -12.82 -7.76
C PRO A 51 9.91 -12.19 -8.48
N GLU A 52 8.81 -12.92 -8.66
CA GLU A 52 7.68 -12.39 -9.40
C GLU A 52 6.91 -11.38 -8.55
N ASP A 53 6.64 -11.76 -7.31
CA ASP A 53 5.92 -10.89 -6.40
C ASP A 53 6.86 -9.85 -5.81
N GLN A 54 8.16 -10.11 -5.93
CA GLN A 54 9.18 -9.10 -5.68
C GLN A 54 8.94 -7.92 -6.61
N VAL A 55 8.64 -8.21 -7.88
CA VAL A 55 8.24 -7.17 -8.82
C VAL A 55 7.03 -6.42 -8.26
N LEU A 56 6.07 -7.19 -7.76
CA LEU A 56 4.86 -6.62 -7.15
C LEU A 56 5.20 -5.81 -5.88
N TYR A 57 6.40 -5.99 -5.39
CA TYR A 57 6.84 -5.31 -4.18
C TYR A 57 7.98 -4.32 -4.47
N GLN A 58 8.38 -4.20 -5.73
CA GLN A 58 9.60 -3.46 -6.06
C GLN A 58 9.35 -2.32 -7.02
N THR A 59 8.54 -2.57 -8.04
CA THR A 59 8.30 -1.59 -9.09
C THR A 59 7.68 -0.29 -8.53
N GLU A 60 8.25 0.85 -8.92
CA GLU A 60 7.85 2.15 -8.35
C GLU A 60 7.24 3.08 -9.40
N ARG A 61 6.49 4.06 -8.92
CA ARG A 61 5.96 5.13 -9.77
C ARG A 61 6.04 6.48 -9.03
N TYR A 62 6.08 7.58 -9.79
CA TYR A 62 6.14 8.91 -9.19
C TYR A 62 4.95 9.74 -9.65
N ASN A 63 4.42 10.59 -8.76
CA ASN A 63 3.30 11.44 -9.11
C ASN A 63 3.10 12.55 -8.09
N GLU A 64 4.09 13.43 -8.00
CA GLU A 64 4.04 14.64 -7.18
C GLU A 64 3.86 14.34 -5.70
N ASP A 65 2.62 14.32 -5.21
CA ASP A 65 2.36 14.26 -3.78
C ASP A 65 0.92 13.88 -3.49
N SER A 66 0.71 13.27 -2.33
CA SER A 66 -0.61 12.90 -1.86
C SER A 66 -1.34 12.06 -2.91
N PHE A 67 -0.78 10.90 -3.23
CA PHE A 67 -1.40 10.06 -4.23
C PHE A 67 -2.10 8.89 -3.55
N GLY A 68 -3.40 8.80 -3.82
CA GLY A 68 -4.25 7.88 -3.09
C GLY A 68 -4.70 6.69 -3.92
N TYR A 69 -5.37 5.77 -3.25
CA TYR A 69 -5.85 4.56 -3.88
C TYR A 69 -7.31 4.33 -3.51
N ASP A 70 -8.10 3.86 -4.46
CA ASP A 70 -9.52 3.64 -4.22
C ASP A 70 -9.83 2.15 -4.08
N ILE A 71 -10.26 1.76 -2.89
CA ILE A 71 -10.69 0.40 -2.61
C ILE A 71 -12.20 0.37 -2.47
N PRO A 72 -12.93 0.12 -3.56
CA PRO A 72 -14.39 0.06 -3.52
C PRO A 72 -14.88 -1.05 -2.57
N ILE A 73 -15.60 -0.65 -1.53
CA ILE A 73 -16.05 -1.60 -0.52
C ILE A 73 -17.57 -1.61 -0.42
N LYS A 74 -18.14 -2.80 -0.30
CA LYS A 74 -19.57 -2.94 -0.05
C LYS A 74 -19.82 -4.01 0.99
N GLU A 75 -18.77 -4.50 1.61
CA GLU A 75 -18.88 -5.62 2.54
C GLU A 75 -18.35 -5.22 3.90
N GLU A 76 -18.35 -6.17 4.82
CA GLU A 76 -17.82 -5.94 6.15
C GLU A 76 -16.81 -7.02 6.52
N GLY A 77 -16.28 -6.91 7.73
CA GLY A 77 -15.26 -7.83 8.18
C GLY A 77 -14.00 -7.08 8.55
N GLU A 78 -12.93 -7.81 8.84
CA GLU A 78 -11.67 -7.14 9.16
C GLU A 78 -10.85 -6.98 7.89
N TYR A 79 -10.72 -5.76 7.39
CA TYR A 79 -9.99 -5.57 6.15
C TYR A 79 -8.56 -5.28 6.49
N VAL A 80 -7.69 -6.06 5.91
CA VAL A 80 -6.30 -5.97 6.26
C VAL A 80 -5.49 -5.49 5.08
N LEU A 81 -5.08 -4.24 5.17
CA LEU A 81 -4.28 -3.64 4.14
C LEU A 81 -2.81 -3.88 4.46
N VAL A 82 -2.22 -4.80 3.73
CA VAL A 82 -0.82 -5.09 3.88
C VAL A 82 -0.09 -4.46 2.71
N LEU A 83 0.54 -3.32 2.95
CA LEU A 83 1.24 -2.65 1.88
C LEU A 83 2.75 -2.87 2.03
N LYS A 84 3.40 -3.23 0.94
CA LYS A 84 4.85 -3.30 0.97
C LYS A 84 5.41 -1.95 0.61
N PHE A 85 6.19 -1.39 1.51
CA PHE A 85 6.81 -0.10 1.27
C PHE A 85 8.30 -0.25 1.00
N ALA A 86 8.77 0.56 0.06
CA ALA A 86 10.18 0.61 -0.27
C ALA A 86 10.63 2.06 -0.38
N GLU A 87 11.50 2.47 0.55
CA GLU A 87 11.90 3.87 0.65
C GLU A 87 13.28 4.09 0.04
N VAL A 88 13.47 5.24 -0.58
CA VAL A 88 14.78 5.62 -1.10
C VAL A 88 15.37 6.73 -0.24
N TYR A 89 16.38 6.37 0.54
CA TYR A 89 16.92 7.26 1.56
C TYR A 89 18.44 7.19 1.61
N PHE A 90 19.03 8.07 2.41
CA PHE A 90 20.46 8.05 2.64
C PHE A 90 20.76 7.50 4.03
N ALA A 91 20.02 6.44 4.38
CA ALA A 91 20.15 5.78 5.68
C ALA A 91 19.91 6.73 6.84
N GLN A 92 18.64 7.06 7.06
CA GLN A 92 18.23 7.95 8.13
C GLN A 92 16.76 7.74 8.46
N SER A 93 16.43 7.78 9.75
CA SER A 93 15.06 7.55 10.19
C SER A 93 14.62 8.63 11.19
N GLN A 94 13.40 8.48 11.71
CA GLN A 94 12.84 9.43 12.69
C GLN A 94 12.88 10.86 12.17
N GLN A 95 12.65 10.99 10.88
CA GLN A 95 12.60 12.29 10.21
C GLN A 95 12.01 12.09 8.83
N LYS A 96 12.39 10.97 8.22
CA LYS A 96 11.73 10.51 7.00
C LYS A 96 10.38 9.91 7.36
N VAL A 97 9.47 10.75 7.82
CA VAL A 97 8.18 10.28 8.27
C VAL A 97 7.09 10.67 7.29
N PHE A 98 6.42 9.66 6.78
CA PHE A 98 5.36 9.85 5.79
C PHE A 98 4.00 9.68 6.41
N ASP A 99 2.99 10.23 5.77
CA ASP A 99 1.62 10.12 6.26
C ASP A 99 0.83 9.20 5.37
N VAL A 100 0.02 8.34 5.97
CA VAL A 100 -0.74 7.37 5.20
C VAL A 100 -2.15 7.21 5.76
N ARG A 101 -3.14 7.41 4.89
CA ARG A 101 -4.54 7.39 5.29
C ARG A 101 -5.24 6.15 4.78
N VAL A 102 -6.08 5.57 5.63
CA VAL A 102 -6.97 4.49 5.24
C VAL A 102 -8.41 4.98 5.32
N ASN A 103 -8.98 5.29 4.17
CA ASN A 103 -10.31 5.86 4.06
C ASN A 103 -10.33 7.23 4.71
N GLY A 104 -9.24 7.97 4.50
CA GLY A 104 -9.09 9.29 5.11
C GLY A 104 -8.36 9.23 6.44
N HIS A 105 -8.38 8.06 7.06
CA HIS A 105 -7.83 7.88 8.40
C HIS A 105 -6.33 7.65 8.38
N THR A 106 -5.53 8.68 8.68
CA THR A 106 -4.08 8.50 8.71
C THR A 106 -3.67 7.49 9.79
N VAL A 107 -3.54 6.24 9.38
CA VAL A 107 -3.14 5.18 10.28
C VAL A 107 -1.68 5.32 10.61
N VAL A 108 -0.86 5.50 9.57
CA VAL A 108 0.56 5.62 9.78
C VAL A 108 1.00 7.00 9.32
N LYS A 109 0.98 7.93 10.24
CA LYS A 109 1.41 9.28 9.95
C LYS A 109 2.71 9.56 10.70
N ASP A 110 3.75 8.91 10.19
CA ASP A 110 5.06 8.84 10.85
C ASP A 110 5.86 7.72 10.20
N LEU A 111 5.51 7.43 8.95
CA LEU A 111 6.04 6.26 8.26
C LEU A 111 7.51 6.44 7.89
N ASP A 112 8.39 6.01 8.79
CA ASP A 112 9.82 6.02 8.53
C ASP A 112 10.31 4.60 8.25
N ILE A 113 10.36 4.28 6.97
CA ILE A 113 10.62 2.91 6.52
C ILE A 113 11.98 2.41 6.99
N PHE A 114 12.97 3.30 6.99
CA PHE A 114 14.31 2.96 7.46
C PHE A 114 14.28 2.50 8.91
N ASP A 115 13.45 3.14 9.73
CA ASP A 115 13.35 2.81 11.15
C ASP A 115 12.66 1.47 11.35
N ARG A 116 11.74 1.14 10.46
CA ARG A 116 10.89 -0.03 10.62
C ARG A 116 11.64 -1.32 10.29
N VAL A 117 12.30 -1.34 9.14
CA VAL A 117 12.99 -2.55 8.68
C VAL A 117 14.51 -2.44 8.79
N GLY A 118 15.04 -1.26 8.56
CA GLY A 118 16.47 -1.08 8.56
C GLY A 118 16.98 -0.62 7.22
N HIS A 119 17.73 -1.48 6.52
CA HIS A 119 18.32 -1.10 5.25
C HIS A 119 17.68 -1.86 4.10
N SER A 120 16.97 -1.11 3.25
CA SER A 120 16.30 -1.62 2.04
C SER A 120 15.39 -2.81 2.36
N THR A 121 15.25 -3.71 1.37
CA THR A 121 14.40 -4.89 1.45
C THR A 121 12.93 -4.50 1.57
N ALA A 122 12.10 -5.42 2.05
CA ALA A 122 10.66 -5.18 2.09
C ALA A 122 10.19 -4.64 3.43
N HIS A 123 9.56 -3.47 3.41
CA HIS A 123 8.85 -3.00 4.58
C HIS A 123 7.40 -3.43 4.51
N ASP A 124 6.93 -4.00 5.59
CA ASP A 124 5.58 -4.50 5.69
C ASP A 124 4.82 -3.74 6.75
N GLU A 125 3.73 -3.12 6.36
CA GLU A 125 2.87 -2.42 7.29
C GLU A 125 1.46 -2.99 7.17
N ILE A 126 1.06 -3.73 8.17
CA ILE A 126 -0.24 -4.37 8.18
C ILE A 126 -1.27 -3.50 8.88
N ILE A 127 -2.28 -3.08 8.15
CA ILE A 127 -3.30 -2.19 8.69
C ILE A 127 -4.67 -2.86 8.68
N PRO A 128 -5.06 -3.50 9.80
CA PRO A 128 -6.38 -4.10 9.94
C PRO A 128 -7.44 -3.09 10.40
N ILE A 129 -8.50 -2.99 9.61
CA ILE A 129 -9.66 -2.19 9.94
C ILE A 129 -10.81 -3.15 10.27
N SER A 130 -11.87 -2.65 10.85
CA SER A 130 -13.03 -3.47 11.13
C SER A 130 -14.29 -2.75 10.67
N ILE A 131 -14.87 -3.23 9.58
CA ILE A 131 -16.10 -2.64 9.08
C ILE A 131 -17.26 -3.51 9.52
N LYS A 132 -18.21 -2.91 10.21
CA LYS A 132 -19.42 -3.59 10.66
C LYS A 132 -20.55 -2.59 10.77
N LYS A 133 -21.72 -2.98 10.29
CA LYS A 133 -22.91 -2.11 10.32
C LYS A 133 -22.72 -0.92 9.38
N GLY A 134 -21.76 -1.05 8.47
CA GLY A 134 -21.47 0.02 7.54
C GLY A 134 -20.54 1.06 8.13
N LYS A 135 -19.93 0.75 9.26
CA LYS A 135 -18.96 1.65 9.87
C LYS A 135 -17.57 1.05 9.83
N LEU A 136 -16.59 1.89 9.56
CA LEU A 136 -15.20 1.45 9.47
C LEU A 136 -14.47 1.86 10.73
N SER A 137 -14.01 0.88 11.50
CA SER A 137 -13.19 1.16 12.67
C SER A 137 -11.77 0.68 12.42
N VAL A 138 -10.86 1.61 12.23
CA VAL A 138 -9.47 1.27 11.96
C VAL A 138 -8.70 1.18 13.27
N GLN A 139 -8.39 -0.05 13.69
CA GLN A 139 -7.78 -0.32 14.98
C GLN A 139 -8.72 0.07 16.12
N GLY A 140 -8.76 1.35 16.45
CA GLY A 140 -9.64 1.83 17.49
C GLY A 140 -10.37 3.09 17.08
N GLU A 141 -10.09 3.56 15.88
CA GLU A 141 -10.69 4.81 15.40
C GLU A 141 -11.92 4.49 14.56
N VAL A 142 -13.08 4.89 15.06
CA VAL A 142 -14.35 4.49 14.45
C VAL A 142 -14.99 5.64 13.66
N SER A 143 -15.41 5.32 12.45
CA SER A 143 -16.14 6.27 11.62
C SER A 143 -16.91 5.50 10.54
N THR A 144 -18.17 5.86 10.35
CA THR A 144 -19.01 5.18 9.38
C THR A 144 -18.37 5.20 7.98
N PHE A 145 -18.48 4.08 7.29
CA PHE A 145 -17.85 3.90 5.99
C PHE A 145 -18.68 4.56 4.89
N THR A 146 -18.00 5.30 4.02
CA THR A 146 -18.67 6.06 2.98
C THR A 146 -18.11 5.76 1.60
N GLY A 147 -18.75 4.86 0.88
CA GLY A 147 -18.43 4.62 -0.51
C GLY A 147 -17.31 3.63 -0.72
N LYS A 148 -16.09 4.00 -0.37
CA LYS A 148 -14.95 3.14 -0.60
C LYS A 148 -13.80 3.52 0.31
N LEU A 149 -12.84 2.62 0.42
CA LEU A 149 -11.66 2.86 1.24
C LEU A 149 -10.68 3.68 0.41
N SER A 150 -9.99 4.60 1.05
CA SER A 150 -9.17 5.53 0.31
C SER A 150 -7.79 5.70 0.97
N VAL A 151 -6.77 5.14 0.35
CA VAL A 151 -5.44 5.18 0.93
C VAL A 151 -4.63 6.32 0.34
N GLU A 152 -4.54 7.43 1.06
CA GLU A 152 -3.73 8.55 0.61
C GLU A 152 -2.37 8.53 1.28
N PHE A 153 -1.33 8.51 0.49
CA PHE A 153 0.02 8.63 1.00
C PHE A 153 0.51 10.06 0.76
N VAL A 154 0.79 10.77 1.84
CA VAL A 154 1.15 12.17 1.80
C VAL A 154 2.66 12.36 1.98
N LYS A 155 3.22 13.35 1.29
CA LYS A 155 4.67 13.55 1.28
C LYS A 155 5.20 13.97 2.64
N GLY A 156 6.22 13.26 3.09
CA GLY A 156 6.89 13.60 4.33
C GLY A 156 8.18 14.36 4.09
N TYR A 157 8.84 14.06 2.97
CA TYR A 157 10.07 14.75 2.61
C TYR A 157 10.05 15.05 1.11
N TYR A 158 10.54 14.11 0.31
CA TYR A 158 10.47 14.24 -1.15
C TYR A 158 9.97 12.95 -1.78
N ASP A 159 10.55 11.83 -1.37
CA ASP A 159 10.16 10.51 -1.88
C ASP A 159 8.84 10.03 -1.31
N ASN A 160 7.88 10.92 -1.39
CA ASN A 160 6.49 10.56 -1.25
C ASN A 160 6.12 9.60 -2.39
N PRO A 161 6.52 9.90 -3.64
CA PRO A 161 6.41 8.94 -4.75
C PRO A 161 7.36 7.75 -4.59
N LYS A 162 7.11 6.97 -3.55
CA LYS A 162 7.92 5.79 -3.28
C LYS A 162 7.21 4.51 -3.73
N VAL A 163 7.87 3.37 -3.53
CA VAL A 163 7.33 2.10 -3.98
C VAL A 163 6.19 1.64 -3.10
N CYS A 164 5.11 1.17 -3.72
CA CYS A 164 3.97 0.70 -2.96
C CYS A 164 3.50 -0.66 -3.46
N ALA A 165 3.12 -1.51 -2.54
CA ALA A 165 2.59 -2.83 -2.84
C ALA A 165 1.31 -3.04 -2.05
N LEU A 166 0.57 -1.95 -1.88
CA LEU A 166 -0.63 -1.93 -1.06
C LEU A 166 -1.68 -2.94 -1.54
N PHE A 167 -1.77 -4.03 -0.83
CA PHE A 167 -2.77 -5.05 -1.09
C PHE A 167 -3.80 -5.08 0.04
N ILE A 168 -5.09 -5.09 -0.30
CA ILE A 168 -6.13 -5.20 0.72
C ILE A 168 -6.96 -6.48 0.56
N MET A 169 -6.99 -7.26 1.61
CA MET A 169 -7.81 -8.46 1.66
C MET A 169 -8.86 -8.27 2.73
N LYS A 170 -9.91 -9.09 2.73
CA LYS A 170 -11.00 -8.87 3.65
C LYS A 170 -11.23 -10.04 4.60
N GLY A 171 -11.66 -9.66 5.78
CA GLY A 171 -12.20 -10.57 6.76
C GLY A 171 -11.27 -10.85 7.93
N THR A 172 -9.95 -10.79 7.74
CA THR A 172 -9.00 -11.09 8.82
C THR A 172 -7.55 -10.86 8.40
N ALA A 173 -6.70 -10.60 9.39
CA ALA A 173 -5.25 -10.57 9.18
C ALA A 173 -4.67 -11.97 9.26
N ASP A 174 -5.44 -12.88 9.86
CA ASP A 174 -5.01 -14.27 10.05
C ASP A 174 -4.93 -15.02 8.73
N GLY A 1 -3.62 -19.25 -0.81
CA GLY A 1 -5.08 -19.16 -0.85
C GLY A 1 -5.55 -17.77 -0.49
N LEU A 2 -4.61 -16.84 -0.51
CA LEU A 2 -4.86 -15.46 -0.16
C LEU A 2 -5.82 -14.82 -1.18
N ALA A 3 -5.81 -15.38 -2.38
CA ALA A 3 -6.68 -14.93 -3.47
C ALA A 3 -8.16 -15.06 -3.11
N ASP A 4 -8.47 -15.94 -2.19
CA ASP A 4 -9.85 -16.24 -1.86
C ASP A 4 -10.47 -15.10 -1.06
N LYS A 5 -9.63 -14.29 -0.43
CA LYS A 5 -10.13 -13.20 0.41
C LYS A 5 -9.77 -11.84 -0.17
N VAL A 6 -8.81 -11.78 -1.09
CA VAL A 6 -8.42 -10.51 -1.69
C VAL A 6 -9.61 -9.80 -2.33
N ILE A 7 -9.70 -8.50 -2.08
CA ILE A 7 -10.74 -7.68 -2.69
C ILE A 7 -10.13 -6.66 -3.63
N TRP A 8 -8.90 -6.25 -3.33
CA TRP A 8 -8.31 -5.13 -4.02
C TRP A 8 -6.81 -5.04 -3.71
N ALA A 9 -5.98 -4.71 -4.70
CA ALA A 9 -4.54 -4.58 -4.48
C ALA A 9 -3.88 -3.81 -5.61
N VAL A 10 -2.83 -3.05 -5.29
CA VAL A 10 -2.05 -2.35 -6.30
C VAL A 10 -0.58 -2.15 -5.90
N ASN A 11 0.30 -2.60 -6.79
CA ASN A 11 1.74 -2.33 -6.69
C ASN A 11 2.06 -1.11 -7.51
N ALA A 12 2.11 0.04 -6.86
CA ALA A 12 2.53 1.27 -7.51
C ALA A 12 3.94 1.09 -8.04
N GLY A 13 4.02 0.89 -9.34
CA GLY A 13 5.29 0.66 -9.97
C GLY A 13 5.20 0.33 -11.44
N GLY A 14 4.26 -0.52 -11.79
CA GLY A 14 4.26 -1.11 -13.12
C GLY A 14 2.87 -1.21 -13.72
N GLU A 15 2.46 -2.43 -14.06
CA GLU A 15 1.12 -2.66 -14.61
C GLU A 15 0.59 -4.03 -14.21
N SER A 16 -0.53 -4.04 -13.48
CA SER A 16 -1.33 -5.25 -13.17
C SER A 16 -0.50 -6.55 -12.99
N HIS A 17 -0.33 -6.98 -11.75
CA HIS A 17 0.47 -8.18 -11.48
C HIS A 17 -0.24 -9.11 -10.52
N VAL A 18 -0.46 -10.34 -10.95
CA VAL A 18 -0.96 -11.39 -10.08
C VAL A 18 0.20 -12.04 -9.34
N ASP A 19 0.20 -11.91 -8.03
CA ASP A 19 1.26 -12.44 -7.18
C ASP A 19 1.03 -13.91 -6.87
N VAL A 20 2.08 -14.61 -6.41
CA VAL A 20 2.04 -16.05 -6.13
C VAL A 20 0.95 -16.42 -5.12
N HIS A 21 0.55 -15.48 -4.27
CA HIS A 21 -0.51 -15.74 -3.30
C HIS A 21 -1.86 -15.60 -3.99
N GLY A 22 -1.80 -15.31 -5.29
CA GLY A 22 -2.99 -15.13 -6.09
C GLY A 22 -3.54 -13.73 -5.94
N ILE A 23 -2.67 -12.78 -5.67
CA ILE A 23 -3.11 -11.42 -5.41
C ILE A 23 -2.88 -10.53 -6.62
N HIS A 24 -3.97 -10.10 -7.24
CA HIS A 24 -3.89 -9.28 -8.44
C HIS A 24 -3.81 -7.81 -8.10
N TYR A 25 -2.68 -7.19 -8.42
CA TYR A 25 -2.57 -5.74 -8.35
C TYR A 25 -3.18 -5.11 -9.59
N ARG A 26 -4.06 -4.14 -9.38
CA ARG A 26 -4.70 -3.40 -10.46
C ARG A 26 -3.82 -2.25 -10.90
N LYS A 27 -3.33 -2.32 -12.15
CA LYS A 27 -2.51 -1.28 -12.79
C LYS A 27 -2.80 0.09 -12.23
N ASP A 28 -1.72 0.76 -11.79
CA ASP A 28 -1.76 1.98 -11.01
C ASP A 28 -2.94 2.89 -11.31
N PRO A 29 -3.95 2.76 -10.44
CA PRO A 29 -5.27 3.32 -10.61
C PRO A 29 -5.51 4.61 -9.83
N LEU A 30 -4.49 5.45 -9.74
CA LEU A 30 -4.65 6.71 -9.03
C LEU A 30 -5.13 7.79 -9.98
N GLU A 31 -4.19 8.46 -10.63
CA GLU A 31 -4.51 9.63 -11.45
C GLU A 31 -4.00 9.44 -12.87
N GLY A 32 -4.02 8.21 -13.35
CA GLY A 32 -3.55 7.94 -14.70
C GLY A 32 -2.03 7.96 -14.79
N ARG A 33 -1.40 8.18 -13.65
CA ARG A 33 0.05 8.39 -13.54
C ARG A 33 0.86 7.12 -13.78
N VAL A 34 0.51 6.36 -14.81
CA VAL A 34 1.25 5.18 -15.18
C VAL A 34 1.18 4.95 -16.68
N GLY A 35 2.33 5.00 -17.33
CA GLY A 35 2.39 4.74 -18.76
C GLY A 35 3.52 3.80 -19.11
N ARG A 36 4.74 4.20 -18.79
CA ARG A 36 5.90 3.38 -19.07
C ARG A 36 6.40 2.71 -17.80
N ALA A 37 5.77 3.07 -16.68
CA ALA A 37 6.15 2.56 -15.36
C ALA A 37 7.55 3.05 -14.99
N SER A 38 8.10 2.52 -13.91
CA SER A 38 9.46 2.87 -13.50
C SER A 38 10.25 1.60 -13.20
N ASP A 39 9.89 0.52 -13.90
CA ASP A 39 10.49 -0.79 -13.67
C ASP A 39 11.77 -0.96 -14.48
N TYR A 40 11.96 -0.10 -15.49
CA TYR A 40 13.16 -0.14 -16.32
C TYR A 40 14.41 0.09 -15.49
N GLY A 41 15.15 -0.97 -15.23
CA GLY A 41 16.34 -0.88 -14.41
C GLY A 41 16.04 -0.32 -13.03
N MET A 42 14.99 -0.85 -12.41
CA MET A 42 14.54 -0.35 -11.11
C MET A 42 15.50 -0.74 -9.99
N LYS A 43 16.07 -1.94 -10.09
CA LYS A 43 16.99 -2.45 -9.08
C LYS A 43 16.34 -2.47 -7.70
N LEU A 44 17.16 -2.54 -6.66
CA LEU A 44 16.70 -2.60 -5.27
C LEU A 44 15.73 -3.77 -5.07
N PRO A 45 16.23 -5.01 -5.22
CA PRO A 45 15.39 -6.20 -5.11
C PRO A 45 14.91 -6.43 -3.67
N ILE A 46 13.60 -6.52 -3.52
CA ILE A 46 13.03 -6.78 -2.20
C ILE A 46 13.36 -8.21 -1.77
N LEU A 47 14.29 -8.29 -0.83
CA LEU A 47 14.87 -9.56 -0.38
C LEU A 47 13.86 -10.44 0.34
N ARG A 48 12.77 -9.87 0.78
CA ARG A 48 11.81 -10.60 1.59
C ARG A 48 10.68 -11.15 0.74
N SER A 49 10.78 -10.96 -0.57
CA SER A 49 9.78 -11.42 -1.51
C SER A 49 10.41 -12.31 -2.59
N ASN A 50 9.67 -13.31 -3.04
CA ASN A 50 10.14 -14.23 -4.09
C ASN A 50 9.96 -13.57 -5.45
N PRO A 51 10.79 -13.94 -6.45
CA PRO A 51 10.98 -13.19 -7.70
C PRO A 51 9.70 -12.58 -8.29
N GLU A 52 8.62 -13.34 -8.37
CA GLU A 52 7.39 -12.86 -8.98
C GLU A 52 6.74 -11.78 -8.11
N ASP A 53 6.52 -12.13 -6.85
CA ASP A 53 5.86 -11.24 -5.92
C ASP A 53 6.82 -10.15 -5.49
N GLN A 54 8.12 -10.43 -5.61
CA GLN A 54 9.15 -9.43 -5.42
C GLN A 54 8.91 -8.27 -6.35
N VAL A 55 8.59 -8.53 -7.61
CA VAL A 55 8.22 -7.47 -8.53
C VAL A 55 7.05 -6.69 -7.98
N LEU A 56 6.04 -7.42 -7.51
CA LEU A 56 4.85 -6.79 -6.92
C LEU A 56 5.23 -5.94 -5.70
N TYR A 57 6.39 -6.21 -5.15
CA TYR A 57 6.85 -5.54 -3.95
C TYR A 57 8.09 -4.69 -4.23
N GLN A 58 8.49 -4.57 -5.48
CA GLN A 58 9.77 -3.92 -5.81
C GLN A 58 9.57 -2.74 -6.74
N THR A 59 8.62 -2.88 -7.63
CA THR A 59 8.37 -1.85 -8.64
C THR A 59 7.75 -0.59 -7.99
N GLU A 60 8.24 0.60 -8.40
CA GLU A 60 7.77 1.88 -7.86
C GLU A 60 7.20 2.75 -8.99
N ARG A 61 6.22 3.60 -8.68
CA ARG A 61 5.54 4.37 -9.71
C ARG A 61 5.79 5.88 -9.58
N TYR A 62 7.01 6.31 -9.92
CA TYR A 62 7.32 7.74 -10.07
C TYR A 62 7.37 8.47 -8.71
N ASN A 63 6.20 8.63 -8.08
CA ASN A 63 6.06 9.35 -6.80
C ASN A 63 6.19 10.87 -6.99
N GLU A 64 5.17 11.60 -6.57
CA GLU A 64 5.13 13.04 -6.79
C GLU A 64 4.62 13.78 -5.54
N ASP A 65 3.31 14.02 -5.49
CA ASP A 65 2.68 14.70 -4.37
C ASP A 65 1.74 13.75 -3.67
N SER A 66 0.91 14.25 -2.75
CA SER A 66 -0.12 13.45 -2.09
C SER A 66 -0.89 12.59 -3.12
N PHE A 67 -0.74 11.28 -3.00
CA PHE A 67 -1.34 10.36 -3.97
C PHE A 67 -1.93 9.15 -3.26
N GLY A 68 -3.11 8.74 -3.70
CA GLY A 68 -3.78 7.64 -3.06
C GLY A 68 -4.69 6.86 -3.98
N TYR A 69 -5.38 5.90 -3.39
CA TYR A 69 -6.15 4.93 -4.15
C TYR A 69 -7.59 4.82 -3.64
N ASP A 70 -8.41 4.12 -4.42
CA ASP A 70 -9.80 3.87 -4.06
C ASP A 70 -10.03 2.38 -3.83
N ILE A 71 -10.45 2.02 -2.62
CA ILE A 71 -10.87 0.66 -2.33
C ILE A 71 -12.38 0.64 -2.17
N PRO A 72 -13.12 0.41 -3.26
CA PRO A 72 -14.57 0.45 -3.23
C PRO A 72 -15.15 -0.76 -2.49
N ILE A 73 -15.83 -0.48 -1.39
CA ILE A 73 -16.29 -1.54 -0.49
C ILE A 73 -17.80 -1.58 -0.44
N LYS A 74 -18.37 -2.78 -0.37
CA LYS A 74 -19.81 -2.94 -0.21
C LYS A 74 -20.11 -4.09 0.76
N GLU A 75 -19.13 -4.44 1.59
CA GLU A 75 -19.30 -5.49 2.59
C GLU A 75 -18.70 -5.07 3.92
N GLU A 76 -18.73 -5.99 4.87
CA GLU A 76 -18.13 -5.80 6.17
C GLU A 76 -17.08 -6.87 6.42
N GLY A 77 -16.55 -6.91 7.64
CA GLY A 77 -15.57 -7.90 8.00
C GLY A 77 -14.28 -7.26 8.42
N GLU A 78 -13.20 -8.02 8.47
CA GLU A 78 -11.92 -7.46 8.83
C GLU A 78 -11.04 -7.35 7.60
N TYR A 79 -10.89 -6.15 7.08
CA TYR A 79 -10.09 -6.00 5.87
C TYR A 79 -8.69 -5.65 6.28
N VAL A 80 -7.77 -6.47 5.84
CA VAL A 80 -6.41 -6.32 6.30
C VAL A 80 -5.54 -5.76 5.19
N LEU A 81 -5.19 -4.50 5.38
CA LEU A 81 -4.43 -3.78 4.40
C LEU A 81 -2.94 -3.96 4.67
N VAL A 82 -2.30 -4.78 3.87
CA VAL A 82 -0.88 -4.99 3.97
C VAL A 82 -0.22 -4.33 2.76
N LEU A 83 0.52 -3.27 2.99
CA LEU A 83 1.21 -2.62 1.90
C LEU A 83 2.71 -2.76 2.07
N LYS A 84 3.40 -3.09 0.99
CA LYS A 84 4.85 -3.20 1.05
C LYS A 84 5.48 -1.87 0.62
N PHE A 85 6.29 -1.31 1.49
CA PHE A 85 7.03 -0.10 1.17
C PHE A 85 8.51 -0.39 1.01
N ALA A 86 9.11 0.26 0.03
CA ALA A 86 10.54 0.11 -0.23
C ALA A 86 11.13 1.42 -0.74
N GLU A 87 12.07 2.00 0.01
CA GLU A 87 12.70 3.26 -0.37
C GLU A 87 13.78 3.67 0.63
N VAL A 88 14.97 3.98 0.13
CA VAL A 88 16.06 4.47 0.97
C VAL A 88 16.87 5.52 0.21
N TYR A 89 16.32 6.71 0.05
CA TYR A 89 17.06 7.81 -0.56
C TYR A 89 17.78 8.62 0.52
N PHE A 90 17.17 8.68 1.69
CA PHE A 90 17.76 9.37 2.83
C PHE A 90 18.09 8.35 3.92
N ALA A 91 19.37 8.07 4.07
CA ALA A 91 19.83 7.05 5.00
C ALA A 91 19.89 7.57 6.43
N GLN A 92 18.73 7.91 6.97
CA GLN A 92 18.63 8.34 8.36
C GLN A 92 17.18 8.19 8.82
N SER A 93 17.00 7.73 10.05
CA SER A 93 15.67 7.39 10.54
C SER A 93 14.96 8.62 11.11
N GLN A 94 13.65 8.68 10.85
CA GLN A 94 12.79 9.75 11.31
C GLN A 94 13.29 11.09 10.77
N GLN A 95 13.53 11.10 9.48
CA GLN A 95 14.02 12.29 8.79
C GLN A 95 13.14 12.60 7.60
N LYS A 96 12.69 11.56 6.91
CA LYS A 96 11.78 11.73 5.80
C LYS A 96 10.48 10.98 6.10
N VAL A 97 9.56 11.68 6.73
CA VAL A 97 8.37 11.05 7.28
C VAL A 97 7.13 11.40 6.45
N PHE A 98 6.24 10.43 6.30
CA PHE A 98 5.08 10.58 5.44
C PHE A 98 3.79 10.25 6.16
N ASP A 99 2.67 10.64 5.59
CA ASP A 99 1.38 10.34 6.20
C ASP A 99 0.68 9.26 5.39
N VAL A 100 0.08 8.32 6.08
CA VAL A 100 -0.65 7.27 5.40
C VAL A 100 -2.02 7.10 6.07
N ARG A 101 -3.06 7.20 5.27
CA ARG A 101 -4.41 7.25 5.82
C ARG A 101 -5.39 6.36 5.05
N VAL A 102 -6.25 5.69 5.81
CA VAL A 102 -7.28 4.84 5.25
C VAL A 102 -8.67 5.45 5.43
N ASN A 103 -9.29 5.80 4.31
CA ASN A 103 -10.57 6.52 4.29
C ASN A 103 -10.43 7.80 5.09
N GLY A 104 -9.26 8.39 4.99
CA GLY A 104 -8.97 9.62 5.68
C GLY A 104 -8.25 9.39 7.00
N HIS A 105 -8.30 8.16 7.49
CA HIS A 105 -7.79 7.83 8.81
C HIS A 105 -6.30 7.51 8.79
N THR A 106 -5.47 8.47 9.21
CA THR A 106 -4.04 8.24 9.25
C THR A 106 -3.70 7.13 10.23
N VAL A 107 -3.20 6.02 9.70
CA VAL A 107 -2.77 4.92 10.52
C VAL A 107 -1.29 5.06 10.83
N VAL A 108 -0.54 5.47 9.81
CA VAL A 108 0.89 5.64 9.96
C VAL A 108 1.32 6.99 9.43
N LYS A 109 1.33 7.97 10.30
CA LYS A 109 1.93 9.24 9.96
C LYS A 109 3.31 9.28 10.58
N ASP A 110 4.22 9.93 9.88
CA ASP A 110 5.65 9.86 10.16
C ASP A 110 6.19 8.55 9.62
N LEU A 111 5.68 8.16 8.46
CA LEU A 111 6.14 6.98 7.74
C LEU A 111 7.54 7.22 7.19
N ASP A 112 8.53 6.95 8.02
CA ASP A 112 9.93 6.96 7.61
C ASP A 112 10.39 5.53 7.40
N ILE A 113 10.53 5.13 6.15
CA ILE A 113 10.80 3.73 5.81
C ILE A 113 12.13 3.25 6.39
N PHE A 114 13.10 4.16 6.48
CA PHE A 114 14.42 3.81 6.99
C PHE A 114 14.33 3.50 8.49
N ASP A 115 13.50 4.26 9.20
CA ASP A 115 13.26 4.02 10.62
C ASP A 115 12.50 2.72 10.85
N ARG A 116 11.70 2.33 9.87
CA ARG A 116 10.81 1.19 10.03
C ARG A 116 11.53 -0.14 9.79
N VAL A 117 12.33 -0.23 8.72
CA VAL A 117 12.99 -1.50 8.39
C VAL A 117 14.49 -1.35 8.18
N GLY A 118 15.01 -0.16 8.33
CA GLY A 118 16.44 0.04 8.19
C GLY A 118 16.86 0.17 6.74
N HIS A 119 17.33 -0.92 6.15
CA HIS A 119 17.87 -0.87 4.79
C HIS A 119 17.00 -1.66 3.83
N SER A 120 16.29 -0.91 2.97
CA SER A 120 15.48 -1.45 1.88
C SER A 120 14.62 -2.64 2.33
N THR A 121 14.80 -3.79 1.65
CA THR A 121 13.99 -5.00 1.89
C THR A 121 12.50 -4.69 1.85
N ALA A 122 11.69 -5.53 2.46
CA ALA A 122 10.26 -5.31 2.44
C ALA A 122 9.78 -4.68 3.74
N HIS A 123 9.36 -3.41 3.69
CA HIS A 123 8.64 -2.83 4.80
C HIS A 123 7.18 -3.21 4.68
N ASP A 124 6.65 -3.79 5.73
CA ASP A 124 5.32 -4.33 5.69
C ASP A 124 4.45 -3.71 6.77
N GLU A 125 3.52 -2.88 6.36
CA GLU A 125 2.59 -2.29 7.29
C GLU A 125 1.26 -3.01 7.18
N ILE A 126 0.94 -3.79 8.19
CA ILE A 126 -0.30 -4.55 8.22
C ILE A 126 -1.35 -3.77 9.00
N ILE A 127 -2.41 -3.38 8.32
CA ILE A 127 -3.45 -2.55 8.91
C ILE A 127 -4.81 -3.22 8.81
N PRO A 128 -5.21 -3.97 9.85
CA PRO A 128 -6.53 -4.58 9.92
C PRO A 128 -7.61 -3.55 10.24
N ILE A 129 -8.60 -3.47 9.36
CA ILE A 129 -9.73 -2.58 9.55
C ILE A 129 -10.96 -3.42 9.85
N SER A 130 -11.84 -2.90 10.67
CA SER A 130 -13.06 -3.59 10.99
C SER A 130 -14.25 -2.78 10.48
N ILE A 131 -14.87 -3.27 9.42
CA ILE A 131 -16.11 -2.68 8.94
C ILE A 131 -17.25 -3.51 9.47
N LYS A 132 -18.13 -2.90 10.23
CA LYS A 132 -19.24 -3.61 10.84
C LYS A 132 -20.47 -2.74 10.88
N LYS A 133 -21.54 -3.25 10.27
CA LYS A 133 -22.84 -2.60 10.23
C LYS A 133 -22.75 -1.20 9.62
N GLY A 134 -21.87 -1.06 8.64
CA GLY A 134 -21.78 0.17 7.88
C GLY A 134 -20.82 1.18 8.47
N LYS A 135 -20.10 0.77 9.49
CA LYS A 135 -19.07 1.61 10.06
C LYS A 135 -17.70 1.06 9.73
N LEU A 136 -16.74 1.95 9.53
CA LEU A 136 -15.37 1.54 9.23
C LEU A 136 -14.47 1.98 10.38
N SER A 137 -13.90 1.01 11.08
CA SER A 137 -13.02 1.30 12.19
C SER A 137 -11.62 0.78 11.89
N VAL A 138 -10.62 1.58 12.19
CA VAL A 138 -9.24 1.18 11.99
C VAL A 138 -8.47 1.28 13.30
N GLN A 139 -8.44 0.16 14.03
CA GLN A 139 -7.81 0.07 15.34
C GLN A 139 -8.38 1.11 16.31
N GLY A 140 -7.82 2.32 16.31
CA GLY A 140 -8.31 3.35 17.19
C GLY A 140 -9.15 4.39 16.47
N GLU A 141 -9.15 4.31 15.14
CA GLU A 141 -9.92 5.24 14.33
C GLU A 141 -11.32 4.71 14.11
N VAL A 142 -12.31 5.57 14.16
CA VAL A 142 -13.69 5.13 14.00
C VAL A 142 -14.53 6.18 13.25
N SER A 143 -15.25 5.72 12.24
CA SER A 143 -16.20 6.55 11.50
C SER A 143 -17.18 5.63 10.78
N THR A 144 -18.27 6.19 10.28
CA THR A 144 -19.16 5.41 9.45
C THR A 144 -18.53 5.22 8.08
N PHE A 145 -18.80 4.08 7.46
CA PHE A 145 -18.24 3.77 6.16
C PHE A 145 -19.01 4.51 5.06
N THR A 146 -18.28 5.22 4.22
CA THR A 146 -18.91 6.00 3.17
C THR A 146 -18.23 5.77 1.81
N GLY A 147 -18.87 4.97 0.98
CA GLY A 147 -18.41 4.77 -0.38
C GLY A 147 -17.28 3.78 -0.51
N LYS A 148 -16.08 4.18 -0.11
CA LYS A 148 -14.92 3.34 -0.29
C LYS A 148 -13.83 3.68 0.72
N LEU A 149 -12.83 2.82 0.76
CA LEU A 149 -11.67 3.05 1.60
C LEU A 149 -10.60 3.80 0.82
N SER A 150 -10.10 4.90 1.35
CA SER A 150 -9.03 5.60 0.66
C SER A 150 -7.69 5.18 1.25
N VAL A 151 -6.69 5.05 0.43
CA VAL A 151 -5.35 4.85 0.93
C VAL A 151 -4.42 5.82 0.24
N GLU A 152 -4.14 6.95 0.88
CA GLU A 152 -3.30 7.95 0.28
C GLU A 152 -2.15 8.33 1.19
N PHE A 153 -0.99 8.55 0.57
CA PHE A 153 0.18 8.96 1.31
C PHE A 153 0.39 10.45 1.10
N VAL A 154 0.42 11.19 2.19
CA VAL A 154 0.57 12.64 2.11
C VAL A 154 2.05 13.01 2.00
N LYS A 155 2.33 13.82 0.98
CA LYS A 155 3.68 14.28 0.66
C LYS A 155 4.36 14.92 1.87
N GLY A 156 5.53 14.40 2.23
CA GLY A 156 6.26 14.94 3.36
C GLY A 156 7.48 15.73 2.93
N TYR A 157 8.62 15.07 2.80
CA TYR A 157 9.86 15.74 2.42
C TYR A 157 10.30 15.29 1.03
N TYR A 158 9.34 15.24 0.10
CA TYR A 158 9.57 14.77 -1.26
C TYR A 158 9.88 13.26 -1.31
N ASP A 159 9.71 12.68 -2.48
CA ASP A 159 9.91 11.24 -2.68
C ASP A 159 9.13 10.46 -1.65
N ASN A 160 7.83 10.59 -1.75
CA ASN A 160 6.90 9.81 -0.93
C ASN A 160 7.20 8.33 -1.13
N PRO A 161 6.78 7.46 -0.19
CA PRO A 161 7.14 6.03 -0.18
C PRO A 161 7.27 5.41 -1.57
N LYS A 162 8.52 5.39 -2.07
CA LYS A 162 8.81 5.18 -3.48
C LYS A 162 8.14 3.93 -4.03
N VAL A 163 8.53 2.77 -3.52
CA VAL A 163 7.91 1.55 -3.97
C VAL A 163 6.68 1.27 -3.16
N CYS A 164 5.58 0.95 -3.83
CA CYS A 164 4.35 0.70 -3.13
C CYS A 164 3.71 -0.60 -3.58
N ALA A 165 3.29 -1.39 -2.63
CA ALA A 165 2.75 -2.73 -2.89
C ALA A 165 1.41 -2.93 -2.18
N LEU A 166 0.64 -1.84 -2.18
CA LEU A 166 -0.68 -1.80 -1.53
C LEU A 166 -1.49 -3.08 -1.77
N PHE A 167 -1.97 -3.69 -0.71
CA PHE A 167 -2.79 -4.90 -0.82
C PHE A 167 -3.86 -4.91 0.27
N ILE A 168 -5.13 -4.94 -0.12
CA ILE A 168 -6.20 -5.07 0.86
C ILE A 168 -6.95 -6.39 0.64
N MET A 169 -6.99 -7.19 1.69
CA MET A 169 -7.68 -8.47 1.65
C MET A 169 -8.83 -8.47 2.65
N LYS A 170 -9.80 -9.37 2.48
CA LYS A 170 -11.03 -9.25 3.24
C LYS A 170 -11.26 -10.40 4.23
N GLY A 171 -11.79 -9.99 5.36
CA GLY A 171 -12.45 -10.86 6.30
C GLY A 171 -11.63 -11.13 7.56
N THR A 172 -10.30 -11.12 7.46
CA THR A 172 -9.43 -11.37 8.62
C THR A 172 -7.96 -11.23 8.28
N ALA A 173 -7.14 -10.97 9.30
CA ALA A 173 -5.70 -10.98 9.15
C ALA A 173 -5.16 -12.41 9.25
N ASP A 174 -6.04 -13.33 9.65
CA ASP A 174 -5.67 -14.73 9.80
C ASP A 174 -5.30 -15.36 8.46
#